data_8YOD
#
_entry.id   8YOD
#
loop_
_entity.id
_entity.type
_entity.pdbx_description
1 polymer 'DNA topoisomerase medium subunit'
2 polymer 'DNA topoisomerase (ATP-hydrolyzing)'
3 non-polymer 'PHOSPHOAMINOPHOSPHONIC ACID-ADENYLATE ESTER'
#
loop_
_entity_poly.entity_id
_entity_poly.type
_entity_poly.pdbx_seq_one_letter_code
_entity_poly.pdbx_strand_id
1 'polypeptide(L)'
;MQLNNRDLKSIIDNEALAYAMYTVENRAIPNMIDGFKPVQRFVIARALDLARGNKDKFHKLASIAGGVADLGYHHGENSA
QDAGALMANTWNNNFPLLDGQGNFGSRTVQKAAASRYIFARVSKNFYNVYKDTEYAPVHQDKEHIPPAFYLPIIPTVLLN
GVSGIATGYATYILPHSVSSVKKAVLQALQGKKVTKPKVEFPEFRGEVVEIDGQYEIRGTYKFTSRTQMHITEIPYKYDR
ETYVSKILDPLENKGFITWDDACGEHGFGFKVKFRKEYSLSDNEEERHAKIMKDFGLIERRSQNITVINEKGKLQVYDNV
VDLIKDFVEVRKTYVQKRIDNKIKETESAFRLAFAKAHFIKKVISGEIVVQGKTRKELTEELSKIDMYSSYVDKLVGMNI
FHMTSDEAKKLAEEAKAKKEENEYWKTTDVVTEYTKDLEEIKHHHHHHHHHH
;
A,B
2 'polypeptide(L)'
;MIKNEIKILSDIEHIKKRSGMYIGSSANEMHERFLFGKWESVQYVPGLVKLIDEIIDNSVDEGIRTKFKFANKINVTIKN
NQVTVEDNGRGIPQAMVKTPTGEEIPGPVAAWTIPKAGGNFGDDKERVTGGMNGVGSSLTNIFSVMFVGETGDGQNNIVV
RCSNGMENKSWETIPGKWKGTRVTFIPDFMSFETNELSQVYLDITLDRLQTLAVVYPDIQFTFNGKKVQGNFKKYARQYD
EHAIVQEQENCSIAVGRSPDGFRQLTYVNNIHTKNGGHHIDCVMDDICEDLIPQIKRKFKIDVTKARVKECLTIVMFVRD
MKNMRFDSQTKERLTSPFGEIRSHIQLDAKKISRAILNNEAILMPIIEAALARKLAAEKAAETKAAKKASKAKVHKHIKA
NLCGKDADTTLFLTEGDSAIGYLIDVRDKELHGGYPLRGKVLNSWGMSYADMLKNKELFDICAITGLVLGEKAENLNYHN
IAIMTDADHDGLGSIYPSLLGFFSNWPELFEQGRIRFVKTPVIIAHVGKKQEWFYTVAEYESAKDALPKHSIRYIKGLGS
LEKSEYREMIQNPVYDVVKLPENWKELFEMLMGDNADLRKEWMSQHHHHHH
;
C,D
#
# COMPACT_ATOMS: atom_id res chain seq x y z
N SER A 10 -43.83 -34.88 1.32
CA SER A 10 -43.40 -35.63 2.50
C SER A 10 -41.97 -36.12 2.35
N ILE A 11 -41.13 -35.30 1.72
CA ILE A 11 -39.75 -35.66 1.43
C ILE A 11 -38.74 -34.70 2.06
N ILE A 12 -39.18 -33.51 2.49
CA ILE A 12 -38.28 -32.46 2.96
C ILE A 12 -37.59 -32.84 4.28
N ASP A 13 -38.20 -33.73 5.08
CA ASP A 13 -37.58 -34.26 6.28
C ASP A 13 -36.34 -35.11 5.99
N ASN A 14 -36.25 -35.67 4.77
CA ASN A 14 -35.04 -36.36 4.34
C ASN A 14 -33.83 -35.43 4.24
N GLU A 15 -34.04 -34.12 4.04
CA GLU A 15 -32.94 -33.19 4.22
C GLU A 15 -32.65 -32.98 5.70
N ALA A 16 -33.72 -32.86 6.52
CA ALA A 16 -33.60 -32.44 7.91
C ALA A 16 -32.92 -33.50 8.78
N LEU A 17 -33.27 -34.78 8.56
CA LEU A 17 -32.54 -35.88 9.17
C LEU A 17 -31.11 -35.94 8.66
N ALA A 18 -30.90 -35.56 7.39
CA ALA A 18 -29.55 -35.35 6.88
C ALA A 18 -28.86 -34.20 7.61
N TYR A 19 -29.63 -33.17 7.97
CA TYR A 19 -29.12 -32.14 8.87
C TYR A 19 -28.80 -32.70 10.25
N ALA A 20 -29.60 -33.68 10.69
CA ALA A 20 -29.28 -34.44 11.90
C ALA A 20 -28.00 -35.26 11.72
N MET A 21 -27.70 -35.66 10.48
CA MET A 21 -26.42 -36.28 10.13
C MET A 21 -25.27 -35.34 10.44
N TYR A 22 -25.48 -34.02 10.24
CA TYR A 22 -24.47 -33.05 10.64
C TYR A 22 -24.36 -32.87 12.15
N THR A 23 -25.42 -33.18 12.91
CA THR A 23 -25.47 -32.78 14.31
C THR A 23 -25.52 -33.96 15.28
N VAL A 24 -24.93 -35.10 14.92
CA VAL A 24 -24.85 -36.22 15.87
C VAL A 24 -23.40 -36.67 16.01
N GLU A 25 -22.75 -37.01 14.90
CA GLU A 25 -21.46 -37.70 14.95
C GLU A 25 -20.26 -36.76 14.86
N ASN A 26 -20.46 -35.49 14.57
CA ASN A 26 -19.35 -34.55 14.38
C ASN A 26 -19.51 -33.32 15.27
N ARG A 27 -20.11 -33.48 16.44
CA ARG A 27 -20.25 -32.39 17.38
C ARG A 27 -18.94 -32.12 18.10
N ALA A 28 -18.85 -30.97 18.75
CA ALA A 28 -17.68 -30.62 19.54
C ALA A 28 -17.72 -31.21 20.95
N ILE A 29 -18.82 -31.85 21.34
CA ILE A 29 -18.92 -32.46 22.66
C ILE A 29 -18.21 -33.82 22.63
N PRO A 30 -17.21 -34.05 23.49
CA PRO A 30 -16.62 -35.38 23.60
C PRO A 30 -17.56 -36.32 24.36
N ASN A 31 -17.28 -37.61 24.24
CA ASN A 31 -18.02 -38.63 24.98
C ASN A 31 -17.42 -38.82 26.36
N MET A 32 -18.23 -39.30 27.30
CA MET A 32 -17.86 -39.27 28.71
C MET A 32 -16.91 -40.37 29.13
N ILE A 33 -16.67 -41.37 28.28
CA ILE A 33 -15.75 -42.44 28.63
C ILE A 33 -14.35 -42.04 28.18
N ASP A 34 -14.19 -41.79 26.88
CA ASP A 34 -12.87 -41.49 26.34
C ASP A 34 -12.43 -40.07 26.66
N GLY A 35 -13.37 -39.13 26.73
CA GLY A 35 -13.00 -37.72 26.77
C GLY A 35 -12.56 -37.18 25.44
N PHE A 36 -12.90 -37.85 24.35
CA PHE A 36 -12.34 -37.59 23.03
C PHE A 36 -13.39 -36.97 22.12
N LYS A 37 -13.01 -35.89 21.47
CA LYS A 37 -13.78 -35.38 20.33
C LYS A 37 -13.56 -36.33 19.14
N PRO A 38 -14.54 -36.41 18.22
CA PRO A 38 -14.35 -37.27 17.03
C PRO A 38 -13.19 -36.87 16.14
N VAL A 39 -12.94 -35.56 16.00
CA VAL A 39 -11.75 -35.07 15.31
C VAL A 39 -10.47 -35.49 16.05
N GLN A 40 -10.52 -35.50 17.38
CA GLN A 40 -9.37 -35.99 18.15
C GLN A 40 -9.22 -37.50 18.05
N ARG A 41 -10.33 -38.23 17.90
CA ARG A 41 -10.25 -39.68 17.64
C ARG A 41 -9.59 -39.97 16.30
N PHE A 42 -9.93 -39.20 15.26
CA PHE A 42 -9.33 -39.42 13.95
C PHE A 42 -7.87 -38.97 13.90
N VAL A 43 -7.50 -37.90 14.62
CA VAL A 43 -6.10 -37.51 14.62
C VAL A 43 -5.27 -38.41 15.52
N ILE A 44 -5.87 -39.04 16.53
CA ILE A 44 -5.19 -40.06 17.32
C ILE A 44 -4.96 -41.31 16.50
N ALA A 45 -5.97 -41.70 15.70
CA ALA A 45 -5.84 -42.84 14.80
C ALA A 45 -4.79 -42.60 13.73
N ARG A 46 -4.70 -41.37 13.22
CA ARG A 46 -3.63 -41.06 12.27
C ARG A 46 -2.26 -40.96 12.94
N ALA A 47 -2.21 -40.55 14.20
CA ALA A 47 -0.94 -40.51 14.92
C ALA A 47 -0.40 -41.92 15.17
N LEU A 48 -1.28 -42.85 15.54
CA LEU A 48 -0.84 -44.23 15.67
C LEU A 48 -0.63 -44.89 14.32
N ASP A 49 -1.37 -44.47 13.28
CA ASP A 49 -1.15 -44.96 11.93
C ASP A 49 0.17 -44.50 11.35
N LEU A 50 0.64 -43.34 11.75
CA LEU A 50 1.98 -42.92 11.40
C LEU A 50 3.01 -43.40 12.41
N ALA A 51 2.56 -43.94 13.54
CA ALA A 51 3.47 -44.59 14.47
C ALA A 51 3.72 -46.03 14.06
N ARG A 52 2.64 -46.84 14.04
CA ARG A 52 2.65 -48.27 13.76
C ARG A 52 3.63 -49.04 14.63
N GLY A 53 4.73 -49.48 14.03
CA GLY A 53 5.79 -50.12 14.79
C GLY A 53 6.56 -49.14 15.65
N ASN A 54 7.24 -48.18 15.02
CA ASN A 54 8.07 -47.22 15.76
C ASN A 54 7.19 -46.06 16.19
N LYS A 55 6.77 -46.10 17.46
CA LYS A 55 6.07 -45.00 18.10
C LYS A 55 6.95 -43.75 18.18
N ASP A 56 8.25 -43.93 18.38
CA ASP A 56 9.19 -42.83 18.61
C ASP A 56 9.49 -42.03 17.35
N LYS A 57 9.06 -42.51 16.18
CA LYS A 57 9.30 -41.81 14.93
C LYS A 57 8.46 -40.54 14.87
N PHE A 58 9.07 -39.46 14.40
CA PHE A 58 8.43 -38.16 14.37
C PHE A 58 7.61 -38.03 13.09
N HIS A 59 6.30 -37.87 13.25
CA HIS A 59 5.39 -37.78 12.12
C HIS A 59 5.35 -36.34 11.64
N LYS A 60 5.17 -36.16 10.34
CA LYS A 60 5.05 -34.82 9.79
C LYS A 60 3.59 -34.37 9.89
N LEU A 61 3.42 -33.09 10.27
CA LEU A 61 2.11 -32.50 10.58
C LEU A 61 1.18 -32.54 9.38
N ALA A 62 1.70 -32.25 8.18
CA ALA A 62 0.91 -32.40 6.98
C ALA A 62 0.64 -33.87 6.66
N SER A 63 1.59 -34.76 6.95
CA SER A 63 1.36 -36.18 6.70
C SER A 63 0.38 -36.77 7.69
N ILE A 64 0.33 -36.23 8.91
CA ILE A 64 -0.77 -36.51 9.82
C ILE A 64 -2.07 -35.98 9.24
N ALA A 65 -2.06 -34.71 8.82
CA ALA A 65 -3.30 -34.01 8.48
C ALA A 65 -3.82 -34.44 7.12
N GLY A 66 -2.93 -34.69 6.16
CA GLY A 66 -3.36 -35.09 4.83
C GLY A 66 -3.85 -36.52 4.72
N GLY A 67 -3.65 -37.33 5.75
CA GLY A 67 -4.10 -38.71 5.74
C GLY A 67 -5.37 -39.00 6.50
N VAL A 68 -6.02 -37.99 7.09
CA VAL A 68 -7.24 -38.23 7.86
C VAL A 68 -8.46 -38.50 7.01
N ALA A 69 -8.37 -38.30 5.68
CA ALA A 69 -9.52 -38.28 4.79
C ALA A 69 -10.18 -39.64 4.63
N ASP A 70 -9.40 -40.73 4.69
CA ASP A 70 -9.98 -42.06 4.71
C ASP A 70 -10.08 -42.64 6.11
N LEU A 71 -9.98 -41.79 7.14
CA LEU A 71 -10.06 -42.26 8.52
C LEU A 71 -11.43 -42.03 9.16
N GLY A 72 -12.32 -41.29 8.51
CA GLY A 72 -13.66 -41.11 9.01
C GLY A 72 -14.13 -39.67 9.08
N TYR A 73 -13.26 -38.74 8.70
CA TYR A 73 -13.52 -37.31 8.79
C TYR A 73 -14.27 -36.87 7.55
N HIS A 74 -15.51 -36.39 7.73
CA HIS A 74 -16.24 -35.78 6.61
C HIS A 74 -16.01 -34.28 6.54
N HIS A 75 -14.75 -33.85 6.64
CA HIS A 75 -14.35 -32.44 6.57
C HIS A 75 -12.98 -32.40 5.90
N GLY A 76 -12.31 -31.26 6.03
CA GLY A 76 -11.00 -31.08 5.44
C GLY A 76 -9.87 -31.42 6.39
N GLU A 77 -8.64 -31.16 5.92
CA GLU A 77 -7.43 -31.45 6.66
C GLU A 77 -7.02 -30.33 7.60
N ASN A 78 -7.62 -29.14 7.46
CA ASN A 78 -7.16 -27.99 8.24
C ASN A 78 -7.68 -28.02 9.67
N SER A 79 -8.88 -28.57 9.89
CA SER A 79 -9.45 -28.62 11.23
C SER A 79 -8.71 -29.63 12.11
N ALA A 80 -8.41 -30.81 11.57
CA ALA A 80 -7.54 -31.74 12.28
C ALA A 80 -6.11 -31.22 12.36
N GLN A 81 -5.69 -30.44 11.36
CA GLN A 81 -4.34 -29.90 11.30
C GLN A 81 -4.07 -28.90 12.43
N ASP A 82 -5.02 -27.99 12.66
CA ASP A 82 -4.80 -27.05 13.76
C ASP A 82 -5.32 -27.58 15.09
N ALA A 83 -6.20 -28.60 15.09
CA ALA A 83 -6.54 -29.29 16.32
C ALA A 83 -5.34 -30.00 16.92
N GLY A 84 -4.57 -30.68 16.06
CA GLY A 84 -3.33 -31.29 16.49
C GLY A 84 -2.29 -30.29 16.95
N ALA A 85 -2.29 -29.09 16.37
CA ALA A 85 -1.40 -28.04 16.84
C ALA A 85 -1.82 -27.52 18.21
N LEU A 86 -3.13 -27.36 18.44
CA LEU A 86 -3.56 -26.73 19.68
C LEU A 86 -3.51 -27.66 20.88
N MET A 87 -3.71 -28.97 20.71
CA MET A 87 -3.66 -29.79 21.92
C MET A 87 -2.30 -30.44 22.13
N ALA A 88 -1.27 -30.00 21.39
CA ALA A 88 0.07 -30.56 21.52
C ALA A 88 0.86 -29.93 22.66
N ASN A 89 0.38 -28.84 23.25
CA ASN A 89 1.17 -28.01 24.15
C ASN A 89 0.66 -28.04 25.58
N THR A 90 1.60 -28.12 26.54
CA THR A 90 1.31 -28.14 27.97
C THR A 90 1.16 -26.77 28.58
N TRP A 91 1.34 -25.70 27.80
CA TRP A 91 1.08 -24.36 28.31
C TRP A 91 -0.42 -24.07 28.35
N ASN A 92 -1.23 -24.86 27.65
CA ASN A 92 -2.67 -24.73 27.69
C ASN A 92 -3.35 -25.84 28.45
N ASN A 93 -2.81 -27.06 28.41
CA ASN A 93 -3.46 -28.23 28.98
C ASN A 93 -2.49 -28.91 29.95
N ASN A 94 -2.95 -29.94 30.66
CA ASN A 94 -2.10 -30.60 31.64
C ASN A 94 -1.60 -31.98 31.21
N PHE A 95 -2.47 -32.82 30.66
CA PHE A 95 -2.13 -34.19 30.28
C PHE A 95 -1.73 -34.23 28.82
N PRO A 96 -0.46 -34.52 28.48
CA PRO A 96 -0.02 -34.52 27.08
C PRO A 96 -0.53 -35.75 26.33
N LEU A 97 -1.51 -35.53 25.46
CA LEU A 97 -2.04 -36.61 24.63
C LEU A 97 -1.12 -36.97 23.47
N LEU A 98 -0.16 -36.11 23.12
CA LEU A 98 0.69 -36.31 21.96
C LEU A 98 1.96 -35.49 22.12
N ASP A 99 3.12 -36.14 21.97
CA ASP A 99 4.39 -35.45 22.07
C ASP A 99 4.80 -34.93 20.69
N GLY A 100 5.79 -34.05 20.66
CA GLY A 100 6.23 -33.49 19.40
C GLY A 100 7.59 -32.84 19.49
N GLN A 101 8.27 -32.79 18.34
CA GLN A 101 9.51 -32.04 18.19
C GLN A 101 9.15 -30.67 17.62
N GLY A 102 9.39 -29.64 18.41
CA GLY A 102 9.02 -28.28 18.08
C GLY A 102 8.22 -27.63 19.19
N ASN A 103 7.86 -26.38 18.95
CA ASN A 103 7.04 -25.62 19.87
C ASN A 103 5.63 -25.53 19.32
N PHE A 104 4.65 -25.60 20.23
CA PHE A 104 3.24 -25.58 19.84
C PHE A 104 2.52 -24.40 20.49
N GLY A 105 3.24 -23.52 21.15
CA GLY A 105 2.72 -22.36 21.84
C GLY A 105 3.52 -22.07 23.09
N SER A 106 3.04 -21.09 23.86
CA SER A 106 3.60 -20.76 25.16
C SER A 106 2.48 -20.15 25.99
N ARG A 107 2.76 -19.93 27.28
CA ARG A 107 1.81 -19.17 28.07
C ARG A 107 1.82 -17.69 27.68
N THR A 108 2.99 -17.18 27.28
CA THR A 108 3.08 -15.82 26.80
C THR A 108 2.45 -15.67 25.42
N VAL A 109 2.65 -16.64 24.53
CA VAL A 109 2.09 -16.61 23.19
C VAL A 109 1.42 -17.95 22.91
N GLN A 110 0.09 -17.94 22.81
CA GLN A 110 -0.64 -19.19 22.61
C GLN A 110 -0.86 -19.48 21.13
N LYS A 111 0.20 -19.35 20.33
CA LYS A 111 0.17 -19.66 18.90
C LYS A 111 1.30 -20.63 18.60
N ALA A 112 1.01 -21.62 17.75
CA ALA A 112 1.99 -22.65 17.40
C ALA A 112 2.95 -22.11 16.33
N ALA A 113 3.87 -22.97 15.87
CA ALA A 113 4.91 -22.54 14.94
C ALA A 113 4.42 -22.55 13.50
N ALA A 114 4.07 -23.73 12.98
CA ALA A 114 3.52 -23.81 11.64
C ALA A 114 2.55 -24.98 11.61
N SER A 115 1.68 -25.00 10.61
CA SER A 115 0.86 -26.17 10.35
C SER A 115 1.64 -27.19 9.55
N ARG A 116 2.83 -26.83 9.07
CA ARG A 116 3.61 -27.69 8.19
C ARG A 116 5.06 -27.87 8.60
N TYR A 117 5.46 -27.44 9.80
CA TYR A 117 6.85 -27.62 10.19
C TYR A 117 7.02 -28.58 11.37
N ILE A 118 6.08 -28.55 12.32
CA ILE A 118 6.31 -29.20 13.60
C ILE A 118 6.14 -30.71 13.48
N PHE A 119 6.95 -31.46 14.23
CA PHE A 119 6.87 -32.90 14.23
C PHE A 119 5.92 -33.39 15.33
N ALA A 120 5.59 -34.68 15.26
CA ALA A 120 4.62 -35.25 16.18
C ALA A 120 4.94 -36.73 16.38
N ARG A 121 4.60 -37.23 17.57
CA ARG A 121 4.71 -38.64 17.91
C ARG A 121 3.75 -38.93 19.05
N VAL A 122 3.51 -40.19 19.28
CA VAL A 122 2.55 -40.60 20.30
C VAL A 122 3.30 -40.85 21.61
N SER A 123 2.82 -40.25 22.70
CA SER A 123 3.50 -40.29 23.98
C SER A 123 3.30 -41.63 24.69
N LYS A 124 4.25 -41.97 25.57
CA LYS A 124 4.20 -43.24 26.28
C LYS A 124 3.12 -43.28 27.35
N ASN A 125 2.75 -42.13 27.89
CA ASN A 125 1.76 -42.09 28.96
C ASN A 125 0.34 -42.30 28.44
N PHE A 126 0.12 -42.08 27.14
CA PHE A 126 -1.10 -42.52 26.48
C PHE A 126 -1.27 -44.02 26.62
N TYR A 127 -0.24 -44.79 26.22
CA TYR A 127 -0.22 -46.23 26.47
C TYR A 127 -0.19 -46.59 27.95
N ASN A 128 0.32 -45.71 28.81
CA ASN A 128 0.19 -45.95 30.24
C ASN A 128 -1.23 -45.70 30.74
N VAL A 129 -2.09 -45.07 29.95
CA VAL A 129 -3.47 -44.85 30.38
C VAL A 129 -4.51 -45.29 29.34
N TYR A 130 -4.14 -45.68 28.13
CA TYR A 130 -5.15 -46.12 27.16
C TYR A 130 -4.96 -47.57 26.73
N LYS A 131 -4.80 -48.47 27.69
CA LYS A 131 -4.91 -49.88 27.36
C LYS A 131 -6.36 -50.24 27.04
N ASP A 132 -6.53 -51.38 26.35
CA ASP A 132 -7.82 -51.96 25.95
C ASP A 132 -8.66 -50.99 25.12
N THR A 133 -8.01 -50.34 24.17
CA THR A 133 -8.70 -49.45 23.23
C THR A 133 -9.11 -50.16 21.95
N GLU A 134 -8.91 -51.48 21.88
CA GLU A 134 -9.23 -52.25 20.69
C GLU A 134 -10.36 -53.26 20.88
N TYR A 135 -10.74 -53.59 22.12
CA TYR A 135 -11.87 -54.46 22.40
C TYR A 135 -13.22 -53.76 22.43
N ALA A 136 -13.26 -52.46 22.11
CA ALA A 136 -14.52 -51.76 21.99
C ALA A 136 -15.28 -52.26 20.75
N PRO A 137 -16.61 -52.32 20.81
CA PRO A 137 -17.39 -52.76 19.64
C PRO A 137 -17.35 -51.74 18.52
N VAL A 138 -17.60 -52.23 17.30
CA VAL A 138 -17.47 -51.42 16.10
C VAL A 138 -18.67 -50.47 16.00
N HIS A 139 -18.47 -49.36 15.29
CA HIS A 139 -19.45 -48.30 15.20
C HIS A 139 -20.54 -48.66 14.19
N GLN A 140 -21.65 -47.91 14.24
CA GLN A 140 -22.69 -48.05 13.22
C GLN A 140 -22.21 -47.56 11.87
N ASP A 141 -21.59 -46.38 11.83
CA ASP A 141 -21.02 -45.87 10.58
C ASP A 141 -19.74 -46.62 10.25
N LYS A 142 -19.59 -46.97 8.97
CA LYS A 142 -18.46 -47.79 8.53
C LYS A 142 -17.15 -47.00 8.54
N GLU A 143 -17.22 -45.67 8.40
CA GLU A 143 -16.02 -44.85 8.36
C GLU A 143 -15.34 -44.73 9.71
N HIS A 144 -16.04 -44.99 10.81
CA HIS A 144 -15.49 -44.79 12.15
C HIS A 144 -14.73 -46.04 12.57
N ILE A 145 -13.54 -46.20 11.97
CA ILE A 145 -12.57 -47.22 12.37
C ILE A 145 -11.97 -46.91 13.76
N PRO A 146 -11.83 -45.66 14.22
CA PRO A 146 -11.69 -45.45 15.66
C PRO A 146 -12.91 -45.94 16.41
N PRO A 147 -12.73 -46.38 17.65
CA PRO A 147 -13.88 -46.75 18.48
C PRO A 147 -14.71 -45.54 18.87
N ALA A 148 -15.97 -45.81 19.23
CA ALA A 148 -16.88 -44.75 19.67
C ALA A 148 -16.43 -44.15 21.00
N PHE A 149 -15.77 -44.94 21.85
CA PHE A 149 -15.02 -44.42 22.98
C PHE A 149 -13.80 -45.31 23.19
N TYR A 150 -12.62 -44.69 23.18
CA TYR A 150 -11.43 -45.34 23.68
C TYR A 150 -11.57 -45.54 25.19
N LEU A 151 -10.99 -46.62 25.71
CA LEU A 151 -11.24 -46.99 27.10
C LEU A 151 -10.04 -46.62 27.97
N PRO A 152 -10.14 -45.63 28.86
CA PRO A 152 -9.02 -45.29 29.73
C PRO A 152 -9.08 -45.89 31.12
N ILE A 153 -8.02 -45.70 31.90
CA ILE A 153 -8.09 -45.94 33.33
C ILE A 153 -8.48 -44.65 34.05
N ILE A 154 -8.11 -43.49 33.50
CA ILE A 154 -8.53 -42.18 34.00
C ILE A 154 -9.02 -41.38 32.79
N PRO A 155 -10.24 -40.86 32.79
CA PRO A 155 -10.81 -40.29 31.58
C PRO A 155 -10.30 -38.88 31.28
N THR A 156 -10.48 -38.52 30.01
CA THR A 156 -10.00 -37.20 29.52
C THR A 156 -11.09 -36.13 29.68
N VAL A 157 -12.29 -36.51 30.12
CA VAL A 157 -13.20 -35.42 30.46
C VAL A 157 -12.64 -34.61 31.62
N LEU A 158 -12.15 -35.27 32.67
CA LEU A 158 -11.49 -34.57 33.77
C LEU A 158 -10.03 -34.23 33.47
N LEU A 159 -9.30 -35.10 32.78
CA LEU A 159 -7.98 -34.74 32.29
C LEU A 159 -8.12 -33.68 31.21
N ASN A 160 -7.29 -32.63 31.31
CA ASN A 160 -7.29 -31.43 30.46
C ASN A 160 -8.63 -30.69 30.45
N GLY A 161 -8.82 -29.82 29.48
CA GLY A 161 -10.04 -29.04 29.42
C GLY A 161 -10.60 -28.99 28.01
N VAL A 162 -11.92 -28.94 27.95
CA VAL A 162 -12.64 -28.76 26.69
C VAL A 162 -13.36 -27.43 26.74
N SER A 163 -13.07 -26.55 25.79
CA SER A 163 -13.74 -25.26 25.64
C SER A 163 -14.39 -25.23 24.26
N GLY A 164 -15.59 -25.77 24.19
CA GLY A 164 -16.27 -25.96 22.91
C GLY A 164 -17.71 -25.51 22.94
N ILE A 165 -18.19 -25.07 21.79
CA ILE A 165 -19.58 -24.67 21.60
C ILE A 165 -20.19 -25.54 20.50
N ALA A 166 -21.32 -26.17 20.81
CA ALA A 166 -22.04 -27.03 19.89
C ALA A 166 -23.45 -26.48 19.70
N THR A 167 -24.31 -27.28 19.07
CA THR A 167 -25.68 -26.88 18.79
C THR A 167 -26.49 -26.85 20.08
N GLY A 168 -26.45 -25.72 20.79
CA GLY A 168 -27.18 -25.56 22.03
C GLY A 168 -26.46 -26.05 23.27
N TYR A 169 -25.28 -26.66 23.12
CA TYR A 169 -24.54 -27.20 24.25
C TYR A 169 -23.12 -26.68 24.22
N ALA A 170 -22.61 -26.30 25.39
CA ALA A 170 -21.25 -25.77 25.50
C ALA A 170 -20.54 -26.46 26.67
N THR A 171 -19.25 -26.72 26.48
CA THR A 171 -18.40 -27.29 27.50
C THR A 171 -17.25 -26.33 27.81
N TYR A 172 -17.00 -26.10 29.10
CA TYR A 172 -15.79 -25.43 29.57
C TYR A 172 -15.19 -26.26 30.70
N ILE A 173 -15.02 -27.55 30.40
CA ILE A 173 -14.58 -28.52 31.39
C ILE A 173 -13.09 -28.29 31.67
N LEU A 174 -12.80 -27.78 32.85
CA LEU A 174 -11.53 -27.29 33.35
C LEU A 174 -10.62 -28.43 33.80
N PRO A 175 -9.31 -28.27 33.64
CA PRO A 175 -8.38 -29.33 34.06
C PRO A 175 -8.28 -29.50 35.57
N HIS A 176 -7.85 -30.69 35.98
CA HIS A 176 -7.75 -31.09 37.38
C HIS A 176 -6.38 -31.71 37.63
N SER A 177 -5.97 -31.77 38.90
CA SER A 177 -4.66 -32.29 39.25
C SER A 177 -4.66 -33.82 39.25
N VAL A 178 -3.58 -34.39 38.68
CA VAL A 178 -3.55 -35.80 38.31
C VAL A 178 -3.48 -36.72 39.53
N SER A 179 -2.89 -36.27 40.64
CA SER A 179 -2.91 -37.08 41.85
C SER A 179 -4.29 -37.11 42.47
N SER A 180 -5.06 -36.03 42.32
CA SER A 180 -6.41 -35.99 42.85
C SER A 180 -7.38 -36.84 42.05
N VAL A 181 -7.28 -36.82 40.71
CA VAL A 181 -8.12 -37.71 39.90
C VAL A 181 -7.66 -39.16 40.04
N LYS A 182 -6.35 -39.38 40.27
CA LYS A 182 -5.84 -40.71 40.58
C LYS A 182 -6.44 -41.26 41.86
N LYS A 183 -6.48 -40.43 42.92
CA LYS A 183 -7.14 -40.80 44.17
C LYS A 183 -8.64 -40.95 44.00
N ALA A 184 -9.25 -40.14 43.13
CA ALA A 184 -10.70 -40.16 42.93
C ALA A 184 -11.14 -41.45 42.23
N VAL A 185 -10.46 -41.83 41.16
CA VAL A 185 -10.80 -43.08 40.47
C VAL A 185 -10.38 -44.28 41.31
N LEU A 186 -9.21 -44.21 41.97
CA LEU A 186 -8.73 -45.28 42.83
C LEU A 186 -9.60 -45.52 44.05
N GLN A 187 -10.30 -44.49 44.52
CA GLN A 187 -11.18 -44.58 45.67
C GLN A 187 -12.64 -44.85 45.28
N ALA A 188 -13.09 -44.35 44.12
CA ALA A 188 -14.39 -44.74 43.59
C ALA A 188 -14.40 -46.18 43.07
N LEU A 189 -13.21 -46.74 42.80
CA LEU A 189 -13.09 -48.19 42.67
C LEU A 189 -13.44 -48.89 43.97
N GLN A 190 -13.02 -48.34 45.11
CA GLN A 190 -13.22 -48.96 46.40
C GLN A 190 -14.65 -48.81 46.93
N GLY A 191 -15.47 -47.96 46.32
CA GLY A 191 -16.89 -47.96 46.63
C GLY A 191 -17.32 -47.11 47.81
N LYS A 192 -16.51 -46.16 48.24
CA LYS A 192 -16.90 -45.22 49.28
C LYS A 192 -17.21 -43.87 48.64
N LYS A 193 -17.41 -42.86 49.50
CA LYS A 193 -17.78 -41.52 49.04
C LYS A 193 -16.65 -40.88 48.24
N VAL A 194 -16.96 -40.48 47.01
CA VAL A 194 -15.94 -40.18 46.00
C VAL A 194 -15.30 -38.83 46.30
N THR A 195 -13.96 -38.83 46.37
CA THR A 195 -13.20 -37.61 46.58
C THR A 195 -13.31 -36.72 45.35
N LYS A 196 -13.67 -35.46 45.55
CA LYS A 196 -13.70 -34.52 44.44
C LYS A 196 -12.29 -34.17 44.02
N PRO A 197 -11.95 -34.29 42.74
CA PRO A 197 -10.60 -33.92 42.29
C PRO A 197 -10.37 -32.41 42.36
N LYS A 198 -9.19 -32.05 42.85
CA LYS A 198 -8.81 -30.65 42.91
C LYS A 198 -8.37 -30.15 41.54
N VAL A 199 -8.54 -28.86 41.32
CA VAL A 199 -8.21 -28.21 40.05
C VAL A 199 -6.82 -27.61 40.18
N GLU A 200 -5.92 -28.01 39.28
CA GLU A 200 -4.61 -27.40 39.18
C GLU A 200 -4.34 -27.12 37.71
N PHE A 201 -4.44 -25.85 37.33
CA PHE A 201 -4.03 -25.42 36.01
C PHE A 201 -2.50 -25.53 35.89
N PRO A 202 -1.98 -25.75 34.68
CA PRO A 202 -0.53 -25.94 34.53
C PRO A 202 0.25 -24.65 34.72
N GLU A 203 1.38 -24.77 35.44
CA GLU A 203 2.31 -23.70 35.80
C GLU A 203 1.59 -22.55 36.49
N PHE A 204 0.97 -22.87 37.62
CA PHE A 204 0.04 -21.96 38.27
C PHE A 204 0.35 -21.93 39.76
N ARG A 205 0.73 -20.74 40.26
CA ARG A 205 0.99 -20.54 41.68
C ARG A 205 0.11 -19.42 42.26
N GLY A 206 -1.01 -19.13 41.61
CA GLY A 206 -1.96 -18.17 42.13
C GLY A 206 -2.98 -18.84 43.02
N GLU A 207 -4.23 -18.41 42.94
CA GLU A 207 -5.29 -18.96 43.78
C GLU A 207 -6.54 -19.18 42.94
N VAL A 208 -6.93 -20.42 42.75
CA VAL A 208 -8.27 -20.77 42.29
C VAL A 208 -9.07 -21.18 43.51
N VAL A 209 -10.15 -20.47 43.78
CA VAL A 209 -10.91 -20.72 45.01
C VAL A 209 -12.40 -20.76 44.68
N GLU A 210 -13.13 -21.52 45.48
CA GLU A 210 -14.58 -21.51 45.43
C GLU A 210 -15.12 -20.28 46.13
N ILE A 211 -16.16 -19.68 45.56
CA ILE A 211 -16.88 -18.63 46.28
C ILE A 211 -18.24 -19.17 46.67
N ASP A 212 -19.08 -19.47 45.67
CA ASP A 212 -20.37 -20.13 45.92
C ASP A 212 -20.74 -20.93 44.68
N GLY A 213 -20.33 -22.20 44.64
CA GLY A 213 -20.70 -23.08 43.55
C GLY A 213 -19.89 -22.92 42.27
N GLN A 214 -19.03 -21.92 42.22
CA GLN A 214 -18.30 -21.55 41.02
C GLN A 214 -16.84 -21.26 41.38
N TYR A 215 -15.93 -21.86 40.61
CA TYR A 215 -14.51 -21.69 40.84
C TYR A 215 -14.07 -20.37 40.20
N GLU A 216 -13.65 -19.42 41.02
CA GLU A 216 -13.02 -18.22 40.51
C GLU A 216 -11.51 -18.44 40.47
N ILE A 217 -10.86 -17.77 39.53
CA ILE A 217 -9.42 -17.89 39.37
C ILE A 217 -8.78 -16.53 39.65
N ARG A 218 -7.54 -16.58 40.13
CA ARG A 218 -6.71 -15.40 40.29
C ARG A 218 -5.26 -15.85 40.25
N GLY A 219 -4.39 -14.93 39.88
CA GLY A 219 -2.97 -15.17 39.89
C GLY A 219 -2.32 -14.66 41.15
N THR A 220 -1.09 -14.21 41.03
CA THR A 220 -0.37 -13.58 42.12
C THR A 220 0.17 -12.25 41.62
N TYR A 221 -0.09 -11.18 42.37
CA TYR A 221 0.57 -9.90 42.15
C TYR A 221 1.35 -9.56 43.41
N LYS A 222 2.59 -9.12 43.22
CA LYS A 222 3.57 -9.06 44.30
C LYS A 222 4.09 -7.63 44.41
N PHE A 223 3.78 -6.96 45.51
CA PHE A 223 4.33 -5.64 45.78
C PHE A 223 5.79 -5.76 46.18
N THR A 224 6.62 -4.83 45.69
CA THR A 224 8.04 -4.84 45.99
C THR A 224 8.57 -3.55 46.59
N SER A 225 7.88 -2.43 46.41
CA SER A 225 8.33 -1.14 46.94
C SER A 225 7.10 -0.28 47.18
N ARG A 226 7.31 1.02 47.33
CA ARG A 226 6.18 1.94 47.54
C ARG A 226 5.39 2.13 46.25
N THR A 227 6.07 2.18 45.10
CA THR A 227 5.44 2.52 43.84
C THR A 227 5.76 1.52 42.71
N GLN A 228 6.02 0.26 43.05
CA GLN A 228 6.34 -0.74 42.03
C GLN A 228 5.73 -2.08 42.41
N MET A 229 5.41 -2.88 41.38
CA MET A 229 5.15 -4.31 41.57
C MET A 229 5.82 -5.14 40.49
N HIS A 230 5.83 -6.44 40.74
CA HIS A 230 6.19 -7.47 39.75
C HIS A 230 5.04 -8.47 39.71
N ILE A 231 4.31 -8.48 38.59
CA ILE A 231 3.14 -9.34 38.46
C ILE A 231 3.60 -10.77 38.20
N THR A 232 3.31 -11.66 39.14
CA THR A 232 3.76 -13.05 38.98
C THR A 232 2.91 -13.80 37.97
N GLU A 233 1.58 -13.62 38.00
CA GLU A 233 0.67 -14.33 37.11
C GLU A 233 -0.46 -13.41 36.66
N ILE A 234 -0.95 -13.67 35.47
CA ILE A 234 -2.19 -13.06 34.98
C ILE A 234 -3.18 -14.20 34.78
N PRO A 235 -4.51 -13.95 34.80
CA PRO A 235 -5.48 -15.04 34.61
C PRO A 235 -5.47 -15.67 33.22
N TYR A 236 -5.96 -16.90 33.14
CA TYR A 236 -5.96 -17.68 31.89
C TYR A 236 -7.18 -17.37 31.02
N LYS A 237 -7.25 -16.14 30.55
CA LYS A 237 -8.15 -15.74 29.48
C LYS A 237 -7.44 -14.97 28.39
N TYR A 238 -6.25 -14.44 28.68
CA TYR A 238 -5.52 -13.56 27.77
C TYR A 238 -4.02 -13.81 27.97
N ASP A 239 -3.28 -13.92 26.87
CA ASP A 239 -1.87 -14.25 27.04
C ASP A 239 -0.94 -13.04 27.03
N ARG A 240 -0.79 -12.33 25.90
CA ARG A 240 -0.05 -11.07 25.97
C ARG A 240 -0.81 -9.87 25.39
N GLU A 241 -1.20 -9.92 24.12
CA GLU A 241 -1.54 -8.65 23.46
C GLU A 241 -3.01 -8.33 23.61
N THR A 242 -3.84 -9.36 23.68
CA THR A 242 -5.28 -9.11 23.95
C THR A 242 -5.35 -8.68 25.42
N TYR A 243 -4.48 -9.26 26.26
CA TYR A 243 -4.41 -8.86 27.69
C TYR A 243 -4.05 -7.37 27.76
N VAL A 244 -3.03 -6.95 27.01
CA VAL A 244 -2.62 -5.52 26.99
C VAL A 244 -3.74 -4.68 26.36
N SER A 245 -4.25 -5.12 25.21
CA SER A 245 -5.30 -4.33 24.49
C SER A 245 -6.57 -4.25 25.35
N LYS A 246 -6.84 -5.28 26.15
CA LYS A 246 -8.09 -5.29 26.96
C LYS A 246 -7.83 -4.72 28.35
N ILE A 247 -6.60 -4.82 28.86
CA ILE A 247 -6.39 -4.36 30.22
C ILE A 247 -5.31 -3.29 30.26
N LEU A 248 -4.08 -3.64 29.83
CA LEU A 248 -2.91 -2.81 30.12
C LEU A 248 -2.89 -1.51 29.32
N ASP A 249 -3.31 -1.52 28.07
CA ASP A 249 -3.47 -0.26 27.35
C ASP A 249 -4.72 0.55 27.76
N PRO A 250 -5.88 -0.03 28.13
CA PRO A 250 -6.93 0.79 28.78
C PRO A 250 -6.53 1.51 30.06
N LEU A 251 -5.71 0.91 30.94
CA LEU A 251 -5.30 1.67 32.12
C LEU A 251 -4.01 2.45 31.87
N GLU A 252 -3.26 2.09 30.83
CA GLU A 252 -2.04 2.83 30.51
C GLU A 252 -2.35 4.11 29.74
N ASN A 253 -3.41 4.11 28.94
CA ASN A 253 -3.79 5.28 28.15
C ASN A 253 -4.50 6.34 28.97
N LYS A 254 -4.94 6.01 30.19
CA LYS A 254 -5.43 7.01 31.12
C LYS A 254 -4.32 7.78 31.81
N GLY A 255 -3.08 7.33 31.68
CA GLY A 255 -1.95 7.92 32.37
C GLY A 255 -1.75 7.46 33.79
N PHE A 256 -2.55 6.49 34.26
CA PHE A 256 -2.54 6.11 35.67
C PHE A 256 -1.27 5.37 36.07
N ILE A 257 -0.79 4.49 35.19
CA ILE A 257 0.24 3.52 35.56
C ILE A 257 0.94 3.08 34.28
N THR A 258 2.16 2.52 34.39
CA THR A 258 2.85 2.03 33.21
C THR A 258 3.45 0.66 33.51
N TRP A 259 3.86 -0.03 32.44
CA TRP A 259 4.30 -1.41 32.57
C TRP A 259 5.51 -1.63 31.67
N ASP A 260 6.26 -2.70 31.96
CA ASP A 260 7.43 -3.06 31.16
C ASP A 260 7.51 -4.59 31.09
N ASP A 261 8.02 -5.07 29.96
CA ASP A 261 7.98 -6.49 29.59
C ASP A 261 9.25 -7.18 30.09
N ALA A 262 9.12 -7.99 31.13
CA ALA A 262 10.24 -8.76 31.68
C ALA A 262 9.80 -10.18 32.01
N CYS A 263 9.12 -10.82 31.06
CA CYS A 263 8.46 -12.11 31.27
C CYS A 263 9.50 -13.22 31.48
N GLY A 264 9.36 -13.95 32.59
CA GLY A 264 10.32 -14.96 32.98
C GLY A 264 10.00 -16.34 32.44
N GLU A 265 10.62 -17.35 33.06
CA GLU A 265 10.47 -18.72 32.60
C GLU A 265 9.13 -19.32 33.01
N HIS A 266 8.82 -19.32 34.30
CA HIS A 266 7.58 -19.88 34.82
C HIS A 266 6.62 -18.74 35.09
N GLY A 267 5.45 -18.79 34.47
CA GLY A 267 4.48 -17.72 34.61
C GLY A 267 4.90 -16.48 33.83
N PHE A 268 4.50 -15.33 34.36
CA PHE A 268 4.81 -14.05 33.76
C PHE A 268 5.71 -13.23 34.67
N GLY A 269 6.31 -12.19 34.10
CA GLY A 269 7.27 -11.39 34.83
C GLY A 269 7.18 -9.90 34.62
N PHE A 270 5.98 -9.39 34.33
CA PHE A 270 5.82 -8.00 33.93
C PHE A 270 5.98 -7.06 35.11
N LYS A 271 6.77 -6.00 34.92
CA LYS A 271 7.10 -5.07 36.00
C LYS A 271 6.29 -3.80 35.85
N VAL A 272 5.56 -3.43 36.91
CA VAL A 272 4.57 -2.37 36.87
C VAL A 272 5.06 -1.19 37.70
N LYS A 273 5.12 -0.01 37.07
CA LYS A 273 5.57 1.22 37.70
C LYS A 273 4.39 2.17 37.89
N PHE A 274 4.23 2.65 39.12
CA PHE A 274 3.14 3.55 39.47
C PHE A 274 3.48 4.99 39.10
N ARG A 275 2.53 5.65 38.43
CA ARG A 275 2.58 7.10 38.26
C ARG A 275 1.81 7.75 39.40
N LYS A 276 1.61 9.06 39.31
CA LYS A 276 1.19 9.80 40.49
C LYS A 276 -0.31 10.01 40.59
N GLU A 277 -1.03 10.13 39.48
CA GLU A 277 -2.48 10.27 39.53
C GLU A 277 -3.09 8.86 39.41
N TYR A 278 -3.68 8.42 40.52
CA TYR A 278 -4.28 7.12 40.83
C TYR A 278 -4.84 7.31 42.25
N SER A 279 -5.51 6.29 42.80
CA SER A 279 -5.93 6.33 44.19
C SER A 279 -4.71 6.36 45.13
N LEU A 280 -3.75 5.44 44.92
CA LEU A 280 -2.63 5.14 45.83
C LEU A 280 -3.12 4.90 47.26
N SER A 281 -4.15 4.06 47.38
CA SER A 281 -4.81 3.88 48.66
C SER A 281 -3.98 3.00 49.58
N ASP A 282 -4.42 2.92 50.84
CA ASP A 282 -3.74 2.19 51.90
C ASP A 282 -4.71 1.23 52.55
N ASN A 283 -4.34 0.70 53.73
CA ASN A 283 -5.09 -0.14 54.67
C ASN A 283 -5.17 -1.61 54.18
N GLU A 284 -4.73 -1.88 52.94
CA GLU A 284 -4.66 -3.20 52.29
C GLU A 284 -6.04 -3.87 52.21
N GLU A 285 -7.08 -3.05 52.09
CA GLU A 285 -8.41 -3.52 51.77
C GLU A 285 -8.87 -2.87 50.46
N GLU A 286 -8.77 -1.54 50.40
CA GLU A 286 -9.27 -0.82 49.23
C GLU A 286 -8.23 -0.76 48.12
N ARG A 287 -6.93 -0.85 48.46
CA ARG A 287 -5.92 -0.90 47.41
C ARG A 287 -5.94 -2.25 46.70
N HIS A 288 -6.14 -3.34 47.44
CA HIS A 288 -6.25 -4.66 46.84
C HIS A 288 -7.53 -4.79 46.02
N ALA A 289 -8.63 -4.21 46.51
CA ALA A 289 -9.88 -4.19 45.77
C ALA A 289 -9.76 -3.33 44.51
N LYS A 290 -9.00 -2.24 44.57
CA LYS A 290 -8.76 -1.45 43.38
C LYS A 290 -7.85 -2.18 42.40
N ILE A 291 -6.96 -3.04 42.90
CA ILE A 291 -6.14 -3.86 42.01
C ILE A 291 -6.99 -4.92 41.32
N MET A 292 -7.86 -5.63 42.06
CA MET A 292 -8.63 -6.67 41.37
C MET A 292 -9.80 -6.11 40.58
N LYS A 293 -10.16 -4.85 40.81
CA LYS A 293 -11.07 -4.14 39.92
C LYS A 293 -10.35 -3.58 38.69
N ASP A 294 -9.07 -3.24 38.82
CA ASP A 294 -8.32 -2.61 37.74
C ASP A 294 -7.41 -3.57 36.99
N PHE A 295 -6.57 -4.33 37.68
CA PHE A 295 -5.69 -5.28 37.00
C PHE A 295 -6.40 -6.55 36.57
N GLY A 296 -7.61 -6.80 37.05
CA GLY A 296 -8.39 -7.96 36.67
C GLY A 296 -7.83 -9.28 37.14
N LEU A 297 -7.37 -9.35 38.40
CA LEU A 297 -6.88 -10.62 38.94
C LEU A 297 -8.03 -11.59 39.17
N ILE A 298 -9.12 -11.13 39.76
CA ILE A 298 -10.29 -11.98 40.00
C ILE A 298 -11.01 -12.20 38.67
N GLU A 299 -11.09 -13.45 38.24
CA GLU A 299 -11.80 -13.81 37.03
C GLU A 299 -12.78 -14.92 37.34
N ARG A 300 -13.97 -14.82 36.76
CA ARG A 300 -15.06 -15.75 37.05
C ARG A 300 -15.43 -16.54 35.81
N ARG A 301 -15.72 -17.82 36.01
CA ARG A 301 -16.03 -18.74 34.92
C ARG A 301 -17.38 -19.38 35.20
N SER A 302 -17.71 -20.42 34.44
CA SER A 302 -18.91 -21.21 34.69
C SER A 302 -18.59 -22.67 34.42
N GLN A 303 -19.30 -23.56 35.11
CA GLN A 303 -19.05 -25.00 35.00
C GLN A 303 -20.38 -25.72 34.77
N ASN A 304 -20.39 -26.62 33.79
CA ASN A 304 -21.55 -27.46 33.51
C ASN A 304 -21.04 -28.70 32.77
N ILE A 305 -21.19 -29.86 33.37
CA ILE A 305 -20.65 -31.10 32.81
C ILE A 305 -21.72 -31.65 31.87
N THR A 306 -21.75 -31.12 30.66
CA THR A 306 -22.73 -31.52 29.64
C THR A 306 -21.99 -32.41 28.65
N VAL A 307 -22.20 -33.72 28.75
CA VAL A 307 -21.35 -34.65 28.05
C VAL A 307 -22.18 -35.85 27.60
N ILE A 308 -21.94 -36.35 26.39
CA ILE A 308 -22.72 -37.48 25.88
C ILE A 308 -22.22 -38.75 26.54
N ASN A 309 -23.15 -39.66 26.86
CA ASN A 309 -22.81 -40.93 27.48
C ASN A 309 -22.51 -41.97 26.41
N GLU A 310 -22.50 -43.25 26.81
CA GLU A 310 -22.23 -44.36 25.90
C GLU A 310 -23.31 -44.53 24.83
N LYS A 311 -24.53 -44.06 25.08
CA LYS A 311 -25.59 -44.03 24.10
C LYS A 311 -25.64 -42.65 23.45
N GLY A 312 -26.66 -42.42 22.62
CA GLY A 312 -26.78 -41.15 21.91
C GLY A 312 -27.32 -40.01 22.73
N LYS A 313 -27.76 -40.26 23.96
CA LYS A 313 -28.31 -39.23 24.82
C LYS A 313 -27.19 -38.49 25.54
N LEU A 314 -27.33 -37.17 25.63
CA LEU A 314 -26.41 -36.33 26.37
C LEU A 314 -26.85 -36.27 27.83
N GLN A 315 -25.90 -36.52 28.74
CA GLN A 315 -26.16 -36.46 30.17
C GLN A 315 -25.53 -35.18 30.74
N VAL A 316 -26.30 -34.49 31.59
CA VAL A 316 -25.85 -33.28 32.23
C VAL A 316 -25.61 -33.59 33.70
N TYR A 317 -24.40 -33.35 34.17
CA TYR A 317 -23.99 -33.63 35.53
C TYR A 317 -23.71 -32.32 36.26
N ASP A 318 -24.23 -32.22 37.48
CA ASP A 318 -23.89 -31.10 38.35
C ASP A 318 -22.47 -31.18 38.89
N ASN A 319 -21.91 -32.39 38.97
CA ASN A 319 -20.61 -32.59 39.58
C ASN A 319 -20.00 -33.87 39.01
N VAL A 320 -18.66 -33.90 38.95
CA VAL A 320 -17.93 -34.95 38.25
C VAL A 320 -17.81 -36.25 39.05
N VAL A 321 -18.39 -36.33 40.25
CA VAL A 321 -18.43 -37.57 41.02
C VAL A 321 -19.28 -38.62 40.29
N ASP A 322 -20.45 -38.20 39.79
CA ASP A 322 -21.28 -39.07 38.97
C ASP A 322 -20.64 -39.36 37.62
N LEU A 323 -19.82 -38.44 37.11
CA LEU A 323 -19.05 -38.69 35.88
C LEU A 323 -18.02 -39.80 36.08
N ILE A 324 -17.28 -39.76 37.19
CA ILE A 324 -16.31 -40.80 37.52
C ILE A 324 -17.03 -42.13 37.80
N LYS A 325 -18.22 -42.06 38.42
CA LYS A 325 -19.00 -43.26 38.69
C LYS A 325 -19.52 -43.92 37.41
N ASP A 326 -20.02 -43.12 36.46
CA ASP A 326 -20.45 -43.68 35.17
C ASP A 326 -19.27 -44.15 34.33
N PHE A 327 -18.13 -43.47 34.46
CA PHE A 327 -16.90 -43.91 33.80
C PHE A 327 -16.46 -45.27 34.30
N VAL A 328 -16.41 -45.45 35.63
CA VAL A 328 -15.96 -46.71 36.19
C VAL A 328 -17.02 -47.80 36.00
N GLU A 329 -18.31 -47.44 35.90
CA GLU A 329 -19.32 -48.45 35.60
C GLU A 329 -19.29 -48.87 34.14
N VAL A 330 -18.75 -48.03 33.25
CA VAL A 330 -18.40 -48.50 31.91
C VAL A 330 -17.18 -49.41 31.96
N ARG A 331 -16.16 -49.01 32.71
CA ARG A 331 -14.84 -49.64 32.64
C ARG A 331 -14.80 -51.02 33.28
N LYS A 332 -15.61 -51.26 34.33
CA LYS A 332 -15.63 -52.56 35.01
C LYS A 332 -16.10 -53.68 34.07
N THR A 333 -17.21 -53.46 33.38
CA THR A 333 -17.67 -54.46 32.43
C THR A 333 -16.82 -54.46 31.15
N TYR A 334 -16.26 -53.31 30.77
CA TYR A 334 -15.42 -53.31 29.58
C TYR A 334 -14.04 -53.90 29.81
N VAL A 335 -13.65 -54.19 31.05
CA VAL A 335 -12.51 -55.07 31.29
C VAL A 335 -12.91 -56.47 31.77
N GLN A 336 -14.16 -56.68 32.22
CA GLN A 336 -14.59 -58.05 32.42
C GLN A 336 -14.81 -58.77 31.08
N LYS A 337 -15.05 -58.00 30.01
CA LYS A 337 -15.00 -58.55 28.65
C LYS A 337 -13.61 -59.11 28.35
N ARG A 338 -12.55 -58.37 28.73
CA ARG A 338 -11.19 -58.85 28.55
C ARG A 338 -10.87 -60.04 29.47
N ILE A 339 -11.49 -60.07 30.65
CA ILE A 339 -11.34 -61.19 31.58
C ILE A 339 -11.89 -62.48 30.97
N ASP A 340 -13.10 -62.40 30.40
CA ASP A 340 -13.70 -63.57 29.75
C ASP A 340 -12.96 -63.98 28.49
N ASN A 341 -12.48 -62.99 27.71
CA ASN A 341 -11.70 -63.25 26.51
C ASN A 341 -10.38 -63.94 26.82
N LYS A 342 -9.68 -63.49 27.86
CA LYS A 342 -8.42 -64.12 28.23
C LYS A 342 -8.61 -65.48 28.89
N ILE A 343 -9.73 -65.71 29.59
CA ILE A 343 -10.03 -67.03 30.14
C ILE A 343 -10.26 -68.05 29.02
N LYS A 344 -11.07 -67.65 28.02
CA LYS A 344 -11.32 -68.52 26.87
C LYS A 344 -10.10 -68.69 25.99
N GLU A 345 -9.18 -67.72 26.01
CA GLU A 345 -7.91 -67.90 25.32
C GLU A 345 -7.01 -68.88 26.07
N THR A 346 -6.90 -68.74 27.40
CA THR A 346 -5.89 -69.48 28.13
C THR A 346 -6.26 -70.95 28.37
N GLU A 347 -7.56 -71.31 28.29
CA GLU A 347 -7.90 -72.73 28.42
C GLU A 347 -7.42 -73.54 27.21
N SER A 348 -7.69 -73.06 25.99
CA SER A 348 -7.17 -73.71 24.80
C SER A 348 -5.68 -73.47 24.62
N ALA A 349 -5.13 -72.41 25.23
CA ALA A 349 -3.69 -72.21 25.23
C ALA A 349 -2.97 -73.29 26.04
N PHE A 350 -3.52 -73.66 27.21
CA PHE A 350 -2.87 -74.77 27.92
C PHE A 350 -3.18 -76.11 27.24
N ARG A 351 -4.30 -76.22 26.51
CA ARG A 351 -4.52 -77.45 25.76
C ARG A 351 -3.52 -77.61 24.60
N LEU A 352 -3.19 -76.52 23.91
CA LEU A 352 -2.15 -76.61 22.88
C LEU A 352 -0.77 -76.73 23.51
N ALA A 353 -0.60 -76.21 24.74
CA ALA A 353 0.65 -76.37 25.47
C ALA A 353 0.91 -77.82 25.82
N PHE A 354 -0.14 -78.53 26.24
CA PHE A 354 0.00 -79.95 26.51
C PHE A 354 0.23 -80.74 25.22
N ALA A 355 -0.37 -80.28 24.10
CA ALA A 355 -0.10 -80.89 22.79
C ALA A 355 1.37 -80.80 22.42
N LYS A 356 1.95 -79.59 22.52
CA LYS A 356 3.33 -79.42 22.11
C LYS A 356 4.31 -80.06 23.08
N ALA A 357 4.05 -79.99 24.40
CA ALA A 357 4.97 -80.58 25.37
C ALA A 357 4.94 -82.11 25.31
N HIS A 358 3.74 -82.69 25.22
CA HIS A 358 3.63 -84.14 25.11
C HIS A 358 4.15 -84.64 23.76
N PHE A 359 3.96 -83.88 22.69
CA PHE A 359 4.45 -84.35 21.40
C PHE A 359 5.95 -84.22 21.31
N ILE A 360 6.53 -83.22 21.99
CA ILE A 360 7.98 -83.13 21.90
C ILE A 360 8.63 -84.13 22.85
N LYS A 361 7.97 -84.52 23.95
CA LYS A 361 8.54 -85.63 24.71
C LYS A 361 8.32 -86.96 23.99
N LYS A 362 7.29 -87.05 23.14
CA LYS A 362 7.14 -88.18 22.25
C LYS A 362 8.17 -88.19 21.14
N VAL A 363 8.62 -87.00 20.72
CA VAL A 363 9.59 -86.91 19.63
C VAL A 363 11.00 -87.19 20.15
N ILE A 364 11.37 -86.59 21.28
CA ILE A 364 12.65 -86.90 21.90
C ILE A 364 12.68 -88.32 22.47
N SER A 365 11.51 -88.89 22.78
CA SER A 365 11.44 -90.35 22.91
C SER A 365 11.64 -91.01 21.56
N GLY A 366 10.92 -90.55 20.55
CA GLY A 366 11.02 -91.12 19.23
C GLY A 366 10.46 -92.52 19.11
N GLU A 367 9.45 -92.85 19.93
CA GLU A 367 8.76 -94.12 19.75
C GLU A 367 7.95 -94.11 18.46
N ILE A 368 7.47 -92.94 18.06
CA ILE A 368 6.92 -92.76 16.73
C ILE A 368 8.09 -92.76 15.75
N VAL A 369 7.95 -93.53 14.67
CA VAL A 369 9.02 -93.64 13.70
C VAL A 369 8.70 -92.74 12.51
N VAL A 370 9.71 -91.99 12.09
CA VAL A 370 9.51 -90.96 11.08
C VAL A 370 10.27 -91.22 9.79
N GLN A 371 11.23 -92.12 9.76
CA GLN A 371 12.11 -92.25 8.61
C GLN A 371 11.54 -93.25 7.62
N GLY A 372 11.53 -92.86 6.35
CA GLY A 372 10.84 -93.65 5.34
C GLY A 372 9.33 -93.55 5.39
N LYS A 373 8.79 -92.56 6.09
CA LYS A 373 7.36 -92.37 6.25
C LYS A 373 6.90 -91.29 5.29
N THR A 374 6.10 -91.67 4.30
CA THR A 374 5.72 -90.77 3.23
C THR A 374 4.30 -90.24 3.44
N ARG A 375 3.96 -89.20 2.66
CA ARG A 375 2.61 -88.66 2.48
C ARG A 375 2.09 -88.06 3.82
N LYS A 376 3.05 -87.59 4.63
CA LYS A 376 2.88 -87.16 6.01
C LYS A 376 2.16 -88.22 6.83
N GLU A 377 2.75 -89.43 6.83
CA GLU A 377 2.13 -90.61 7.41
C GLU A 377 1.97 -90.51 8.92
N LEU A 378 2.82 -89.72 9.59
CA LEU A 378 2.67 -89.50 11.03
C LEU A 378 1.44 -88.66 11.34
N THR A 379 0.96 -87.85 10.38
CA THR A 379 -0.32 -87.19 10.55
C THR A 379 -1.46 -88.20 10.56
N GLU A 380 -1.28 -89.34 9.88
CA GLU A 380 -2.20 -90.45 10.01
C GLU A 380 -2.18 -91.08 11.40
N GLU A 381 -1.10 -90.91 12.17
CA GLU A 381 -1.16 -91.19 13.59
C GLU A 381 -1.21 -89.93 14.44
N LEU A 382 -1.38 -88.76 13.84
CA LEU A 382 -1.72 -87.57 14.61
C LEU A 382 -3.21 -87.27 14.57
N SER A 383 -3.91 -87.73 13.54
CA SER A 383 -5.33 -87.44 13.38
C SER A 383 -6.22 -88.28 14.30
N LYS A 384 -5.74 -89.44 14.76
CA LYS A 384 -6.53 -90.30 15.62
C LYS A 384 -6.22 -90.08 17.10
N ILE A 385 -5.32 -89.15 17.41
CA ILE A 385 -5.16 -88.67 18.77
C ILE A 385 -6.35 -87.75 19.06
N ASP A 386 -6.80 -87.75 20.31
CA ASP A 386 -7.86 -86.81 20.69
C ASP A 386 -7.36 -85.37 20.71
N MET A 387 -6.07 -85.17 20.95
CA MET A 387 -5.58 -83.88 21.41
C MET A 387 -4.62 -83.27 20.39
N TYR A 388 -3.81 -84.10 19.72
CA TYR A 388 -2.95 -83.65 18.64
C TYR A 388 -3.70 -83.33 17.37
N SER A 389 -4.91 -83.89 17.18
CA SER A 389 -5.63 -83.79 15.92
C SER A 389 -6.21 -82.41 15.67
N SER A 390 -6.33 -81.57 16.70
CA SER A 390 -6.77 -80.21 16.51
C SER A 390 -5.63 -79.26 16.18
N TYR A 391 -4.39 -79.77 16.07
CA TYR A 391 -3.20 -78.93 15.93
C TYR A 391 -2.22 -79.45 14.88
N VAL A 392 -2.73 -80.21 13.88
CA VAL A 392 -1.93 -81.13 13.07
C VAL A 392 -0.85 -80.40 12.29
N ASP A 393 -1.26 -79.33 11.56
CA ASP A 393 -0.35 -78.50 10.78
C ASP A 393 0.70 -77.84 11.67
N LYS A 394 0.26 -77.31 12.81
CA LYS A 394 1.14 -76.67 13.76
C LYS A 394 2.08 -77.67 14.40
N LEU A 395 1.67 -78.93 14.43
CA LEU A 395 2.49 -79.94 15.07
C LEU A 395 3.29 -80.72 14.03
N VAL A 396 3.11 -80.46 12.72
CA VAL A 396 4.09 -80.93 11.75
C VAL A 396 5.01 -79.77 11.34
N GLY A 397 4.66 -78.57 11.75
CA GLY A 397 5.59 -77.45 11.70
C GLY A 397 6.61 -77.57 12.80
N MET A 398 7.55 -78.49 12.63
CA MET A 398 8.52 -78.85 13.67
C MET A 398 9.89 -78.98 13.04
N ASN A 399 10.71 -77.96 13.25
CA ASN A 399 12.10 -77.97 12.83
C ASN A 399 12.94 -78.81 13.80
N ILE A 400 14.19 -79.04 13.42
CA ILE A 400 15.13 -79.91 14.14
C ILE A 400 15.46 -79.41 15.55
N PHE A 401 15.35 -78.11 15.81
CA PHE A 401 15.69 -77.55 17.11
C PHE A 401 14.71 -77.96 18.21
N HIS A 402 13.54 -78.49 17.85
CA HIS A 402 12.66 -79.10 18.82
C HIS A 402 13.25 -80.39 19.39
N MET A 403 13.99 -81.13 18.55
CA MET A 403 14.44 -82.50 18.82
C MET A 403 15.48 -82.54 19.94
N THR A 404 16.25 -81.46 20.13
CA THR A 404 17.09 -81.31 21.31
C THR A 404 16.22 -81.22 22.57
N SER A 405 16.54 -82.05 23.57
CA SER A 405 15.68 -82.20 24.74
C SER A 405 15.74 -81.02 25.70
N ASP A 406 16.71 -80.10 25.54
CA ASP A 406 16.70 -78.87 26.32
C ASP A 406 15.45 -78.06 26.02
N GLU A 407 15.14 -77.90 24.75
CA GLU A 407 13.95 -77.19 24.30
C GLU A 407 12.75 -78.11 24.15
N ALA A 408 12.84 -79.34 24.68
CA ALA A 408 11.68 -80.12 25.05
C ALA A 408 11.30 -79.92 26.50
N LYS A 409 12.27 -80.10 27.41
CA LYS A 409 11.99 -80.04 28.84
C LYS A 409 11.76 -78.60 29.31
N LYS A 410 12.56 -77.63 28.83
CA LYS A 410 12.32 -76.27 29.26
C LYS A 410 11.09 -75.68 28.57
N LEU A 411 10.71 -76.21 27.42
CA LEU A 411 9.46 -75.79 26.81
C LEU A 411 8.27 -76.39 27.56
N ALA A 412 8.46 -77.59 28.13
CA ALA A 412 7.48 -78.12 29.06
C ALA A 412 7.42 -77.28 30.34
N GLU A 413 8.55 -76.73 30.80
CA GLU A 413 8.46 -75.93 32.01
C GLU A 413 7.90 -74.53 31.75
N GLU A 414 8.03 -73.98 30.53
CA GLU A 414 7.16 -72.85 30.19
C GLU A 414 5.71 -73.24 29.93
N ALA A 415 5.41 -74.51 29.64
CA ALA A 415 4.01 -74.92 29.73
C ALA A 415 3.51 -74.89 31.18
N LYS A 416 4.38 -75.23 32.13
CA LYS A 416 4.00 -75.03 33.54
C LYS A 416 4.00 -73.55 33.94
N ALA A 417 4.84 -72.73 33.31
CA ALA A 417 4.80 -71.29 33.58
C ALA A 417 3.53 -70.66 33.03
N LYS A 418 3.04 -71.12 31.89
CA LYS A 418 1.75 -70.63 31.46
C LYS A 418 0.61 -71.35 32.17
N LYS A 419 0.86 -72.48 32.84
CA LYS A 419 -0.12 -72.99 33.79
C LYS A 419 -0.27 -72.08 35.01
N GLU A 420 0.84 -71.61 35.57
CA GLU A 420 0.72 -70.73 36.73
C GLU A 420 0.21 -69.35 36.32
N GLU A 421 0.52 -68.90 35.10
CA GLU A 421 -0.12 -67.70 34.61
C GLU A 421 -1.60 -67.93 34.25
N ASN A 422 -1.94 -69.14 33.80
CA ASN A 422 -3.32 -69.54 33.53
C ASN A 422 -4.16 -69.47 34.80
N GLU A 423 -3.66 -70.04 35.88
CA GLU A 423 -4.32 -69.88 37.17
C GLU A 423 -4.19 -68.47 37.73
N TYR A 424 -3.21 -67.68 37.27
CA TYR A 424 -3.15 -66.28 37.69
C TYR A 424 -4.26 -65.45 37.06
N TRP A 425 -4.52 -65.64 35.76
CA TRP A 425 -5.68 -64.97 35.16
C TRP A 425 -7.00 -65.60 35.61
N LYS A 426 -7.00 -66.88 35.97
CA LYS A 426 -8.24 -67.50 36.42
C LYS A 426 -8.62 -67.06 37.82
N THR A 427 -7.64 -66.95 38.73
CA THR A 427 -7.93 -66.57 40.10
C THR A 427 -8.19 -65.08 40.25
N THR A 428 -7.64 -64.25 39.36
CA THR A 428 -7.80 -62.82 39.49
C THR A 428 -9.21 -62.40 39.06
N ASP A 429 -9.60 -61.21 39.51
CA ASP A 429 -10.88 -60.64 39.11
C ASP A 429 -10.65 -59.21 38.65
N VAL A 430 -11.72 -58.48 38.34
CA VAL A 430 -11.57 -57.15 37.69
C VAL A 430 -11.04 -56.07 38.64
N VAL A 431 -11.44 -56.08 39.91
CA VAL A 431 -11.09 -54.96 40.78
C VAL A 431 -9.60 -54.92 41.11
N THR A 432 -8.94 -56.06 41.28
CA THR A 432 -7.52 -56.01 41.63
C THR A 432 -6.62 -55.77 40.43
N GLU A 433 -7.00 -56.20 39.21
CA GLU A 433 -6.19 -55.80 38.07
C GLU A 433 -6.43 -54.35 37.71
N TYR A 434 -7.64 -53.82 37.96
CA TYR A 434 -7.82 -52.38 37.81
C TYR A 434 -7.11 -51.60 38.90
N THR A 435 -6.91 -52.21 40.07
CA THR A 435 -6.05 -51.63 41.10
C THR A 435 -4.60 -51.61 40.64
N LYS A 436 -4.16 -52.66 39.93
CA LYS A 436 -2.83 -52.65 39.31
C LYS A 436 -2.71 -51.56 38.26
N ASP A 437 -3.80 -51.37 37.48
CA ASP A 437 -3.86 -50.30 36.48
C ASP A 437 -3.73 -48.92 37.13
N LEU A 438 -4.43 -48.73 38.24
CA LEU A 438 -4.37 -47.44 38.93
C LEU A 438 -3.08 -47.26 39.70
N GLU A 439 -2.40 -48.34 40.08
CA GLU A 439 -1.21 -48.22 40.89
C GLU A 439 0.09 -48.20 40.09
N GLU A 440 0.08 -48.63 38.83
CA GLU A 440 1.32 -48.67 38.07
C GLU A 440 1.42 -47.56 37.05
N ILE A 441 0.51 -46.59 37.10
CA ILE A 441 0.68 -45.38 36.29
C ILE A 441 1.71 -44.43 36.88
N LYS A 442 2.11 -44.62 38.12
CA LYS A 442 3.15 -43.81 38.74
C LYS A 442 4.07 -44.69 39.58
N MET B 1 14.65 70.12 17.04
CA MET B 1 13.24 70.30 17.37
C MET B 1 12.46 70.50 16.08
N ILE B 2 11.28 69.88 16.00
CA ILE B 2 10.43 69.99 14.81
C ILE B 2 9.79 71.38 14.80
N LYS B 3 9.41 71.84 13.62
CA LYS B 3 8.90 73.19 13.44
C LYS B 3 7.41 73.15 13.09
N ASN B 4 6.59 73.71 13.98
CA ASN B 4 5.14 73.75 13.80
C ASN B 4 4.75 75.19 13.48
N GLU B 5 4.55 75.47 12.19
CA GLU B 5 4.04 76.75 11.73
C GLU B 5 2.85 76.50 10.79
N ILE B 6 1.72 77.13 11.11
CA ILE B 6 0.50 76.95 10.34
C ILE B 6 0.55 77.89 9.14
N LYS B 7 0.45 77.31 7.94
CA LYS B 7 0.51 78.06 6.70
C LYS B 7 -0.77 77.85 5.91
N ILE B 8 -1.31 78.95 5.36
CA ILE B 8 -2.50 78.92 4.54
C ILE B 8 -2.11 79.36 3.14
N LEU B 9 -2.48 78.56 2.14
CA LEU B 9 -2.03 78.77 0.77
C LEU B 9 -3.20 79.13 -0.14
N SER B 10 -2.90 79.91 -1.17
CA SER B 10 -3.86 80.17 -2.23
C SER B 10 -3.93 78.96 -3.17
N ASP B 11 -4.97 78.94 -4.00
CA ASP B 11 -5.34 77.73 -4.76
C ASP B 11 -4.33 77.37 -5.85
N ILE B 12 -3.68 78.38 -6.45
CA ILE B 12 -2.64 78.12 -7.43
C ILE B 12 -1.43 77.46 -6.77
N GLU B 13 -1.00 78.00 -5.62
CA GLU B 13 0.09 77.39 -4.88
C GLU B 13 -0.33 76.10 -4.19
N HIS B 14 -1.62 75.96 -3.86
CA HIS B 14 -2.12 74.70 -3.32
C HIS B 14 -2.08 73.59 -4.36
N ILE B 15 -2.40 73.90 -5.61
CA ILE B 15 -2.27 72.90 -6.67
C ILE B 15 -0.81 72.65 -7.01
N LYS B 16 0.01 73.71 -7.08
CA LYS B 16 1.41 73.58 -7.49
C LYS B 16 2.29 72.94 -6.42
N LYS B 17 1.87 72.97 -5.15
CA LYS B 17 2.65 72.38 -4.08
C LYS B 17 2.14 71.00 -3.65
N ARG B 18 0.89 70.67 -3.97
CA ARG B 18 0.25 69.42 -3.56
C ARG B 18 -0.29 68.71 -4.80
N SER B 19 0.59 68.53 -5.80
CA SER B 19 0.21 68.05 -7.13
C SER B 19 -0.36 66.64 -7.15
N GLY B 20 -0.02 65.80 -6.17
CA GLY B 20 -0.58 64.46 -6.12
C GLY B 20 -2.04 64.40 -5.74
N MET B 21 -2.58 65.49 -5.17
CA MET B 21 -3.97 65.51 -4.76
C MET B 21 -4.89 65.66 -5.97
N TYR B 22 -4.44 66.35 -7.01
CA TYR B 22 -5.33 66.77 -8.10
C TYR B 22 -5.05 66.17 -9.48
N ILE B 23 -3.81 65.82 -9.82
CA ILE B 23 -3.55 65.18 -11.10
C ILE B 23 -3.19 63.71 -10.93
N GLY B 24 -3.33 63.16 -9.72
CA GLY B 24 -3.08 61.76 -9.48
C GLY B 24 -1.61 61.45 -9.29
N SER B 25 -1.16 60.34 -9.87
CA SER B 25 0.25 59.96 -9.79
C SER B 25 1.07 60.86 -10.69
N SER B 26 2.09 61.49 -10.12
CA SER B 26 2.93 62.46 -10.82
C SER B 26 4.36 61.97 -10.92
N ALA B 27 4.54 60.66 -11.15
CA ALA B 27 5.85 60.07 -11.29
C ALA B 27 5.86 59.12 -12.48
N ASN B 28 7.05 58.90 -13.03
CA ASN B 28 7.23 57.98 -14.15
C ASN B 28 7.08 56.55 -13.65
N GLU B 29 5.97 55.90 -14.00
CA GLU B 29 5.65 54.58 -13.49
C GLU B 29 5.23 53.64 -14.62
N MET B 30 5.16 52.36 -14.28
CA MET B 30 4.87 51.28 -15.21
C MET B 30 3.48 50.73 -14.90
N HIS B 31 2.75 50.38 -15.95
CA HIS B 31 1.44 49.77 -15.81
C HIS B 31 1.22 48.74 -16.91
N GLU B 32 0.43 47.72 -16.59
CA GLU B 32 -0.06 46.75 -17.56
C GLU B 32 -1.43 47.24 -18.02
N ARG B 33 -1.50 47.71 -19.26
CA ARG B 33 -2.72 48.35 -19.77
C ARG B 33 -3.05 47.86 -21.16
N PHE B 34 -4.31 48.09 -21.54
CA PHE B 34 -4.80 47.82 -22.88
C PHE B 34 -4.31 48.90 -23.85
N LEU B 35 -3.70 48.47 -24.96
CA LEU B 35 -3.29 49.37 -26.03
C LEU B 35 -3.54 48.64 -27.34
N PHE B 36 -4.53 49.14 -28.11
CA PHE B 36 -4.84 48.70 -29.49
C PHE B 36 -5.18 47.21 -29.60
N GLY B 37 -5.68 46.62 -28.53
CA GLY B 37 -5.97 45.20 -28.51
C GLY B 37 -5.08 44.36 -27.62
N LYS B 38 -3.94 44.89 -27.17
CA LYS B 38 -2.96 44.08 -26.42
C LYS B 38 -2.79 44.62 -25.02
N TRP B 39 -2.84 43.72 -24.03
CA TRP B 39 -2.57 44.05 -22.63
C TRP B 39 -1.06 43.95 -22.43
N GLU B 40 -0.40 45.11 -22.43
CA GLU B 40 1.05 45.16 -22.43
C GLU B 40 1.57 46.04 -21.30
N SER B 41 2.82 45.79 -20.93
CA SER B 41 3.50 46.51 -19.85
C SER B 41 4.26 47.69 -20.43
N VAL B 42 3.84 48.91 -20.08
CA VAL B 42 4.44 50.12 -20.62
C VAL B 42 4.59 51.17 -19.53
N GLN B 43 5.52 52.10 -19.74
CA GLN B 43 6.00 53.03 -18.74
C GLN B 43 5.83 54.47 -19.23
N TYR B 44 5.21 55.31 -18.39
CA TYR B 44 4.90 56.69 -18.79
C TYR B 44 4.67 57.54 -17.55
N VAL B 45 4.22 58.77 -17.80
CA VAL B 45 3.87 59.75 -16.77
C VAL B 45 2.37 60.04 -16.88
N PRO B 46 1.58 59.78 -15.84
CA PRO B 46 0.11 59.86 -15.98
C PRO B 46 -0.45 61.28 -15.98
N GLY B 47 0.31 62.28 -15.57
CA GLY B 47 -0.24 63.62 -15.40
C GLY B 47 -0.56 64.31 -16.71
N LEU B 48 0.31 64.15 -17.72
CA LEU B 48 0.08 64.73 -19.04
C LEU B 48 -1.15 64.12 -19.71
N VAL B 49 -1.28 62.79 -19.58
CA VAL B 49 -2.45 62.09 -20.13
C VAL B 49 -3.71 62.48 -19.39
N LYS B 50 -3.61 62.72 -18.08
CA LYS B 50 -4.77 63.17 -17.30
C LYS B 50 -5.21 64.58 -17.72
N LEU B 51 -4.26 65.49 -17.94
CA LEU B 51 -4.61 66.86 -18.33
C LEU B 51 -5.20 66.92 -19.74
N ILE B 52 -4.64 66.14 -20.68
CA ILE B 52 -5.25 66.11 -22.00
C ILE B 52 -6.56 65.33 -22.01
N ASP B 53 -6.78 64.42 -21.06
CA ASP B 53 -8.09 63.80 -20.93
C ASP B 53 -9.11 64.78 -20.38
N GLU B 54 -8.69 65.70 -19.50
CA GLU B 54 -9.55 66.79 -19.05
C GLU B 54 -9.93 67.71 -20.22
N ILE B 55 -8.98 68.01 -21.09
CA ILE B 55 -9.24 68.93 -22.21
C ILE B 55 -10.16 68.30 -23.25
N ILE B 56 -9.89 67.04 -23.64
CA ILE B 56 -10.81 66.37 -24.55
C ILE B 56 -12.14 66.00 -23.88
N ASP B 57 -12.16 65.91 -22.55
CA ASP B 57 -13.40 65.78 -21.81
C ASP B 57 -14.25 67.05 -21.86
N ASN B 58 -13.62 68.22 -21.83
CA ASN B 58 -14.39 69.44 -22.03
C ASN B 58 -14.86 69.60 -23.48
N SER B 59 -14.05 69.11 -24.43
CA SER B 59 -14.49 69.08 -25.83
C SER B 59 -15.69 68.16 -26.03
N VAL B 60 -15.69 66.99 -25.40
CA VAL B 60 -16.82 66.07 -25.58
C VAL B 60 -18.00 66.49 -24.70
N ASP B 61 -17.76 67.27 -23.64
CA ASP B 61 -18.86 67.85 -22.87
C ASP B 61 -19.55 68.95 -23.67
N GLU B 62 -18.78 69.72 -24.43
CA GLU B 62 -19.36 70.65 -25.39
C GLU B 62 -20.09 69.90 -26.51
N GLY B 63 -19.60 68.72 -26.90
CA GLY B 63 -20.31 67.91 -27.86
C GLY B 63 -21.63 67.34 -27.36
N ILE B 64 -21.69 66.97 -26.08
CA ILE B 64 -22.87 66.30 -25.55
C ILE B 64 -23.87 67.27 -24.90
N ARG B 65 -23.46 68.51 -24.61
CA ARG B 65 -24.44 69.50 -24.15
C ARG B 65 -25.36 69.97 -25.27
N THR B 66 -24.95 69.80 -26.53
CA THR B 66 -25.78 70.13 -27.68
C THR B 66 -26.39 68.90 -28.34
N LYS B 67 -26.02 67.69 -27.89
CA LYS B 67 -26.40 66.40 -28.45
C LYS B 67 -26.03 66.31 -29.93
N PHE B 68 -24.72 66.35 -30.19
CA PHE B 68 -24.01 66.11 -31.45
C PHE B 68 -24.29 67.14 -32.54
N LYS B 69 -25.07 68.20 -32.28
CA LYS B 69 -25.28 69.21 -33.30
C LYS B 69 -24.22 70.31 -33.26
N PHE B 70 -23.46 70.39 -32.17
CA PHE B 70 -22.27 71.22 -32.09
C PHE B 70 -21.18 70.43 -31.39
N ALA B 71 -19.93 70.73 -31.75
CA ALA B 71 -18.71 70.00 -31.37
C ALA B 71 -18.83 68.50 -31.66
N ASN B 72 -19.34 68.20 -32.86
CA ASN B 72 -19.35 66.84 -33.39
C ASN B 72 -18.01 66.45 -34.03
N LYS B 73 -17.08 67.39 -34.12
CA LYS B 73 -15.72 67.13 -34.52
C LYS B 73 -14.82 67.48 -33.35
N ILE B 74 -13.92 66.58 -32.98
CA ILE B 74 -12.90 66.87 -31.98
C ILE B 74 -11.55 66.44 -32.55
N ASN B 75 -10.65 67.40 -32.68
CA ASN B 75 -9.29 67.19 -33.16
C ASN B 75 -8.35 67.21 -31.98
N VAL B 76 -7.55 66.15 -31.85
CA VAL B 76 -6.49 66.07 -30.85
C VAL B 76 -5.17 66.02 -31.61
N THR B 77 -4.21 66.83 -31.18
CA THR B 77 -2.92 66.90 -31.87
C THR B 77 -1.84 67.03 -30.82
N ILE B 78 -1.15 65.91 -30.55
CA ILE B 78 -0.03 65.93 -29.60
C ILE B 78 1.26 65.71 -30.37
N LYS B 79 1.87 66.80 -30.82
CA LYS B 79 3.11 66.76 -31.56
C LYS B 79 4.10 67.75 -30.96
N ASN B 80 5.35 67.29 -30.77
CA ASN B 80 6.51 68.10 -30.35
C ASN B 80 6.25 68.85 -29.05
N ASN B 81 5.76 68.09 -28.05
CA ASN B 81 5.38 68.56 -26.70
C ASN B 81 4.26 69.59 -26.75
N GLN B 82 3.43 69.54 -27.80
CA GLN B 82 2.36 70.52 -27.93
C GLN B 82 1.04 69.80 -28.19
N VAL B 83 0.02 70.15 -27.43
CA VAL B 83 -1.29 69.54 -27.54
C VAL B 83 -2.28 70.60 -28.01
N THR B 84 -2.98 70.32 -29.10
CA THR B 84 -4.02 71.17 -29.65
C THR B 84 -5.29 70.33 -29.77
N VAL B 85 -6.31 70.69 -29.00
CA VAL B 85 -7.62 70.06 -29.07
C VAL B 85 -8.62 71.12 -29.50
N GLU B 86 -9.32 70.83 -30.59
CA GLU B 86 -10.25 71.78 -31.18
C GLU B 86 -11.60 71.12 -31.39
N ASP B 87 -12.66 71.86 -31.09
CA ASP B 87 -14.01 71.39 -31.40
C ASP B 87 -14.83 72.57 -31.92
N ASN B 88 -16.00 72.23 -32.47
CA ASN B 88 -16.85 73.16 -33.22
C ASN B 88 -18.15 73.43 -32.47
N GLY B 89 -18.05 73.68 -31.17
CA GLY B 89 -19.22 73.79 -30.32
C GLY B 89 -19.93 75.12 -30.41
N ARG B 90 -20.89 75.29 -29.51
CA ARG B 90 -21.56 76.58 -29.35
C ARG B 90 -20.60 77.63 -28.78
N GLY B 91 -19.63 77.19 -27.99
CA GLY B 91 -18.69 78.09 -27.37
C GLY B 91 -19.04 78.37 -25.92
N ILE B 92 -18.02 78.66 -25.13
CA ILE B 92 -18.21 79.14 -23.77
C ILE B 92 -18.86 80.52 -23.83
N PRO B 93 -19.91 80.79 -23.03
CA PRO B 93 -20.69 82.03 -23.22
C PRO B 93 -19.93 83.30 -22.87
N GLN B 94 -20.27 84.36 -23.62
CA GLN B 94 -19.69 85.69 -23.41
C GLN B 94 -20.29 86.37 -22.19
N ALA B 95 -21.41 85.85 -21.68
CA ALA B 95 -22.08 86.38 -20.49
C ALA B 95 -21.20 86.29 -19.25
N MET B 96 -21.29 87.33 -18.42
CA MET B 96 -20.33 87.56 -17.36
C MET B 96 -20.55 86.59 -16.20
N VAL B 97 -19.49 85.91 -15.79
CA VAL B 97 -19.50 85.11 -14.56
C VAL B 97 -18.93 85.97 -13.45
N LYS B 98 -19.37 85.69 -12.22
CA LYS B 98 -19.08 86.54 -11.07
C LYS B 98 -18.22 85.78 -10.07
N THR B 99 -17.03 86.31 -9.79
CA THR B 99 -16.14 85.76 -8.80
C THR B 99 -16.44 86.33 -7.42
N PRO B 100 -16.21 85.56 -6.35
CA PRO B 100 -16.40 86.10 -4.99
C PRO B 100 -15.38 87.15 -4.58
N THR B 101 -14.25 87.28 -5.30
CA THR B 101 -13.27 88.30 -4.97
C THR B 101 -13.72 89.70 -5.39
N GLY B 102 -14.70 89.80 -6.28
CA GLY B 102 -15.23 91.08 -6.71
C GLY B 102 -14.77 91.53 -8.08
N GLU B 103 -13.68 90.96 -8.60
CA GLU B 103 -13.23 91.30 -9.94
C GLU B 103 -14.05 90.57 -10.99
N GLU B 104 -14.50 91.31 -12.00
CA GLU B 104 -15.35 90.75 -13.05
C GLU B 104 -14.45 90.11 -14.10
N ILE B 105 -14.32 88.80 -14.02
CA ILE B 105 -13.43 88.02 -14.89
C ILE B 105 -14.31 87.33 -15.93
N PRO B 106 -14.00 87.45 -17.22
CA PRO B 106 -14.87 86.89 -18.27
C PRO B 106 -14.88 85.36 -18.29
N GLY B 107 -15.85 84.83 -19.04
CA GLY B 107 -16.28 83.44 -19.00
C GLY B 107 -15.25 82.36 -19.26
N PRO B 108 -14.69 82.30 -20.49
CA PRO B 108 -13.61 81.33 -20.76
C PRO B 108 -12.35 81.55 -19.93
N VAL B 109 -12.02 82.80 -19.61
CA VAL B 109 -10.80 83.03 -18.83
C VAL B 109 -11.01 82.76 -17.34
N ALA B 110 -12.23 82.95 -16.81
CA ALA B 110 -12.45 82.52 -15.44
C ALA B 110 -12.75 81.03 -15.35
N ALA B 111 -13.10 80.40 -16.46
CA ALA B 111 -13.21 78.96 -16.51
C ALA B 111 -11.91 78.27 -16.92
N TRP B 112 -10.88 79.05 -17.26
CA TRP B 112 -9.59 78.51 -17.66
C TRP B 112 -8.44 78.89 -16.74
N THR B 113 -8.38 80.13 -16.26
CA THR B 113 -7.28 80.51 -15.37
C THR B 113 -7.54 80.03 -13.95
N ILE B 114 -8.62 80.52 -13.34
CA ILE B 114 -8.94 80.20 -11.95
C ILE B 114 -9.86 78.98 -11.91
N PRO B 115 -9.74 78.12 -10.90
CA PRO B 115 -10.59 76.92 -10.84
C PRO B 115 -11.98 77.19 -10.28
N LYS B 116 -12.75 76.09 -10.14
CA LYS B 116 -14.08 76.06 -9.50
C LYS B 116 -15.09 76.98 -10.20
N ALA B 117 -15.07 77.00 -11.52
CA ALA B 117 -16.04 77.75 -12.31
C ALA B 117 -16.59 76.85 -13.40
N GLY B 118 -17.90 76.88 -13.58
CA GLY B 118 -18.52 76.02 -14.57
C GLY B 118 -20.00 76.23 -14.69
N GLY B 119 -20.65 75.31 -15.41
CA GLY B 119 -22.07 75.41 -15.69
C GLY B 119 -22.85 74.14 -15.42
N ASN B 120 -22.16 73.05 -15.07
CA ASN B 120 -22.82 71.80 -14.70
C ASN B 120 -22.94 71.63 -13.19
N PHE B 121 -23.14 72.73 -12.47
CA PHE B 121 -23.29 72.73 -11.03
C PHE B 121 -24.74 72.63 -10.57
N GLY B 122 -25.68 72.50 -11.52
CA GLY B 122 -27.08 72.52 -11.18
C GLY B 122 -27.63 71.19 -10.71
N ASP B 123 -28.75 70.78 -11.30
CA ASP B 123 -29.43 69.56 -10.90
C ASP B 123 -28.65 68.33 -11.36
N ASP B 124 -28.77 67.25 -10.58
CA ASP B 124 -28.06 66.01 -10.86
C ASP B 124 -28.91 64.96 -11.55
N LYS B 125 -30.24 65.05 -11.42
CA LYS B 125 -31.12 64.03 -12.00
C LYS B 125 -31.24 64.16 -13.51
N GLU B 126 -30.98 65.33 -14.06
CA GLU B 126 -31.09 65.56 -15.50
C GLU B 126 -29.74 65.55 -16.21
N ARG B 127 -28.66 65.91 -15.51
CA ARG B 127 -27.41 66.28 -16.16
C ARG B 127 -26.62 65.03 -16.52
N VAL B 128 -26.24 64.92 -17.79
CA VAL B 128 -25.49 63.76 -18.27
C VAL B 128 -24.02 64.04 -18.47
N THR B 129 -23.53 65.24 -18.12
CA THR B 129 -22.13 65.56 -18.30
C THR B 129 -21.29 64.90 -17.21
N GLY B 130 -20.18 64.27 -17.63
CA GLY B 130 -19.37 63.51 -16.69
C GLY B 130 -18.61 64.36 -15.70
N GLY B 131 -18.07 65.48 -16.16
CA GLY B 131 -17.34 66.39 -15.30
C GLY B 131 -18.24 67.46 -14.69
N MET B 132 -17.92 67.85 -13.47
CA MET B 132 -18.78 68.77 -12.72
C MET B 132 -18.08 70.09 -12.43
N ASN B 133 -16.75 70.07 -12.37
CA ASN B 133 -15.98 71.01 -11.57
C ASN B 133 -15.44 72.20 -12.35
N GLY B 134 -14.72 71.96 -13.45
CA GLY B 134 -14.00 73.05 -14.08
C GLY B 134 -12.63 73.31 -13.50
N VAL B 135 -12.16 72.46 -12.59
CA VAL B 135 -10.83 72.61 -12.03
C VAL B 135 -9.83 72.06 -13.04
N GLY B 136 -10.24 71.01 -13.76
CA GLY B 136 -9.33 70.29 -14.64
C GLY B 136 -8.85 71.08 -15.84
N SER B 137 -9.66 72.01 -16.34
CA SER B 137 -9.18 72.97 -17.33
C SER B 137 -8.12 73.88 -16.75
N SER B 138 -8.34 74.37 -15.53
CA SER B 138 -7.30 75.14 -14.84
C SER B 138 -6.17 74.26 -14.34
N LEU B 139 -6.42 72.96 -14.12
CA LEU B 139 -5.32 72.03 -13.85
C LEU B 139 -4.41 71.89 -15.05
N THR B 140 -4.98 71.87 -16.26
CA THR B 140 -4.16 71.87 -17.47
C THR B 140 -3.48 73.22 -17.65
N ASN B 141 -4.15 74.30 -17.27
CA ASN B 141 -3.59 75.64 -17.42
C ASN B 141 -2.43 75.91 -16.45
N ILE B 142 -2.46 75.27 -15.27
CA ILE B 142 -1.41 75.50 -14.28
C ILE B 142 -0.10 74.84 -14.70
N PHE B 143 -0.17 73.59 -15.18
CA PHE B 143 1.03 72.82 -15.49
C PHE B 143 1.51 73.00 -16.93
N SER B 144 1.23 74.14 -17.55
CA SER B 144 1.69 74.43 -18.90
C SER B 144 2.57 75.66 -18.89
N VAL B 145 3.70 75.58 -19.61
CA VAL B 145 4.56 76.76 -19.75
C VAL B 145 3.92 77.81 -20.65
N MET B 146 3.06 77.41 -21.59
CA MET B 146 2.15 78.34 -22.25
C MET B 146 0.88 77.61 -22.66
N PHE B 147 -0.22 78.37 -22.67
CA PHE B 147 -1.52 77.88 -23.12
C PHE B 147 -2.22 79.04 -23.83
N VAL B 148 -2.71 78.78 -25.04
CA VAL B 148 -3.56 79.71 -25.76
C VAL B 148 -4.89 79.02 -26.05
N GLY B 149 -5.98 79.73 -25.77
CA GLY B 149 -7.30 79.18 -25.99
C GLY B 149 -8.23 80.17 -26.66
N GLU B 150 -8.75 79.80 -27.82
CA GLU B 150 -9.63 80.66 -28.60
C GLU B 150 -11.05 80.10 -28.52
N THR B 151 -11.95 80.89 -27.96
CA THR B 151 -13.35 80.49 -27.80
C THR B 151 -14.22 81.43 -28.62
N GLY B 152 -14.98 80.86 -29.56
CA GLY B 152 -15.89 81.66 -30.35
C GLY B 152 -17.31 81.16 -30.31
N ASP B 153 -18.27 82.07 -30.15
CA ASP B 153 -19.69 81.75 -30.21
C ASP B 153 -20.33 82.18 -31.50
N GLY B 154 -19.53 82.48 -32.53
CA GLY B 154 -20.04 83.02 -33.77
C GLY B 154 -20.09 84.53 -33.83
N GLN B 155 -19.84 85.21 -32.71
CA GLN B 155 -19.88 86.66 -32.63
C GLN B 155 -18.55 87.28 -32.23
N ASN B 156 -17.83 86.68 -31.30
CA ASN B 156 -16.54 87.18 -30.85
C ASN B 156 -15.62 86.01 -30.51
N ASN B 157 -14.33 86.24 -30.65
CA ASN B 157 -13.30 85.26 -30.28
C ASN B 157 -12.58 85.75 -29.03
N ILE B 158 -12.58 84.93 -27.99
CA ILE B 158 -11.91 85.24 -26.74
C ILE B 158 -10.63 84.41 -26.70
N VAL B 159 -9.49 85.09 -26.67
CA VAL B 159 -8.19 84.46 -26.63
C VAL B 159 -7.63 84.58 -25.22
N VAL B 160 -7.36 83.43 -24.62
CA VAL B 160 -6.76 83.32 -23.30
C VAL B 160 -5.31 82.89 -23.47
N ARG B 161 -4.40 83.70 -22.95
CA ARG B 161 -2.96 83.46 -23.08
C ARG B 161 -2.37 83.40 -21.68
N CYS B 162 -1.85 82.23 -21.31
CA CYS B 162 -1.27 82.03 -19.99
C CYS B 162 0.14 81.48 -20.15
N SER B 163 1.03 81.91 -19.26
CA SER B 163 2.44 81.56 -19.36
C SER B 163 3.10 81.65 -18.00
N ASN B 164 4.34 81.14 -17.95
CA ASN B 164 5.26 81.18 -16.81
C ASN B 164 4.71 80.47 -15.58
N GLY B 165 3.92 79.40 -15.80
CA GLY B 165 3.34 78.63 -14.71
C GLY B 165 2.32 79.41 -13.90
N MET B 166 1.32 79.95 -14.61
CA MET B 166 0.23 80.79 -14.10
C MET B 166 0.73 82.08 -13.44
N GLU B 167 1.93 82.54 -13.80
CA GLU B 167 2.37 83.87 -13.38
C GLU B 167 1.91 84.93 -14.35
N ASN B 168 1.68 84.56 -15.61
CA ASN B 168 1.12 85.45 -16.62
C ASN B 168 -0.23 84.90 -17.05
N LYS B 169 -1.27 85.70 -16.92
CA LYS B 169 -2.60 85.34 -17.41
C LYS B 169 -3.21 86.56 -18.08
N SER B 170 -3.73 86.38 -19.29
CA SER B 170 -4.29 87.49 -20.03
C SER B 170 -5.45 86.99 -20.87
N TRP B 171 -6.41 87.89 -21.09
CA TRP B 171 -7.58 87.62 -21.92
C TRP B 171 -7.80 88.79 -22.86
N GLU B 172 -8.13 88.48 -24.11
CA GLU B 172 -8.49 89.50 -25.08
C GLU B 172 -9.70 89.04 -25.87
N THR B 173 -10.44 89.99 -26.40
CA THR B 173 -11.64 89.70 -27.19
C THR B 173 -11.52 90.41 -28.52
N ILE B 174 -11.63 89.67 -29.60
CA ILE B 174 -11.53 90.20 -30.96
C ILE B 174 -12.82 89.86 -31.68
N PRO B 175 -13.19 90.64 -32.71
CA PRO B 175 -14.33 90.24 -33.54
C PRO B 175 -14.02 88.99 -34.35
N GLY B 176 -15.07 88.21 -34.61
CA GLY B 176 -14.92 86.98 -35.35
C GLY B 176 -16.27 86.35 -35.61
N LYS B 177 -16.25 85.25 -36.36
CA LYS B 177 -17.48 84.52 -36.70
C LYS B 177 -17.34 83.02 -36.45
N TRP B 178 -16.23 82.58 -35.87
CA TRP B 178 -16.02 81.16 -35.59
C TRP B 178 -16.87 80.72 -34.41
N LYS B 179 -17.37 79.49 -34.47
CA LYS B 179 -18.19 78.90 -33.41
C LYS B 179 -17.52 77.60 -32.98
N GLY B 180 -16.65 77.70 -31.98
CA GLY B 180 -15.92 76.54 -31.50
C GLY B 180 -14.97 76.91 -30.38
N THR B 181 -14.09 75.96 -30.05
CA THR B 181 -13.10 76.16 -29.00
C THR B 181 -11.81 75.46 -29.41
N ARG B 182 -10.70 76.20 -29.39
CA ARG B 182 -9.38 75.67 -29.69
C ARG B 182 -8.48 75.84 -28.48
N VAL B 183 -7.76 74.79 -28.14
CA VAL B 183 -6.84 74.77 -27.01
C VAL B 183 -5.47 74.31 -27.52
N THR B 184 -4.44 75.12 -27.31
CA THR B 184 -3.08 74.76 -27.70
C THR B 184 -2.16 75.09 -26.54
N PHE B 185 -1.48 74.07 -26.01
CA PHE B 185 -0.62 74.30 -24.86
C PHE B 185 0.62 73.42 -24.96
N ILE B 186 1.69 73.89 -24.34
CA ILE B 186 2.89 73.08 -24.11
C ILE B 186 3.00 72.85 -22.60
N PRO B 187 2.95 71.61 -22.13
CA PRO B 187 3.03 71.38 -20.68
C PRO B 187 4.40 71.66 -20.10
N ASP B 188 4.41 71.99 -18.82
CA ASP B 188 5.66 72.22 -18.09
C ASP B 188 6.39 70.91 -17.87
N PHE B 189 7.72 70.99 -17.85
CA PHE B 189 8.56 69.81 -17.61
C PHE B 189 9.49 70.00 -16.41
N MET B 190 9.31 71.08 -15.64
CA MET B 190 10.11 71.30 -14.44
C MET B 190 9.52 70.62 -13.22
N SER B 191 8.31 70.07 -13.33
CA SER B 191 7.64 69.41 -12.21
C SER B 191 7.39 67.93 -12.43
N PHE B 192 7.09 67.51 -13.66
CA PHE B 192 6.85 66.12 -13.96
C PHE B 192 8.15 65.34 -14.02
N GLU B 193 8.04 64.01 -13.99
CA GLU B 193 9.21 63.14 -14.16
C GLU B 193 9.40 62.75 -15.62
N THR B 194 9.38 63.76 -16.49
CA THR B 194 9.60 63.62 -17.92
C THR B 194 10.02 64.97 -18.46
N ASN B 195 10.59 64.97 -19.66
CA ASN B 195 10.99 66.20 -20.33
C ASN B 195 10.36 66.40 -21.70
N GLU B 196 9.89 65.34 -22.34
CA GLU B 196 9.26 65.46 -23.65
C GLU B 196 8.01 64.58 -23.70
N LEU B 197 7.08 64.98 -24.57
CA LEU B 197 5.88 64.19 -24.85
C LEU B 197 6.26 63.08 -25.82
N SER B 198 6.58 61.91 -25.30
CA SER B 198 6.95 60.78 -26.15
C SER B 198 5.70 60.12 -26.71
N GLN B 199 5.91 59.09 -27.54
CA GLN B 199 4.81 58.48 -28.28
C GLN B 199 3.97 57.52 -27.44
N VAL B 200 4.38 57.21 -26.20
CA VAL B 200 3.58 56.28 -25.40
C VAL B 200 2.36 56.99 -24.79
N TYR B 201 2.50 58.30 -24.49
CA TYR B 201 1.34 59.12 -24.12
C TYR B 201 0.37 59.22 -25.29
N LEU B 202 0.91 59.35 -26.51
CA LEU B 202 0.11 59.29 -27.72
C LEU B 202 -0.53 57.93 -27.92
N ASP B 203 0.11 56.84 -27.46
CA ASP B 203 -0.49 55.51 -27.56
C ASP B 203 -1.68 55.37 -26.63
N ILE B 204 -1.56 55.87 -25.39
CA ILE B 204 -2.69 55.86 -24.45
C ILE B 204 -3.83 56.73 -24.97
N THR B 205 -3.49 57.92 -25.47
CA THR B 205 -4.51 58.87 -25.91
C THR B 205 -5.18 58.41 -27.21
N LEU B 206 -4.42 57.76 -28.09
CA LEU B 206 -5.00 57.25 -29.32
C LEU B 206 -5.81 55.98 -29.10
N ASP B 207 -5.42 55.13 -28.14
CA ASP B 207 -6.27 54.00 -27.77
C ASP B 207 -7.57 54.48 -27.13
N ARG B 208 -7.47 55.51 -26.27
CA ARG B 208 -8.65 56.12 -25.67
C ARG B 208 -9.55 56.79 -26.70
N LEU B 209 -8.96 57.48 -27.68
CA LEU B 209 -9.75 58.18 -28.69
C LEU B 209 -10.34 57.22 -29.71
N GLN B 210 -9.65 56.11 -30.00
CA GLN B 210 -10.24 55.05 -30.81
C GLN B 210 -11.40 54.39 -30.08
N THR B 211 -11.25 54.20 -28.75
CA THR B 211 -12.34 53.69 -27.93
C THR B 211 -13.53 54.63 -27.92
N LEU B 212 -13.28 55.94 -27.84
CA LEU B 212 -14.35 56.93 -27.83
C LEU B 212 -15.03 57.09 -29.19
N ALA B 213 -14.28 56.92 -30.28
CA ALA B 213 -14.89 56.94 -31.61
C ALA B 213 -15.70 55.67 -31.87
N VAL B 214 -15.30 54.55 -31.25
CA VAL B 214 -16.14 53.36 -31.25
C VAL B 214 -17.42 53.62 -30.45
N VAL B 215 -17.29 54.33 -29.32
CA VAL B 215 -18.46 54.75 -28.54
C VAL B 215 -19.29 55.77 -29.31
N TYR B 216 -18.65 56.80 -29.85
CA TYR B 216 -19.36 57.85 -30.59
C TYR B 216 -18.96 57.83 -32.05
N PRO B 217 -19.78 57.27 -32.94
CA PRO B 217 -19.74 57.68 -34.34
C PRO B 217 -20.47 58.99 -34.58
N ASP B 218 -21.30 59.42 -33.63
CA ASP B 218 -22.02 60.68 -33.77
C ASP B 218 -21.10 61.88 -33.62
N ILE B 219 -20.12 61.80 -32.73
CA ILE B 219 -19.03 62.76 -32.70
C ILE B 219 -17.81 62.09 -33.31
N GLN B 220 -17.35 62.61 -34.44
CA GLN B 220 -16.22 62.01 -35.12
C GLN B 220 -14.94 62.64 -34.57
N PHE B 221 -13.95 61.79 -34.30
CA PHE B 221 -12.71 62.27 -33.71
C PHE B 221 -11.56 62.14 -34.70
N THR B 222 -10.57 63.01 -34.54
CA THR B 222 -9.28 62.88 -35.24
C THR B 222 -8.16 62.95 -34.23
N PHE B 223 -7.09 62.21 -34.49
CA PHE B 223 -5.85 62.33 -33.76
C PHE B 223 -4.73 62.71 -34.72
N ASN B 224 -4.11 63.87 -34.47
CA ASN B 224 -2.97 64.43 -35.25
C ASN B 224 -3.29 64.60 -36.73
N GLY B 225 -4.55 64.84 -37.07
CA GLY B 225 -4.97 64.89 -38.45
C GLY B 225 -5.32 63.55 -39.07
N LYS B 226 -5.07 62.44 -38.37
CA LYS B 226 -5.51 61.13 -38.84
C LYS B 226 -6.91 60.87 -38.31
N LYS B 227 -7.82 60.52 -39.23
CA LYS B 227 -9.22 60.32 -38.88
C LYS B 227 -9.40 59.04 -38.08
N VAL B 228 -10.15 59.14 -37.00
CA VAL B 228 -10.29 58.07 -36.03
C VAL B 228 -11.70 57.50 -36.14
N GLN B 229 -11.80 56.33 -36.77
CA GLN B 229 -13.06 55.67 -37.07
C GLN B 229 -13.58 54.91 -35.86
N GLY B 230 -14.81 54.41 -35.97
CA GLY B 230 -15.36 53.66 -34.85
C GLY B 230 -16.49 52.68 -35.15
N ASN B 231 -16.35 51.46 -34.63
CA ASN B 231 -17.38 50.43 -34.68
C ASN B 231 -17.13 49.46 -33.54
N PHE B 232 -18.20 48.93 -32.96
CA PHE B 232 -18.07 48.07 -31.78
C PHE B 232 -17.50 46.71 -32.10
N LYS B 233 -17.70 46.21 -33.33
CA LYS B 233 -17.28 44.85 -33.67
C LYS B 233 -15.76 44.73 -33.76
N LYS B 234 -15.10 45.74 -34.34
CA LYS B 234 -13.64 45.71 -34.42
C LYS B 234 -12.99 45.92 -33.06
N TYR B 235 -13.57 46.78 -32.22
CA TYR B 235 -13.03 46.97 -30.87
C TYR B 235 -13.34 45.77 -29.99
N ALA B 236 -14.36 44.98 -30.34
CA ALA B 236 -14.54 43.69 -29.68
C ALA B 236 -13.50 42.68 -30.14
N ARG B 237 -13.24 42.62 -31.45
CA ARG B 237 -12.39 41.58 -32.01
C ARG B 237 -10.90 41.82 -31.81
N GLN B 238 -10.48 43.06 -31.52
CA GLN B 238 -9.04 43.33 -31.43
C GLN B 238 -8.43 42.78 -30.14
N TYR B 239 -9.23 42.54 -29.10
CA TYR B 239 -8.70 41.92 -27.89
C TYR B 239 -8.75 40.41 -27.99
N ASP B 240 -9.91 39.86 -28.37
CA ASP B 240 -10.04 38.45 -28.68
C ASP B 240 -10.99 38.28 -29.85
N GLU B 241 -10.64 37.35 -30.74
CA GLU B 241 -11.44 37.08 -31.93
C GLU B 241 -12.70 36.29 -31.63
N HIS B 242 -12.82 35.74 -30.43
CA HIS B 242 -14.01 35.03 -29.96
C HIS B 242 -14.73 35.86 -28.90
N ALA B 243 -14.71 37.18 -29.07
CA ALA B 243 -15.44 38.07 -28.18
C ALA B 243 -16.93 37.95 -28.41
N ILE B 244 -17.70 38.18 -27.34
CA ILE B 244 -19.14 38.01 -27.35
C ILE B 244 -19.76 39.39 -27.24
N VAL B 245 -20.64 39.72 -28.20
CA VAL B 245 -21.17 41.06 -28.39
C VAL B 245 -22.64 41.09 -28.02
N GLN B 246 -22.99 42.00 -27.12
CA GLN B 246 -24.38 42.34 -26.87
C GLN B 246 -24.52 43.85 -26.79
N GLU B 247 -25.39 44.41 -27.62
CA GLU B 247 -25.60 45.86 -27.68
C GLU B 247 -26.99 46.21 -27.20
N GLN B 248 -27.08 47.28 -26.42
CA GLN B 248 -28.37 47.79 -25.94
C GLN B 248 -28.52 49.25 -26.33
N GLU B 249 -29.56 49.91 -25.83
CA GLU B 249 -29.70 51.35 -26.02
C GLU B 249 -28.76 52.14 -25.13
N ASN B 250 -28.18 51.51 -24.10
CA ASN B 250 -27.32 52.19 -23.16
C ASN B 250 -26.08 51.38 -22.77
N CYS B 251 -25.92 50.16 -23.27
CA CYS B 251 -24.76 49.35 -22.94
C CYS B 251 -24.31 48.55 -24.16
N SER B 252 -23.01 48.34 -24.25
CA SER B 252 -22.41 47.57 -25.35
C SER B 252 -21.27 46.76 -24.76
N ILE B 253 -21.44 45.45 -24.66
CA ILE B 253 -20.56 44.58 -23.90
C ILE B 253 -19.94 43.52 -24.81
N ALA B 254 -18.63 43.32 -24.67
CA ALA B 254 -17.88 42.31 -25.39
C ALA B 254 -17.10 41.46 -24.39
N VAL B 255 -17.08 40.15 -24.62
CA VAL B 255 -16.47 39.19 -23.71
C VAL B 255 -15.32 38.49 -24.44
N GLY B 256 -14.12 38.61 -23.88
CA GLY B 256 -12.94 37.98 -24.47
C GLY B 256 -12.38 36.85 -23.64
N ARG B 257 -11.07 36.60 -23.77
CA ARG B 257 -10.37 35.55 -23.03
C ARG B 257 -9.15 36.14 -22.32
N SER B 258 -8.74 35.48 -21.23
CA SER B 258 -7.60 35.94 -20.44
C SER B 258 -6.97 34.76 -19.72
N PRO B 259 -5.94 34.14 -20.30
CA PRO B 259 -5.29 33.00 -19.64
C PRO B 259 -4.21 33.34 -18.62
N ASP B 260 -3.78 34.59 -18.51
CA ASP B 260 -2.63 34.94 -17.67
C ASP B 260 -2.90 36.17 -16.82
N GLY B 261 -4.06 36.22 -16.16
CA GLY B 261 -4.37 37.26 -15.21
C GLY B 261 -5.66 37.97 -15.53
N PHE B 262 -5.95 38.99 -14.72
CA PHE B 262 -7.21 39.71 -14.79
C PHE B 262 -7.06 40.97 -15.63
N ARG B 263 -7.93 41.10 -16.64
CA ARG B 263 -7.97 42.25 -17.53
C ARG B 263 -9.41 42.75 -17.63
N GLN B 264 -9.57 44.06 -17.83
CA GLN B 264 -10.90 44.65 -17.92
C GLN B 264 -10.85 45.97 -18.67
N LEU B 265 -12.03 46.42 -19.10
CA LEU B 265 -12.20 47.69 -19.79
C LEU B 265 -13.58 48.24 -19.47
N THR B 266 -13.61 49.44 -18.87
CA THR B 266 -14.86 50.07 -18.43
C THR B 266 -14.85 51.52 -18.91
N TYR B 267 -15.99 51.98 -19.43
CA TYR B 267 -16.20 53.39 -19.72
C TYR B 267 -17.51 53.83 -19.07
N VAL B 268 -17.43 54.77 -18.15
CA VAL B 268 -18.61 55.41 -17.58
C VAL B 268 -18.84 56.72 -18.32
N ASN B 269 -19.87 56.75 -19.17
CA ASN B 269 -20.22 57.83 -20.10
C ASN B 269 -19.00 58.05 -21.01
N ASN B 270 -18.25 59.14 -20.86
CA ASN B 270 -17.05 59.32 -21.66
C ASN B 270 -15.77 58.99 -20.89
N ILE B 271 -15.88 58.57 -19.64
CA ILE B 271 -14.74 58.49 -18.74
C ILE B 271 -14.41 57.03 -18.48
N HIS B 272 -13.14 56.68 -18.70
CA HIS B 272 -12.68 55.32 -18.48
C HIS B 272 -12.27 55.14 -17.02
N THR B 273 -12.68 54.03 -16.43
CA THR B 273 -12.18 53.61 -15.13
C THR B 273 -11.31 52.38 -15.36
N LYS B 274 -9.99 52.57 -15.28
CA LYS B 274 -9.05 51.46 -15.37
C LYS B 274 -8.94 50.69 -14.07
N ASN B 275 -9.46 51.23 -12.97
CA ASN B 275 -9.46 50.56 -11.68
C ASN B 275 -10.76 49.80 -11.45
N GLY B 276 -11.90 50.38 -11.78
CA GLY B 276 -13.17 49.71 -11.67
C GLY B 276 -14.29 50.61 -11.19
N GLY B 277 -15.31 49.98 -10.62
CA GLY B 277 -16.47 50.71 -10.16
C GLY B 277 -17.47 49.76 -9.51
N HIS B 278 -18.73 50.20 -9.48
CA HIS B 278 -19.79 49.41 -8.90
C HIS B 278 -20.86 49.00 -9.91
N HIS B 279 -20.86 49.55 -11.11
CA HIS B 279 -21.70 49.00 -12.16
C HIS B 279 -21.14 47.70 -12.70
N ILE B 280 -19.81 47.56 -12.70
CA ILE B 280 -19.18 46.34 -13.17
C ILE B 280 -19.44 45.18 -12.22
N ASP B 281 -19.59 45.46 -10.92
CA ASP B 281 -20.00 44.43 -9.97
C ASP B 281 -21.42 43.96 -10.24
N CYS B 282 -22.29 44.88 -10.67
CA CYS B 282 -23.63 44.50 -11.12
C CYS B 282 -23.58 43.70 -12.42
N VAL B 283 -22.62 43.99 -13.30
CA VAL B 283 -22.55 43.29 -14.58
C VAL B 283 -22.07 41.85 -14.39
N MET B 284 -20.96 41.65 -13.64
CA MET B 284 -20.59 40.29 -13.21
C MET B 284 -21.63 39.60 -12.34
N ASP B 285 -22.40 40.33 -11.51
CA ASP B 285 -23.43 39.68 -10.71
C ASP B 285 -24.58 39.17 -11.58
N ASP B 286 -25.09 40.00 -12.50
CA ASP B 286 -26.18 39.60 -13.37
C ASP B 286 -25.73 38.59 -14.41
N ILE B 287 -24.44 38.59 -14.77
CA ILE B 287 -23.93 37.57 -15.70
C ILE B 287 -23.75 36.24 -14.97
N CYS B 288 -23.14 36.27 -13.78
CA CYS B 288 -22.79 35.05 -13.06
C CYS B 288 -24.01 34.36 -12.47
N GLU B 289 -25.04 35.13 -12.07
CA GLU B 289 -26.27 34.54 -11.52
C GLU B 289 -27.06 33.77 -12.58
N ASP B 290 -26.86 34.07 -13.86
CA ASP B 290 -27.41 33.26 -14.94
C ASP B 290 -26.40 32.28 -15.52
N LEU B 291 -25.11 32.48 -15.27
CA LEU B 291 -24.06 31.67 -15.88
C LEU B 291 -23.64 30.46 -15.04
N ILE B 292 -23.27 30.70 -13.78
CA ILE B 292 -22.68 29.68 -12.90
C ILE B 292 -23.63 28.49 -12.61
N PRO B 293 -24.94 28.67 -12.33
CA PRO B 293 -25.82 27.46 -12.33
C PRO B 293 -25.97 26.81 -13.69
N GLN B 294 -25.88 27.56 -14.80
CA GLN B 294 -25.97 26.94 -16.13
C GLN B 294 -24.74 26.10 -16.44
N ILE B 295 -23.55 26.60 -16.10
CA ILE B 295 -22.32 25.81 -16.27
C ILE B 295 -22.29 24.62 -15.31
N LYS B 296 -22.81 24.81 -14.09
CA LYS B 296 -22.87 23.72 -13.12
C LYS B 296 -23.85 22.63 -13.55
N ARG B 297 -24.96 23.01 -14.19
CA ARG B 297 -25.85 22.00 -14.77
C ARG B 297 -25.32 21.44 -16.08
N LYS B 298 -24.42 22.15 -16.76
CA LYS B 298 -23.91 21.68 -18.04
C LYS B 298 -22.80 20.65 -17.88
N PHE B 299 -21.74 20.99 -17.14
CA PHE B 299 -20.55 20.15 -17.08
C PHE B 299 -20.22 19.64 -15.68
N LYS B 300 -21.14 19.84 -14.71
CA LYS B 300 -21.06 19.30 -13.34
C LYS B 300 -19.81 19.77 -12.59
N ILE B 301 -19.37 20.99 -12.88
CA ILE B 301 -18.15 21.53 -12.30
C ILE B 301 -18.52 22.65 -11.34
N ASP B 302 -17.67 22.83 -10.32
CA ASP B 302 -17.84 23.88 -9.32
C ASP B 302 -16.55 24.70 -9.32
N VAL B 303 -16.49 25.69 -10.19
CA VAL B 303 -15.38 26.63 -10.26
C VAL B 303 -15.84 27.93 -9.62
N THR B 304 -14.99 28.52 -8.79
CA THR B 304 -15.39 29.67 -8.00
C THR B 304 -15.50 30.92 -8.86
N LYS B 305 -16.13 31.95 -8.28
CA LYS B 305 -16.42 33.19 -9.01
C LYS B 305 -15.14 33.95 -9.33
N ALA B 306 -14.15 33.92 -8.43
CA ALA B 306 -12.87 34.54 -8.71
C ALA B 306 -12.08 33.76 -9.76
N ARG B 307 -12.18 32.43 -9.74
CA ARG B 307 -11.42 31.60 -10.67
C ARG B 307 -11.98 31.70 -12.09
N VAL B 308 -13.26 31.99 -12.25
CA VAL B 308 -13.80 32.29 -13.57
C VAL B 308 -13.78 33.78 -13.88
N LYS B 309 -13.61 34.63 -12.86
CA LYS B 309 -13.52 36.07 -13.08
C LYS B 309 -12.15 36.47 -13.60
N GLU B 310 -11.11 35.79 -13.13
CA GLU B 310 -9.75 36.03 -13.59
C GLU B 310 -9.48 35.46 -14.98
N CYS B 311 -10.39 34.64 -15.52
CA CYS B 311 -10.19 34.02 -16.83
C CYS B 311 -10.81 34.81 -17.96
N LEU B 312 -11.46 35.95 -17.70
CA LEU B 312 -12.19 36.70 -18.71
C LEU B 312 -11.75 38.17 -18.71
N THR B 313 -11.93 38.81 -19.86
CA THR B 313 -11.89 40.27 -19.96
C THR B 313 -13.26 40.73 -20.47
N ILE B 314 -13.74 41.85 -19.92
CA ILE B 314 -15.03 42.41 -20.29
C ILE B 314 -14.81 43.84 -20.76
N VAL B 315 -15.38 44.18 -21.90
CA VAL B 315 -15.28 45.52 -22.48
C VAL B 315 -16.70 46.06 -22.57
N MET B 316 -17.03 47.06 -21.75
CA MET B 316 -18.38 47.61 -21.74
C MET B 316 -18.35 49.11 -22.04
N PHE B 317 -19.32 49.54 -22.84
CA PHE B 317 -19.51 50.94 -23.17
C PHE B 317 -20.88 51.36 -22.69
N VAL B 318 -20.92 52.39 -21.84
CA VAL B 318 -22.13 52.88 -21.21
C VAL B 318 -22.30 54.34 -21.63
N ARG B 319 -23.50 54.70 -22.10
CA ARG B 319 -23.76 56.03 -22.64
C ARG B 319 -24.96 56.67 -21.94
N ASP B 320 -24.76 57.91 -21.48
CA ASP B 320 -25.81 58.86 -21.07
C ASP B 320 -26.66 58.33 -19.91
N MET B 321 -26.01 58.19 -18.75
CA MET B 321 -26.70 57.86 -17.52
C MET B 321 -26.50 58.94 -16.47
N LYS B 322 -27.52 59.10 -15.61
CA LYS B 322 -27.68 60.26 -14.75
C LYS B 322 -27.06 60.03 -13.37
N ASN B 323 -26.59 61.13 -12.78
CA ASN B 323 -26.08 61.23 -11.41
C ASN B 323 -24.91 60.28 -11.15
N MET B 324 -24.01 60.21 -12.12
CA MET B 324 -22.78 59.42 -11.95
C MET B 324 -21.85 60.14 -10.97
N ARG B 325 -21.15 59.35 -10.17
CA ARG B 325 -20.44 59.86 -9.01
C ARG B 325 -19.02 59.30 -9.01
N PHE B 326 -18.04 60.15 -8.73
CA PHE B 326 -16.64 59.76 -8.74
C PHE B 326 -15.93 60.35 -7.55
N ASP B 327 -15.34 59.48 -6.72
CA ASP B 327 -14.59 59.90 -5.56
C ASP B 327 -13.16 60.32 -5.90
N SER B 328 -12.69 60.05 -7.11
CA SER B 328 -11.31 60.29 -7.48
C SER B 328 -11.20 61.54 -8.35
N GLN B 329 -10.06 62.22 -8.21
CA GLN B 329 -9.72 63.32 -9.09
C GLN B 329 -9.38 62.84 -10.50
N THR B 330 -8.97 61.59 -10.65
CA THR B 330 -8.86 60.95 -11.96
C THR B 330 -10.12 60.22 -12.35
N LYS B 331 -11.13 60.20 -11.44
CA LYS B 331 -12.44 59.59 -11.62
C LYS B 331 -12.35 58.11 -11.97
N GLU B 332 -11.52 57.38 -11.23
CA GLU B 332 -11.21 55.98 -11.51
C GLU B 332 -12.09 54.98 -10.77
N ARG B 333 -12.97 55.44 -9.88
CA ARG B 333 -13.90 54.56 -9.19
C ARG B 333 -15.29 55.17 -9.26
N LEU B 334 -16.21 54.50 -9.94
CA LEU B 334 -17.60 54.95 -9.98
C LEU B 334 -18.27 54.58 -8.67
N THR B 335 -18.48 55.59 -7.83
CA THR B 335 -19.14 55.39 -6.54
C THR B 335 -20.64 55.69 -6.61
N SER B 336 -21.25 55.43 -7.77
CA SER B 336 -22.70 55.58 -7.93
C SER B 336 -23.43 54.50 -7.12
N PRO B 337 -24.60 54.82 -6.59
CA PRO B 337 -25.37 53.83 -5.83
C PRO B 337 -25.92 52.72 -6.72
N PHE B 338 -26.24 51.59 -6.08
CA PHE B 338 -26.69 50.42 -6.81
C PHE B 338 -28.11 50.59 -7.34
N GLY B 339 -28.92 51.44 -6.69
CA GLY B 339 -30.27 51.69 -7.16
C GLY B 339 -30.31 52.43 -8.48
N GLU B 340 -29.48 53.47 -8.62
CA GLU B 340 -29.43 54.23 -9.88
C GLU B 340 -28.78 53.42 -10.99
N ILE B 341 -27.78 52.62 -10.65
CA ILE B 341 -27.09 51.76 -11.62
C ILE B 341 -28.04 50.67 -12.13
N ARG B 342 -28.73 49.98 -11.22
CA ARG B 342 -29.68 48.97 -11.63
C ARG B 342 -30.94 49.54 -12.27
N SER B 343 -31.26 50.81 -11.99
CA SER B 343 -32.38 51.46 -12.66
C SER B 343 -32.04 51.84 -14.10
N HIS B 344 -30.83 52.35 -14.35
CA HIS B 344 -30.55 52.82 -15.70
C HIS B 344 -29.99 51.73 -16.60
N ILE B 345 -29.10 50.88 -16.08
CA ILE B 345 -28.47 49.83 -16.89
C ILE B 345 -29.52 48.73 -17.09
N GLN B 346 -30.16 48.75 -18.27
CA GLN B 346 -31.13 47.73 -18.66
C GLN B 346 -30.49 46.65 -19.52
N LEU B 347 -29.22 46.35 -19.25
CA LEU B 347 -28.50 45.32 -19.98
C LEU B 347 -29.00 43.95 -19.57
N ASP B 348 -29.66 43.26 -20.49
CA ASP B 348 -30.16 41.91 -20.25
C ASP B 348 -28.98 40.95 -20.26
N ALA B 349 -28.62 40.42 -19.10
CA ALA B 349 -27.42 39.60 -18.98
C ALA B 349 -27.68 38.12 -19.21
N LYS B 350 -28.94 37.70 -19.33
CA LYS B 350 -29.22 36.30 -19.62
C LYS B 350 -28.90 35.96 -21.07
N LYS B 351 -29.08 36.90 -22.00
CA LYS B 351 -28.69 36.65 -23.38
C LYS B 351 -27.18 36.63 -23.54
N ILE B 352 -26.45 37.42 -22.73
CA ILE B 352 -24.99 37.37 -22.73
C ILE B 352 -24.52 36.07 -22.10
N SER B 353 -25.23 35.61 -21.07
CA SER B 353 -24.90 34.34 -20.40
C SER B 353 -25.11 33.15 -21.34
N ARG B 354 -26.21 33.14 -22.09
CA ARG B 354 -26.40 32.06 -23.05
C ARG B 354 -25.54 32.22 -24.30
N ALA B 355 -25.07 33.42 -24.60
CA ALA B 355 -24.13 33.61 -25.70
C ALA B 355 -22.71 33.17 -25.34
N ILE B 356 -22.26 33.43 -24.11
CA ILE B 356 -20.97 32.91 -23.66
C ILE B 356 -21.06 31.45 -23.24
N LEU B 357 -22.26 30.93 -23.00
CA LEU B 357 -22.43 29.49 -22.83
C LEU B 357 -22.20 28.74 -24.13
N ASN B 358 -22.60 29.33 -25.25
CA ASN B 358 -22.44 28.69 -26.55
C ASN B 358 -21.04 28.86 -27.13
N ASN B 359 -20.16 29.64 -26.48
CA ASN B 359 -18.79 29.78 -26.94
C ASN B 359 -17.91 28.86 -26.08
N GLU B 360 -17.20 27.96 -26.75
CA GLU B 360 -16.35 26.98 -26.09
C GLU B 360 -14.89 27.41 -25.99
N ALA B 361 -14.57 28.63 -26.41
CA ALA B 361 -13.19 29.10 -26.45
C ALA B 361 -12.60 29.41 -25.08
N ILE B 362 -13.40 29.43 -24.03
CA ILE B 362 -12.94 29.71 -22.67
C ILE B 362 -13.03 28.45 -21.80
N LEU B 363 -14.20 27.80 -21.79
CA LEU B 363 -14.48 26.76 -20.81
C LEU B 363 -13.77 25.45 -21.10
N MET B 364 -13.41 25.18 -22.37
CA MET B 364 -12.93 23.86 -22.75
C MET B 364 -11.58 23.42 -22.14
N PRO B 365 -10.48 24.21 -22.12
CA PRO B 365 -9.27 23.70 -21.44
C PRO B 365 -9.40 23.62 -19.94
N ILE B 366 -10.24 24.49 -19.36
CA ILE B 366 -10.50 24.46 -17.89
C ILE B 366 -11.30 23.19 -17.59
N ILE B 367 -12.33 22.91 -18.41
CA ILE B 367 -13.15 21.68 -18.23
C ILE B 367 -12.25 20.46 -18.47
N GLU B 368 -11.36 20.53 -19.45
CA GLU B 368 -10.41 19.40 -19.70
C GLU B 368 -9.57 19.19 -18.43
N ALA B 369 -9.08 20.27 -17.83
CA ALA B 369 -8.31 20.15 -16.56
C ALA B 369 -9.22 19.56 -15.49
N ALA B 370 -10.47 20.01 -15.42
CA ALA B 370 -11.44 19.47 -14.44
C ALA B 370 -11.72 17.99 -14.74
N LEU B 371 -11.74 17.62 -16.02
CA LEU B 371 -12.05 16.22 -16.41
C LEU B 371 -11.01 15.27 -15.79
N ALA B 372 -9.82 15.78 -15.46
CA ALA B 372 -8.80 14.94 -14.80
C ALA B 372 -9.36 14.45 -13.45
N ARG B 373 -10.18 15.27 -12.80
CA ARG B 373 -10.78 14.90 -11.49
C ARG B 373 -12.28 14.66 -11.67
N LYS B 374 -13.01 15.68 -12.16
CA LYS B 374 -14.48 15.57 -12.37
C LYS B 374 -14.76 14.55 -13.49
N LEU B 375 -15.86 13.80 -13.39
CA LEU B 375 -16.23 12.83 -14.45
C LEU B 375 -14.96 12.16 -14.99
N ALA B 376 -14.07 11.72 -14.09
CA ALA B 376 -12.82 11.06 -14.52
C ALA B 376 -12.98 9.54 -14.49
N ALA B 377 -12.36 8.83 -15.44
CA ALA B 377 -12.43 7.36 -15.45
C ALA B 377 -11.76 6.81 -14.19
N GLU B 378 -12.36 5.78 -13.57
CA GLU B 378 -11.80 5.17 -12.34
C GLU B 378 -10.53 4.38 -12.72
N LYS B 379 -9.68 4.09 -11.73
CA LYS B 379 -8.41 3.36 -12.01
C LYS B 379 -8.28 2.15 -11.06
N ALA B 380 -8.43 2.39 -9.74
CA ALA B 380 -8.33 1.31 -8.74
C ALA B 380 -6.99 0.57 -8.85
N ALA B 381 -7.03 -0.76 -9.00
CA ALA B 381 -5.80 -1.58 -9.10
C ALA B 381 -4.99 -1.47 -7.80
N GLU B 382 -3.67 -1.67 -7.87
CA GLU B 382 -2.82 -1.66 -6.65
C GLU B 382 -2.28 -0.24 -6.41
N THR B 383 -2.98 0.56 -5.60
CA THR B 383 -2.56 1.97 -5.34
C THR B 383 -1.19 1.99 -4.68
N LYS B 384 -0.90 1.06 -3.77
CA LYS B 384 0.40 0.98 -3.05
C LYS B 384 0.50 2.13 -2.04
N ALA B 385 1.66 2.27 -1.37
CA ALA B 385 1.85 3.33 -0.36
C ALA B 385 3.33 3.43 0.02
N ALA B 386 3.89 4.64 0.05
CA ALA B 386 5.29 4.81 0.44
C ALA B 386 5.29 5.40 1.84
N LYS B 387 5.13 4.52 2.84
CA LYS B 387 5.21 4.96 4.23
C LYS B 387 6.65 5.22 4.66
N LYS B 388 7.62 4.63 3.96
CA LYS B 388 9.06 4.89 4.10
C LYS B 388 9.56 4.59 5.52
N ALA B 389 9.21 3.39 5.99
CA ALA B 389 9.56 2.81 7.30
C ALA B 389 9.12 3.65 8.49
N SER B 390 9.65 3.30 9.66
CA SER B 390 9.34 3.99 10.91
C SER B 390 10.50 3.71 11.87
N LYS B 391 10.47 4.37 13.03
CA LYS B 391 11.48 4.09 14.04
C LYS B 391 11.25 2.73 14.69
N ALA B 392 10.07 2.55 15.31
CA ALA B 392 9.55 1.27 15.83
C ALA B 392 10.49 0.64 16.86
N LYS B 393 10.97 1.44 17.80
CA LYS B 393 11.95 0.97 18.78
C LYS B 393 11.30 0.03 19.80
N VAL B 394 10.12 0.40 20.30
CA VAL B 394 9.49 -0.38 21.37
C VAL B 394 8.61 -1.51 20.88
N HIS B 395 8.41 -1.62 19.56
CA HIS B 395 7.53 -2.66 19.02
C HIS B 395 8.33 -3.78 18.41
N LYS B 396 7.98 -5.02 18.79
CA LYS B 396 8.59 -6.28 18.32
C LYS B 396 10.10 -6.31 18.56
N HIS B 397 10.46 -6.06 19.82
CA HIS B 397 11.84 -6.20 20.25
C HIS B 397 11.83 -6.57 21.73
N ILE B 398 12.93 -7.14 22.19
CA ILE B 398 13.10 -7.50 23.60
C ILE B 398 13.97 -6.42 24.23
N LYS B 399 13.49 -5.85 25.33
CA LYS B 399 14.22 -4.82 26.07
C LYS B 399 14.63 -5.40 27.41
N ALA B 400 15.93 -5.56 27.60
CA ALA B 400 16.47 -5.88 28.91
C ALA B 400 16.51 -4.61 29.77
N ASN B 401 16.69 -4.81 31.08
CA ASN B 401 16.76 -3.68 31.99
C ASN B 401 18.10 -2.95 31.94
N LEU B 402 19.11 -3.53 31.28
CA LEU B 402 20.42 -2.89 31.09
C LEU B 402 20.54 -2.27 29.71
N CYS B 403 19.45 -1.71 29.19
CA CYS B 403 19.44 -1.09 27.86
C CYS B 403 20.09 0.29 27.97
N GLY B 404 21.42 0.32 27.77
CA GLY B 404 22.18 1.56 27.74
C GLY B 404 23.37 1.57 28.68
N LYS B 405 23.28 0.83 29.79
CA LYS B 405 24.33 0.85 30.80
C LYS B 405 25.56 0.08 30.35
N ASP B 406 26.67 0.32 31.04
CA ASP B 406 27.94 -0.34 30.74
C ASP B 406 27.91 -1.75 31.30
N ALA B 407 27.79 -2.74 30.41
CA ALA B 407 27.69 -4.14 30.80
C ALA B 407 28.16 -4.99 29.63
N ASP B 408 27.85 -6.29 29.69
CA ASP B 408 28.19 -7.23 28.63
C ASP B 408 26.95 -7.80 27.98
N THR B 409 25.97 -6.94 27.69
CA THR B 409 24.70 -7.37 27.11
C THR B 409 24.88 -7.74 25.65
N THR B 410 24.35 -8.90 25.26
CA THR B 410 24.45 -9.40 23.91
C THR B 410 23.10 -9.28 23.21
N LEU B 411 23.11 -8.78 21.98
CA LEU B 411 21.92 -8.69 21.16
C LEU B 411 21.90 -9.84 20.17
N PHE B 412 20.77 -10.53 20.09
CA PHE B 412 20.62 -11.67 19.22
C PHE B 412 19.97 -11.19 17.93
N LEU B 413 20.67 -11.36 16.81
CA LEU B 413 20.10 -11.07 15.49
C LEU B 413 19.52 -12.34 14.89
N THR B 414 18.63 -12.96 15.65
CA THR B 414 18.06 -14.25 15.31
C THR B 414 16.87 -14.07 14.38
N GLU B 415 16.46 -15.18 13.77
CA GLU B 415 15.48 -15.18 12.70
C GLU B 415 14.12 -15.65 13.20
N GLY B 416 13.07 -14.90 12.84
CA GLY B 416 11.71 -15.33 13.06
C GLY B 416 11.24 -15.16 14.50
N ASP B 417 10.07 -15.73 14.77
CA ASP B 417 9.44 -15.64 16.08
C ASP B 417 9.36 -16.98 16.81
N SER B 418 9.62 -18.10 16.14
CA SER B 418 9.77 -19.37 16.84
C SER B 418 11.04 -19.38 17.67
N ALA B 419 12.07 -18.67 17.22
CA ALA B 419 13.28 -18.47 18.00
C ALA B 419 13.01 -17.70 19.28
N ILE B 420 12.14 -16.67 19.21
CA ILE B 420 11.83 -15.95 20.43
C ILE B 420 10.79 -16.69 21.27
N GLY B 421 10.01 -17.59 20.66
CA GLY B 421 9.14 -18.46 21.44
C GLY B 421 9.90 -19.53 22.20
N TYR B 422 11.06 -19.92 21.68
CA TYR B 422 12.02 -20.65 22.51
C TYR B 422 12.68 -19.73 23.53
N LEU B 423 13.12 -18.54 23.09
CA LEU B 423 13.95 -17.63 23.89
C LEU B 423 13.23 -17.02 25.09
N ILE B 424 11.91 -16.99 25.09
CA ILE B 424 11.19 -16.53 26.29
C ILE B 424 11.32 -17.54 27.42
N ASP B 425 11.63 -18.80 27.11
CA ASP B 425 11.94 -19.81 28.11
C ASP B 425 13.44 -19.93 28.37
N VAL B 426 14.28 -19.15 27.69
CA VAL B 426 15.73 -19.36 27.67
C VAL B 426 16.49 -18.20 28.31
N ARG B 427 16.22 -16.97 27.85
CA ARG B 427 17.09 -15.83 28.15
C ARG B 427 17.00 -15.39 29.61
N ASP B 428 18.08 -14.75 30.07
CA ASP B 428 18.18 -14.33 31.46
C ASP B 428 17.32 -13.09 31.70
N LYS B 429 17.17 -12.75 32.99
CA LYS B 429 16.39 -11.58 33.38
C LYS B 429 17.11 -10.28 33.06
N GLU B 430 18.44 -10.30 33.00
CA GLU B 430 19.21 -9.07 32.79
C GLU B 430 20.35 -9.20 31.79
N LEU B 431 20.74 -10.41 31.38
CA LEU B 431 21.97 -10.57 30.61
C LEU B 431 21.74 -10.33 29.12
N HIS B 432 20.85 -11.12 28.51
CA HIS B 432 20.75 -11.20 27.06
C HIS B 432 19.42 -10.63 26.58
N GLY B 433 19.45 -10.03 25.39
CA GLY B 433 18.25 -9.50 24.79
C GLY B 433 17.76 -10.34 23.63
N GLY B 434 17.63 -9.74 22.46
CA GLY B 434 17.20 -10.45 21.28
C GLY B 434 16.30 -9.59 20.42
N TYR B 435 16.10 -10.06 19.18
CA TYR B 435 15.24 -9.37 18.23
C TYR B 435 14.69 -10.36 17.20
N PRO B 436 13.36 -10.38 16.99
CA PRO B 436 12.82 -11.19 15.89
C PRO B 436 12.92 -10.48 14.55
N LEU B 437 13.69 -11.06 13.63
CA LEU B 437 13.88 -10.43 12.34
C LEU B 437 12.83 -10.97 11.38
N ARG B 438 12.33 -10.09 10.51
CA ARG B 438 11.13 -10.38 9.73
C ARG B 438 11.40 -11.38 8.61
N GLY B 439 12.48 -11.20 7.87
CA GLY B 439 12.69 -12.03 6.68
C GLY B 439 13.83 -11.57 5.80
N LYS B 440 13.56 -11.37 4.51
CA LYS B 440 14.59 -10.92 3.60
C LYS B 440 14.92 -9.46 3.86
N VAL B 441 16.21 -9.16 3.83
CA VAL B 441 16.68 -7.78 3.77
C VAL B 441 17.29 -7.59 2.38
N LEU B 442 17.26 -6.35 1.90
CA LEU B 442 17.85 -6.07 0.60
C LEU B 442 19.34 -5.77 0.79
N ASN B 443 20.04 -5.61 -0.34
CA ASN B 443 21.49 -5.46 -0.33
C ASN B 443 21.91 -4.11 0.24
N SER B 444 23.01 -4.12 1.00
CA SER B 444 23.51 -2.90 1.61
C SER B 444 24.07 -1.93 0.57
N TRP B 445 24.80 -2.44 -0.42
CA TRP B 445 25.27 -1.61 -1.51
C TRP B 445 24.17 -1.51 -2.57
N GLY B 446 24.46 -0.80 -3.66
CA GLY B 446 23.52 -0.63 -4.74
C GLY B 446 22.60 0.56 -4.61
N MET B 447 22.59 1.24 -3.48
CA MET B 447 21.84 2.49 -3.35
C MET B 447 22.69 3.46 -2.52
N SER B 448 22.05 4.53 -2.06
CA SER B 448 22.70 5.50 -1.20
C SER B 448 22.55 5.09 0.26
N TYR B 449 23.06 5.95 1.15
CA TYR B 449 22.92 5.73 2.59
C TYR B 449 21.50 6.01 3.05
N ALA B 450 20.83 6.98 2.42
CA ALA B 450 19.49 7.38 2.83
C ALA B 450 18.46 6.30 2.52
N ASP B 451 18.58 5.65 1.36
CA ASP B 451 17.70 4.53 1.05
C ASP B 451 18.00 3.30 1.90
N MET B 452 19.24 3.17 2.40
CA MET B 452 19.53 2.13 3.37
C MET B 452 18.90 2.47 4.72
N LEU B 453 18.75 3.76 5.03
CA LEU B 453 17.97 4.20 6.18
C LEU B 453 16.46 4.10 5.98
N LYS B 454 15.98 4.10 4.74
CA LYS B 454 14.54 4.02 4.50
C LYS B 454 13.99 2.62 4.61
N ASN B 455 14.84 1.61 4.78
CA ASN B 455 14.38 0.27 5.06
C ASN B 455 13.81 0.20 6.47
N LYS B 456 12.89 -0.75 6.68
CA LYS B 456 12.32 -0.96 8.00
C LYS B 456 13.32 -1.62 8.94
N GLU B 457 13.97 -2.69 8.46
CA GLU B 457 14.80 -3.55 9.32
C GLU B 457 16.10 -2.88 9.72
N LEU B 458 16.76 -2.21 8.77
CA LEU B 458 18.07 -1.60 9.05
C LEU B 458 17.94 -0.38 9.95
N PHE B 459 16.93 0.47 9.70
CA PHE B 459 16.65 1.59 10.60
C PHE B 459 16.17 1.12 11.96
N ASP B 460 15.42 0.00 11.99
CA ASP B 460 14.99 -0.58 13.26
C ASP B 460 16.17 -1.09 14.09
N ILE B 461 17.11 -1.80 13.47
CA ILE B 461 18.21 -2.34 14.26
C ILE B 461 19.24 -1.25 14.59
N CYS B 462 19.35 -0.20 13.77
CA CYS B 462 20.21 0.91 14.16
C CYS B 462 19.57 1.78 15.23
N ALA B 463 18.23 1.79 15.33
CA ALA B 463 17.59 2.44 16.47
C ALA B 463 17.68 1.59 17.74
N ILE B 464 17.64 0.26 17.60
CA ILE B 464 17.72 -0.63 18.75
C ILE B 464 19.13 -0.64 19.33
N THR B 465 20.16 -0.75 18.48
CA THR B 465 21.53 -0.79 18.97
C THR B 465 22.02 0.56 19.50
N GLY B 466 21.43 1.66 19.05
CA GLY B 466 21.88 2.98 19.45
C GLY B 466 22.97 3.55 18.58
N LEU B 467 23.55 2.76 17.68
CA LEU B 467 24.53 3.24 16.71
C LEU B 467 23.76 3.92 15.60
N VAL B 468 23.66 5.26 15.70
CA VAL B 468 23.01 6.05 14.67
C VAL B 468 23.90 6.08 13.44
N LEU B 469 23.28 6.23 12.27
CA LEU B 469 24.02 6.23 11.02
C LEU B 469 24.78 7.54 10.86
N GLY B 470 26.10 7.44 10.67
CA GLY B 470 26.95 8.59 10.52
C GLY B 470 27.73 9.00 11.75
N GLU B 471 27.68 8.21 12.82
CA GLU B 471 28.38 8.54 14.05
C GLU B 471 29.15 7.32 14.54
N LYS B 472 29.97 7.55 15.57
CA LYS B 472 30.75 6.51 16.22
C LYS B 472 29.84 5.62 17.06
N ALA B 473 30.36 4.44 17.43
CA ALA B 473 29.63 3.51 18.29
C ALA B 473 29.64 4.04 19.72
N GLU B 474 28.70 4.93 19.99
CA GLU B 474 28.52 5.54 21.31
C GLU B 474 27.04 5.47 21.66
N ASN B 475 26.77 5.49 22.98
CA ASN B 475 25.46 5.20 23.58
C ASN B 475 24.92 3.86 23.10
N LEU B 476 25.79 2.85 23.13
CA LEU B 476 25.44 1.51 22.65
C LEU B 476 24.51 0.84 23.64
N ASN B 477 23.29 0.51 23.19
CA ASN B 477 22.33 -0.16 24.06
C ASN B 477 22.73 -1.60 24.33
N TYR B 478 23.32 -2.26 23.34
CA TYR B 478 23.84 -3.62 23.50
C TYR B 478 25.34 -3.60 23.23
N HIS B 479 26.11 -4.13 24.18
CA HIS B 479 27.56 -4.17 24.05
C HIS B 479 28.02 -5.21 23.03
N ASN B 480 27.24 -6.27 22.84
CA ASN B 480 27.59 -7.35 21.93
C ASN B 480 26.45 -7.59 20.96
N ILE B 481 26.81 -7.95 19.73
CA ILE B 481 25.86 -8.31 18.69
C ILE B 481 26.20 -9.72 18.25
N ALA B 482 25.21 -10.62 18.33
CA ALA B 482 25.39 -12.02 17.95
C ALA B 482 24.33 -12.41 16.93
N ILE B 483 24.73 -13.21 15.95
CA ILE B 483 23.82 -13.72 14.92
C ILE B 483 23.86 -15.25 14.94
N MET B 484 22.68 -15.87 14.99
CA MET B 484 22.51 -17.29 14.70
C MET B 484 21.35 -17.44 13.73
N THR B 485 21.50 -18.33 12.74
CA THR B 485 20.43 -18.66 11.82
C THR B 485 20.51 -20.17 11.56
N ASP B 486 19.60 -20.70 10.75
CA ASP B 486 19.66 -22.10 10.31
C ASP B 486 20.87 -22.26 9.39
N ALA B 487 21.87 -22.98 9.86
CA ALA B 487 23.19 -23.00 9.20
C ALA B 487 23.30 -24.10 8.14
N ASP B 488 22.38 -24.12 7.17
CA ASP B 488 22.56 -24.88 5.95
C ASP B 488 22.70 -23.97 4.74
N HIS B 489 21.67 -23.19 4.44
CA HIS B 489 21.81 -22.06 3.53
C HIS B 489 20.93 -20.89 3.91
N ASP B 490 20.19 -20.95 5.02
CA ASP B 490 19.22 -19.91 5.36
C ASP B 490 19.89 -18.63 5.84
N GLY B 491 21.05 -18.75 6.48
CA GLY B 491 21.72 -17.57 7.01
C GLY B 491 23.21 -17.52 6.79
N LEU B 492 23.79 -18.56 6.17
CA LEU B 492 25.23 -18.58 5.96
C LEU B 492 25.64 -17.69 4.79
N GLY B 493 25.13 -17.98 3.60
CA GLY B 493 25.43 -17.22 2.40
C GLY B 493 24.38 -16.21 1.99
N SER B 494 23.35 -15.99 2.80
CA SER B 494 22.23 -15.13 2.43
C SER B 494 22.15 -13.86 3.27
N ILE B 495 22.03 -13.99 4.59
CA ILE B 495 21.85 -12.82 5.44
C ILE B 495 23.14 -12.46 6.20
N TYR B 496 24.09 -13.38 6.33
CA TYR B 496 25.41 -13.02 6.86
C TYR B 496 26.21 -12.06 5.97
N PRO B 497 26.31 -12.20 4.63
CA PRO B 497 27.01 -11.14 3.87
C PRO B 497 26.26 -9.82 3.81
N SER B 498 24.92 -9.83 3.86
CA SER B 498 24.18 -8.57 3.90
C SER B 498 24.35 -7.85 5.23
N LEU B 499 24.32 -8.60 6.34
CA LEU B 499 24.56 -7.99 7.64
C LEU B 499 26.01 -7.59 7.81
N LEU B 500 26.94 -8.32 7.18
CA LEU B 500 28.34 -7.91 7.18
C LEU B 500 28.56 -6.67 6.32
N GLY B 501 27.80 -6.52 5.24
CA GLY B 501 27.85 -5.28 4.48
C GLY B 501 27.24 -4.11 5.22
N PHE B 502 26.27 -4.38 6.07
CA PHE B 502 25.78 -3.34 6.99
C PHE B 502 26.83 -2.97 8.01
N PHE B 503 27.45 -3.95 8.66
CA PHE B 503 28.36 -3.71 9.77
C PHE B 503 29.78 -3.37 9.33
N SER B 504 30.11 -3.51 8.05
CA SER B 504 31.42 -3.11 7.55
C SER B 504 31.48 -1.63 7.21
N ASN B 505 30.34 -0.95 7.18
CA ASN B 505 30.29 0.50 7.07
C ASN B 505 30.82 1.19 8.31
N TRP B 506 30.75 0.54 9.47
CA TRP B 506 31.44 0.96 10.69
C TRP B 506 32.60 -0.02 10.93
N PRO B 507 33.81 0.28 10.44
CA PRO B 507 34.93 -0.64 10.64
C PRO B 507 35.46 -0.69 12.06
N GLU B 508 35.08 0.25 12.92
CA GLU B 508 35.43 0.17 14.33
C GLU B 508 34.71 -0.98 15.02
N LEU B 509 33.54 -1.38 14.51
CA LEU B 509 32.88 -2.60 14.96
C LEU B 509 33.70 -3.84 14.60
N PHE B 510 34.36 -3.81 13.43
CA PHE B 510 35.24 -4.90 13.04
C PHE B 510 36.49 -4.95 13.90
N GLU B 511 37.09 -3.78 14.18
CA GLU B 511 38.31 -3.77 14.98
C GLU B 511 38.05 -3.91 16.47
N GLN B 512 36.80 -3.75 16.92
CA GLN B 512 36.46 -3.97 18.32
C GLN B 512 35.96 -5.37 18.60
N GLY B 513 35.68 -6.16 17.56
CA GLY B 513 35.10 -7.47 17.74
C GLY B 513 33.68 -7.45 18.28
N ARG B 514 32.89 -6.45 17.88
CA ARG B 514 31.53 -6.33 18.39
C ARG B 514 30.56 -7.31 17.72
N ILE B 515 30.78 -7.63 16.46
CA ILE B 515 29.87 -8.48 15.70
C ILE B 515 30.34 -9.92 15.81
N ARG B 516 29.42 -10.83 16.12
CA ARG B 516 29.78 -12.14 16.63
C ARG B 516 28.84 -13.15 15.99
N PHE B 517 29.35 -14.30 15.57
CA PHE B 517 28.50 -15.31 14.97
C PHE B 517 28.40 -16.54 15.86
N VAL B 518 27.19 -17.04 16.01
CA VAL B 518 26.91 -18.24 16.80
C VAL B 518 26.66 -19.39 15.84
N LYS B 519 27.47 -20.44 15.93
CA LYS B 519 27.39 -21.58 15.03
C LYS B 519 26.45 -22.64 15.61
N THR B 520 25.33 -22.88 14.94
CA THR B 520 24.51 -24.02 15.28
C THR B 520 25.19 -25.30 14.78
N PRO B 521 25.04 -26.42 15.50
CA PRO B 521 25.60 -27.69 15.01
C PRO B 521 24.87 -28.18 13.78
N VAL B 522 25.61 -28.82 12.87
CA VAL B 522 25.01 -29.30 11.62
C VAL B 522 24.39 -30.67 11.83
N ILE B 523 25.12 -31.57 12.51
CA ILE B 523 24.62 -32.89 12.87
C ILE B 523 24.85 -33.09 14.35
N ILE B 524 23.82 -33.55 15.06
CA ILE B 524 23.92 -33.96 16.46
C ILE B 524 23.70 -35.46 16.51
N ALA B 525 24.66 -36.18 17.09
CA ALA B 525 24.52 -37.61 17.32
C ALA B 525 24.18 -37.85 18.78
N HIS B 526 23.19 -38.69 19.03
CA HIS B 526 22.70 -38.93 20.38
C HIS B 526 23.36 -40.21 20.91
N VAL B 527 24.29 -40.05 21.84
CA VAL B 527 25.03 -41.16 22.44
C VAL B 527 24.73 -41.17 23.93
N GLY B 528 24.03 -42.20 24.39
CA GLY B 528 23.72 -42.32 25.80
C GLY B 528 22.67 -41.32 26.24
N LYS B 529 22.83 -40.83 27.47
CA LYS B 529 21.97 -39.78 28.00
C LYS B 529 22.49 -38.37 27.70
N LYS B 530 23.80 -38.20 27.68
CA LYS B 530 24.44 -36.91 27.37
C LYS B 530 24.96 -37.00 25.94
N GLN B 531 24.22 -36.42 25.00
CA GLN B 531 24.54 -36.49 23.59
C GLN B 531 25.75 -35.60 23.25
N GLU B 532 26.45 -35.99 22.19
CA GLU B 532 27.66 -35.30 21.75
C GLU B 532 27.30 -34.16 20.80
N TRP B 533 28.23 -33.23 20.68
CA TRP B 533 27.95 -31.87 20.23
C TRP B 533 28.87 -31.45 19.10
N PHE B 534 28.96 -32.27 18.06
CA PHE B 534 29.74 -31.93 16.87
C PHE B 534 29.08 -30.78 16.12
N TYR B 535 29.86 -29.73 15.86
CA TYR B 535 29.32 -28.49 15.33
C TYR B 535 29.33 -28.43 13.80
N THR B 536 30.12 -29.26 13.13
CA THR B 536 30.23 -29.19 11.68
C THR B 536 30.26 -30.61 11.12
N VAL B 537 30.18 -30.70 9.79
CA VAL B 537 30.20 -32.00 9.13
C VAL B 537 31.60 -32.61 9.16
N ALA B 538 32.64 -31.77 9.11
CA ALA B 538 34.02 -32.27 9.07
C ALA B 538 34.42 -32.92 10.40
N GLU B 539 34.02 -32.31 11.53
CA GLU B 539 34.22 -32.94 12.82
C GLU B 539 33.27 -34.11 13.04
N TYR B 540 32.12 -34.12 12.35
CA TYR B 540 31.22 -35.27 12.44
C TYR B 540 31.78 -36.48 11.70
N GLU B 541 32.54 -36.26 10.63
CA GLU B 541 33.14 -37.36 9.89
C GLU B 541 34.54 -37.71 10.38
N SER B 542 35.21 -36.79 11.06
CA SER B 542 36.59 -37.03 11.49
C SER B 542 36.71 -37.66 12.86
N ALA B 543 35.59 -37.87 13.57
CA ALA B 543 35.63 -38.43 14.92
C ALA B 543 34.53 -39.47 15.12
N LYS B 544 34.23 -40.26 14.10
CA LYS B 544 33.21 -41.32 14.19
C LYS B 544 33.82 -42.72 14.11
N ASP B 545 35.14 -42.84 14.30
CA ASP B 545 35.80 -44.13 14.13
C ASP B 545 35.57 -45.06 15.32
N ALA B 546 35.77 -44.57 16.54
CA ALA B 546 35.56 -45.35 17.75
C ALA B 546 34.42 -44.70 18.52
N LEU B 547 33.19 -45.11 18.20
CA LEU B 547 32.03 -44.44 18.77
C LEU B 547 30.87 -45.42 18.92
N PRO B 548 30.41 -45.69 20.14
CA PRO B 548 29.25 -46.56 20.33
C PRO B 548 27.93 -45.80 20.22
N LYS B 549 26.94 -46.50 19.66
CA LYS B 549 25.55 -46.05 19.50
C LYS B 549 25.47 -44.74 18.68
N HIS B 550 25.89 -44.84 17.43
CA HIS B 550 25.93 -43.68 16.53
C HIS B 550 24.54 -43.46 15.96
N SER B 551 23.79 -42.56 16.59
CA SER B 551 22.44 -42.20 16.16
C SER B 551 22.46 -40.77 15.63
N ILE B 552 22.10 -40.62 14.37
CA ILE B 552 22.25 -39.37 13.62
C ILE B 552 21.01 -38.52 13.80
N ARG B 553 21.20 -37.19 13.86
CA ARG B 553 20.10 -36.23 13.87
C ARG B 553 20.56 -35.01 13.10
N TYR B 554 19.84 -34.67 12.02
CA TYR B 554 20.19 -33.50 11.24
C TYR B 554 19.39 -32.30 11.72
N ILE B 555 20.02 -31.13 11.67
CA ILE B 555 19.57 -29.95 12.40
C ILE B 555 19.14 -28.88 11.40
N LYS B 556 18.50 -29.31 10.31
CA LYS B 556 17.87 -28.35 9.42
C LYS B 556 16.66 -27.71 10.10
N GLY B 557 16.69 -26.40 10.26
CA GLY B 557 15.62 -25.72 10.98
C GLY B 557 15.89 -25.64 12.47
N LEU B 558 15.65 -24.46 13.02
CA LEU B 558 15.88 -24.22 14.44
C LEU B 558 14.85 -24.90 15.33
N GLY B 559 13.64 -25.13 14.84
CA GLY B 559 12.62 -25.79 15.63
C GLY B 559 12.75 -27.30 15.68
N SER B 560 13.70 -27.88 14.94
CA SER B 560 14.07 -29.27 15.16
C SER B 560 14.76 -29.45 16.51
N LEU B 561 15.41 -28.40 17.00
CA LEU B 561 15.95 -28.41 18.35
C LEU B 561 14.84 -28.27 19.37
N GLU B 562 14.99 -28.97 20.49
CA GLU B 562 14.03 -28.90 21.57
C GLU B 562 14.48 -27.83 22.57
N LYS B 563 13.89 -27.84 23.77
CA LYS B 563 14.11 -26.78 24.76
C LYS B 563 15.53 -26.80 25.31
N SER B 564 15.97 -27.97 25.79
CA SER B 564 17.22 -28.07 26.55
C SER B 564 18.45 -27.87 25.68
N GLU B 565 18.37 -28.17 24.38
CA GLU B 565 19.49 -27.88 23.49
C GLU B 565 19.61 -26.38 23.23
N TYR B 566 18.47 -25.69 23.18
CA TYR B 566 18.46 -24.22 23.08
C TYR B 566 19.07 -23.59 24.32
N ARG B 567 18.70 -24.10 25.51
CA ARG B 567 19.32 -23.68 26.77
C ARG B 567 20.83 -23.96 26.77
N GLU B 568 21.23 -25.12 26.24
CA GLU B 568 22.63 -25.52 26.23
C GLU B 568 23.48 -24.67 25.30
N MET B 569 23.04 -24.38 24.06
CA MET B 569 23.92 -23.61 23.20
C MET B 569 23.84 -22.11 23.48
N ILE B 570 22.79 -21.62 24.14
CA ILE B 570 22.78 -20.20 24.42
C ILE B 570 23.41 -19.88 25.77
N GLN B 571 23.31 -20.81 26.74
CA GLN B 571 24.13 -20.70 27.94
C GLN B 571 25.59 -21.05 27.69
N ASN B 572 25.92 -21.68 26.55
CA ASN B 572 27.30 -22.00 26.20
C ASN B 572 27.46 -21.95 24.68
N PRO B 573 27.72 -20.76 24.12
CA PRO B 573 27.94 -20.66 22.67
C PRO B 573 29.39 -20.83 22.25
N VAL B 574 29.66 -20.73 20.94
CA VAL B 574 31.01 -20.84 20.42
C VAL B 574 31.59 -19.49 20.01
N TYR B 575 30.75 -18.56 19.55
CA TYR B 575 31.08 -17.16 19.22
C TYR B 575 32.16 -17.08 18.12
N ASP B 576 31.76 -17.52 16.93
CA ASP B 576 32.67 -17.64 15.79
C ASP B 576 33.17 -16.27 15.32
N VAL B 577 34.40 -16.26 14.78
CA VAL B 577 35.06 -15.03 14.35
C VAL B 577 34.41 -14.50 13.07
N VAL B 578 34.33 -13.18 12.96
CA VAL B 578 33.91 -12.55 11.72
C VAL B 578 35.15 -12.31 10.87
N LYS B 579 34.98 -12.13 9.57
CA LYS B 579 36.10 -11.93 8.67
C LYS B 579 36.68 -10.52 8.87
N LEU B 580 37.97 -10.48 9.19
CA LEU B 580 38.71 -9.22 9.35
C LEU B 580 39.92 -9.27 8.42
N PRO B 581 39.70 -9.10 7.10
CA PRO B 581 40.80 -9.27 6.15
C PRO B 581 41.59 -8.00 5.93
N GLU B 582 42.55 -8.05 5.00
CA GLU B 582 43.33 -6.87 4.65
C GLU B 582 42.53 -5.88 3.80
N ASN B 583 41.42 -6.31 3.20
CA ASN B 583 40.56 -5.46 2.39
C ASN B 583 39.10 -5.79 2.67
N TRP B 584 38.31 -4.75 2.92
CA TRP B 584 36.91 -4.91 3.31
C TRP B 584 35.94 -4.57 2.18
N LYS B 585 36.41 -4.54 0.93
CA LYS B 585 35.52 -4.24 -0.17
C LYS B 585 35.68 -5.34 -1.23
N GLU B 586 36.90 -5.84 -1.41
CA GLU B 586 37.21 -6.71 -2.54
C GLU B 586 36.64 -8.12 -2.38
N LEU B 587 36.56 -8.63 -1.15
CA LEU B 587 35.87 -9.90 -0.94
C LEU B 587 34.36 -9.73 -0.89
N PHE B 588 33.87 -8.51 -0.69
CA PHE B 588 32.44 -8.24 -0.80
C PHE B 588 32.06 -7.72 -2.19
N GLU B 589 33.04 -7.53 -3.07
CA GLU B 589 32.79 -7.26 -4.48
C GLU B 589 32.45 -8.52 -5.25
N MET B 590 32.72 -9.69 -4.67
CA MET B 590 32.39 -10.96 -5.29
C MET B 590 30.88 -11.21 -5.30
N LEU B 591 30.16 -10.64 -4.33
CA LEU B 591 28.72 -10.81 -4.25
C LEU B 591 28.01 -10.08 -5.40
N MET B 592 28.38 -8.84 -5.68
CA MET B 592 27.95 -8.20 -6.92
C MET B 592 29.00 -8.37 -8.00
N MET C 1 -37.57 72.01 -21.14
CA MET C 1 -36.21 72.48 -21.25
C MET C 1 -35.63 72.62 -19.84
N ILE C 2 -34.35 72.27 -19.69
CA ILE C 2 -33.70 72.28 -18.38
C ILE C 2 -33.44 73.71 -17.94
N LYS C 3 -33.87 74.03 -16.73
CA LYS C 3 -33.63 75.34 -16.13
C LYS C 3 -32.17 75.49 -15.70
N ASN C 4 -31.30 75.83 -16.66
CA ASN C 4 -29.87 75.93 -16.40
C ASN C 4 -29.58 77.31 -15.81
N GLU C 5 -29.59 77.38 -14.49
CA GLU C 5 -29.31 78.62 -13.77
C GLU C 5 -28.09 78.43 -12.88
N ILE C 6 -27.55 79.55 -12.42
CA ILE C 6 -26.39 79.57 -11.54
C ILE C 6 -26.86 80.01 -10.16
N LYS C 7 -26.68 79.14 -9.16
CA LYS C 7 -27.13 79.38 -7.81
C LYS C 7 -25.98 79.24 -6.83
N ILE C 8 -26.06 80.01 -5.73
CA ILE C 8 -25.04 80.03 -4.68
C ILE C 8 -25.65 79.47 -3.41
N LEU C 9 -24.91 78.59 -2.73
CA LEU C 9 -25.37 77.95 -1.50
C LEU C 9 -24.33 78.13 -0.41
N SER C 10 -24.78 78.04 0.84
CA SER C 10 -23.92 78.16 2.00
C SER C 10 -23.32 76.79 2.34
N ASP C 11 -22.64 76.69 3.48
CA ASP C 11 -21.92 75.46 3.84
C ASP C 11 -22.87 74.35 4.29
N ILE C 12 -23.88 74.70 5.09
CA ILE C 12 -24.80 73.72 5.65
C ILE C 12 -25.67 73.11 4.54
N GLU C 13 -26.16 73.94 3.63
CA GLU C 13 -26.99 73.45 2.53
C GLU C 13 -26.18 72.72 1.46
N HIS C 14 -24.90 73.07 1.28
CA HIS C 14 -24.04 72.29 0.39
C HIS C 14 -23.68 70.94 1.01
N ILE C 15 -23.57 70.89 2.34
CA ILE C 15 -23.33 69.62 3.02
C ILE C 15 -24.57 68.73 2.95
N LYS C 16 -25.76 69.30 3.16
CA LYS C 16 -26.99 68.50 3.17
C LYS C 16 -27.42 68.11 1.76
N LYS C 17 -27.40 69.06 0.81
CA LYS C 17 -27.91 68.82 -0.54
C LYS C 17 -26.95 67.99 -1.39
N ARG C 18 -25.65 68.10 -1.15
CA ARG C 18 -24.67 67.40 -1.96
C ARG C 18 -23.88 66.43 -1.08
N SER C 19 -24.60 65.64 -0.29
CA SER C 19 -24.02 64.72 0.68
C SER C 19 -23.49 63.42 0.07
N GLY C 20 -23.45 63.30 -1.26
CA GLY C 20 -22.89 62.10 -1.87
C GLY C 20 -21.39 62.06 -1.92
N MET C 21 -20.71 63.14 -1.55
CA MET C 21 -19.26 63.21 -1.63
C MET C 21 -18.58 63.44 -0.28
N TYR C 22 -19.19 64.24 0.59
CA TYR C 22 -18.58 64.62 1.86
C TYR C 22 -18.61 63.52 2.91
N ILE C 23 -19.45 62.50 2.74
CA ILE C 23 -19.46 61.36 3.67
C ILE C 23 -19.39 60.06 2.88
N GLY C 24 -19.03 60.15 1.60
CA GLY C 24 -18.88 58.96 0.78
C GLY C 24 -20.21 58.36 0.36
N SER C 25 -20.30 57.03 0.42
CA SER C 25 -21.55 56.35 0.07
C SER C 25 -22.57 56.52 1.20
N SER C 26 -23.81 56.86 0.82
CA SER C 26 -24.85 57.14 1.79
C SER C 26 -26.06 56.24 1.57
N ALA C 27 -25.83 54.94 1.37
CA ALA C 27 -26.90 53.99 1.10
C ALA C 27 -26.79 52.81 2.05
N ASN C 28 -27.93 52.19 2.34
CA ASN C 28 -27.97 50.94 3.10
C ASN C 28 -27.49 49.84 2.17
N GLU C 29 -26.20 49.51 2.27
CA GLU C 29 -25.54 48.72 1.25
C GLU C 29 -24.84 47.51 1.85
N MET C 30 -24.59 46.54 0.98
CA MET C 30 -23.81 45.37 1.33
C MET C 30 -22.33 45.68 1.25
N HIS C 31 -21.58 45.21 2.24
CA HIS C 31 -20.12 45.26 2.24
C HIS C 31 -19.61 43.94 2.79
N GLU C 32 -18.32 43.72 2.66
CA GLU C 32 -17.65 42.60 3.30
C GLU C 32 -16.55 43.15 4.19
N ARG C 33 -16.58 42.80 5.45
CA ARG C 33 -15.76 43.47 6.44
C ARG C 33 -15.38 42.49 7.54
N PHE C 34 -14.34 42.86 8.28
CA PHE C 34 -13.87 42.08 9.42
C PHE C 34 -14.67 42.47 10.67
N LEU C 35 -15.25 41.47 11.33
CA LEU C 35 -15.92 41.65 12.61
C LEU C 35 -15.34 40.62 13.58
N PHE C 36 -14.52 41.11 14.53
CA PHE C 36 -13.98 40.33 15.66
C PHE C 36 -13.12 39.16 15.21
N GLY C 37 -12.48 39.29 14.04
CA GLY C 37 -11.71 38.22 13.45
C GLY C 37 -12.41 37.45 12.35
N LYS C 38 -13.63 37.80 11.98
CA LYS C 38 -14.40 37.05 10.99
C LYS C 38 -14.68 37.91 9.77
N TRP C 39 -14.39 37.37 8.59
CA TRP C 39 -14.57 38.06 7.31
C TRP C 39 -15.99 37.80 6.81
N GLU C 40 -16.92 38.69 7.15
CA GLU C 40 -18.33 38.44 6.95
C GLU C 40 -19.00 39.61 6.24
N SER C 41 -20.19 39.33 5.71
CA SER C 41 -20.99 40.32 5.01
C SER C 41 -21.74 41.19 6.00
N VAL C 42 -21.94 42.46 5.63
CA VAL C 42 -22.50 43.46 6.52
C VAL C 42 -23.39 44.42 5.73
N GLN C 43 -24.64 44.56 6.19
CA GLN C 43 -25.58 45.53 5.63
C GLN C 43 -25.51 46.78 6.50
N TYR C 44 -24.93 47.87 5.97
CA TYR C 44 -24.72 49.04 6.80
C TYR C 44 -24.69 50.29 5.92
N VAL C 45 -24.61 51.44 6.58
CA VAL C 45 -24.50 52.75 5.95
C VAL C 45 -23.19 53.36 6.40
N PRO C 46 -22.31 53.79 5.49
CA PRO C 46 -21.07 54.47 5.92
C PRO C 46 -21.27 55.87 6.47
N GLY C 47 -22.45 56.48 6.27
CA GLY C 47 -22.65 57.86 6.71
C GLY C 47 -22.73 58.01 8.22
N LEU C 48 -23.50 57.13 8.89
CA LEU C 48 -23.56 57.18 10.35
C LEU C 48 -22.26 56.68 10.98
N VAL C 49 -21.57 55.75 10.31
CA VAL C 49 -20.26 55.28 10.74
C VAL C 49 -19.24 56.42 10.71
N LYS C 50 -19.28 57.23 9.65
CA LYS C 50 -18.52 58.47 9.59
C LYS C 50 -18.95 59.46 10.67
N LEU C 51 -20.26 59.51 10.95
CA LEU C 51 -20.81 60.46 11.91
C LEU C 51 -20.36 60.16 13.34
N ILE C 52 -20.05 58.90 13.66
CA ILE C 52 -19.42 58.63 14.96
C ILE C 52 -17.89 58.67 14.86
N ASP C 53 -17.32 58.22 13.73
CA ASP C 53 -15.88 58.12 13.55
C ASP C 53 -15.19 59.47 13.53
N GLU C 54 -15.90 60.53 13.15
CA GLU C 54 -15.33 61.88 13.19
C GLU C 54 -15.05 62.32 14.63
N ILE C 55 -16.01 62.12 15.54
CA ILE C 55 -15.82 62.48 16.94
C ILE C 55 -14.80 61.56 17.61
N ILE C 56 -14.80 60.28 17.19
CA ILE C 56 -13.83 59.31 17.73
C ILE C 56 -12.40 59.68 17.34
N ASP C 57 -12.18 60.01 16.07
CA ASP C 57 -10.85 60.42 15.64
C ASP C 57 -10.49 61.84 16.09
N ASN C 58 -11.47 62.68 16.41
CA ASN C 58 -11.17 63.95 17.06
C ASN C 58 -10.62 63.74 18.48
N SER C 59 -11.22 62.80 19.22
CA SER C 59 -10.70 62.45 20.54
C SER C 59 -9.32 61.78 20.44
N VAL C 60 -9.12 60.96 19.41
CA VAL C 60 -7.82 60.31 19.19
C VAL C 60 -6.76 61.33 18.77
N ASP C 61 -7.12 62.32 17.95
CA ASP C 61 -6.20 63.39 17.57
C ASP C 61 -5.86 64.30 18.74
N GLU C 62 -6.83 64.55 19.63
CA GLU C 62 -6.56 65.24 20.89
C GLU C 62 -5.61 64.43 21.77
N GLY C 63 -5.74 63.10 21.75
CA GLY C 63 -4.79 62.25 22.45
C GLY C 63 -3.38 62.29 21.88
N ILE C 64 -3.27 62.27 20.55
CA ILE C 64 -1.95 62.15 19.92
C ILE C 64 -1.25 63.50 19.77
N ARG C 65 -1.97 64.62 19.87
CA ARG C 65 -1.33 65.92 19.79
C ARG C 65 -0.60 66.31 21.08
N THR C 66 -0.83 65.58 22.19
CA THR C 66 -0.15 65.84 23.44
C THR C 66 0.83 64.73 23.83
N LYS C 67 1.10 63.80 22.91
CA LYS C 67 2.02 62.65 23.09
C LYS C 67 1.61 61.76 24.27
N PHE C 68 0.41 61.20 24.17
CA PHE C 68 -0.15 60.18 25.06
C PHE C 68 -0.28 60.63 26.51
N LYS C 69 -0.56 61.91 26.77
CA LYS C 69 -0.69 62.36 28.14
C LYS C 69 -2.08 62.88 28.51
N PHE C 70 -2.86 63.36 27.54
CA PHE C 70 -4.28 63.61 27.76
C PHE C 70 -5.10 62.88 26.70
N ALA C 71 -6.42 62.84 26.94
CA ALA C 71 -7.41 62.08 26.15
C ALA C 71 -7.06 60.61 26.05
N ASN C 72 -6.53 60.04 27.14
CA ASN C 72 -6.13 58.65 27.17
C ASN C 72 -7.27 57.72 27.57
N LYS C 73 -8.41 58.27 27.99
CA LYS C 73 -9.56 57.48 28.42
C LYS C 73 -10.77 57.99 27.64
N ILE C 74 -11.16 57.25 26.61
CA ILE C 74 -12.26 57.65 25.73
C ILE C 74 -13.40 56.67 25.96
N ASN C 75 -14.53 57.18 26.44
CA ASN C 75 -15.70 56.36 26.74
C ASN C 75 -16.75 56.59 25.66
N VAL C 76 -17.23 55.48 25.09
CA VAL C 76 -18.21 55.48 24.02
C VAL C 76 -19.47 54.81 24.54
N THR C 77 -20.62 55.47 24.34
CA THR C 77 -21.92 54.94 24.76
C THR C 77 -22.93 55.23 23.66
N ILE C 78 -23.22 54.22 22.84
CA ILE C 78 -24.22 54.38 21.74
C ILE C 78 -25.36 53.36 21.94
N LYS C 79 -26.46 53.78 22.56
CA LYS C 79 -27.61 52.91 22.78
C LYS C 79 -28.86 53.73 22.52
N ASN C 80 -29.75 53.19 21.66
CA ASN C 80 -31.08 53.74 21.34
C ASN C 80 -30.99 55.16 20.80
N ASN C 81 -30.24 55.31 19.70
CA ASN C 81 -30.15 56.52 18.87
C ASN C 81 -29.62 57.73 19.64
N GLN C 82 -28.73 57.47 20.60
CA GLN C 82 -28.06 58.56 21.31
C GLN C 82 -26.61 58.17 21.54
N VAL C 83 -25.71 59.09 21.16
CA VAL C 83 -24.25 58.76 21.25
C VAL C 83 -23.57 59.70 22.26
N THR C 84 -22.90 59.14 23.27
CA THR C 84 -22.18 59.85 24.32
C THR C 84 -20.71 59.43 24.26
N VAL C 85 -19.86 60.30 23.73
CA VAL C 85 -18.44 60.00 23.56
C VAL C 85 -17.64 61.07 24.30
N GLU C 86 -16.78 60.65 25.23
CA GLU C 86 -16.03 61.59 26.04
C GLU C 86 -14.56 61.18 26.15
N ASP C 87 -13.71 62.18 26.35
CA ASP C 87 -12.29 61.98 26.62
C ASP C 87 -11.80 63.09 27.53
N ASN C 88 -10.72 62.81 28.25
CA ASN C 88 -10.08 63.79 29.13
C ASN C 88 -8.88 64.49 28.49
N GLY C 89 -9.12 65.11 27.34
CA GLY C 89 -8.09 65.87 26.65
C GLY C 89 -8.08 67.33 27.07
N ARG C 90 -7.25 68.11 26.38
CA ARG C 90 -7.30 69.56 26.55
C ARG C 90 -8.59 70.13 25.95
N GLY C 91 -9.05 69.55 24.86
CA GLY C 91 -10.21 70.07 24.17
C GLY C 91 -9.86 71.33 23.40
N ILE C 92 -10.91 71.98 22.93
CA ILE C 92 -10.74 73.28 22.25
C ILE C 92 -10.73 74.37 23.31
N PRO C 93 -9.69 75.21 23.37
CA PRO C 93 -9.58 76.19 24.46
C PRO C 93 -10.53 77.36 24.28
N GLN C 94 -10.50 78.26 25.28
CA GLN C 94 -11.32 79.46 25.31
C GLN C 94 -10.72 80.59 24.48
N ALA C 95 -9.52 80.38 23.92
CA ALA C 95 -8.82 81.39 23.13
C ALA C 95 -9.59 81.72 21.85
N MET C 96 -9.57 83.01 21.51
CA MET C 96 -10.46 83.55 20.49
C MET C 96 -9.93 83.19 19.11
N VAL C 97 -10.78 82.59 18.29
CA VAL C 97 -10.48 82.29 16.90
C VAL C 97 -11.37 83.16 16.02
N LYS C 98 -10.72 83.90 15.12
CA LYS C 98 -11.38 84.92 14.32
C LYS C 98 -11.98 84.33 13.06
N THR C 99 -13.00 84.99 12.56
CA THR C 99 -13.68 84.66 11.32
C THR C 99 -13.37 85.69 10.25
N PRO C 100 -13.29 85.26 8.97
CA PRO C 100 -13.11 86.24 7.88
C PRO C 100 -14.32 87.13 7.66
N THR C 101 -15.52 86.72 8.10
CA THR C 101 -16.68 87.58 8.01
C THR C 101 -16.62 88.73 9.01
N GLY C 102 -15.88 88.56 10.11
CA GLY C 102 -15.70 89.59 11.10
C GLY C 102 -16.36 89.32 12.43
N GLU C 103 -17.27 88.35 12.50
CA GLU C 103 -17.92 88.03 13.77
C GLU C 103 -16.97 87.25 14.67
N GLU C 104 -17.12 87.48 15.97
CA GLU C 104 -16.27 86.84 16.99
C GLU C 104 -17.01 85.62 17.52
N ILE C 105 -16.55 84.44 17.11
CA ILE C 105 -17.16 83.17 17.48
C ILE C 105 -16.14 82.40 18.32
N PRO C 106 -16.53 81.87 19.49
CA PRO C 106 -15.56 81.15 20.34
C PRO C 106 -15.17 79.80 19.76
N GLY C 107 -14.26 79.14 20.48
CA GLY C 107 -13.53 77.98 20.00
C GLY C 107 -14.30 76.73 19.66
N PRO C 108 -14.90 76.06 20.67
CA PRO C 108 -15.62 74.80 20.40
C PRO C 108 -16.85 74.95 19.53
N VAL C 109 -17.56 76.07 19.60
CA VAL C 109 -18.73 76.25 18.74
C VAL C 109 -18.31 76.48 17.28
N ALA C 110 -17.19 77.17 17.04
CA ALA C 110 -16.68 77.27 15.68
C ALA C 110 -16.06 75.97 15.20
N ALA C 111 -15.57 75.15 16.12
CA ALA C 111 -15.08 73.82 15.74
C ALA C 111 -16.21 72.85 15.44
N TRP C 112 -17.39 73.05 16.05
CA TRP C 112 -18.47 72.07 15.95
C TRP C 112 -19.59 72.47 15.01
N THR C 113 -19.77 73.76 14.70
CA THR C 113 -20.88 74.19 13.87
C THR C 113 -20.45 74.74 12.51
N ILE C 114 -19.42 75.57 12.47
CA ILE C 114 -18.94 76.14 11.22
C ILE C 114 -17.87 75.25 10.62
N PRO C 115 -17.97 74.87 9.34
CA PRO C 115 -16.90 74.09 8.70
C PRO C 115 -15.66 74.91 8.39
N LYS C 116 -14.62 74.24 7.89
CA LYS C 116 -13.28 74.79 7.61
C LYS C 116 -12.68 75.46 8.85
N ALA C 117 -12.69 74.71 9.96
CA ALA C 117 -12.15 75.21 11.22
C ALA C 117 -11.45 74.07 11.94
N GLY C 118 -10.19 74.28 12.31
CA GLY C 118 -9.46 73.28 13.04
C GLY C 118 -8.02 73.70 13.21
N GLY C 119 -7.33 72.98 14.09
CA GLY C 119 -5.92 73.22 14.33
C GLY C 119 -5.03 72.28 13.53
N ASN C 120 -5.61 71.63 12.52
CA ASN C 120 -4.92 70.64 11.71
C ASN C 120 -4.51 71.21 10.35
N PHE C 121 -4.51 72.52 10.19
CA PHE C 121 -4.14 73.18 8.95
C PHE C 121 -2.68 73.61 8.94
N GLY C 122 -1.84 72.96 9.75
CA GLY C 122 -0.44 73.33 9.89
C GLY C 122 0.44 72.77 8.80
N ASP C 123 1.73 72.72 9.10
CA ASP C 123 2.72 72.21 8.15
C ASP C 123 2.62 70.70 8.03
N ASP C 124 2.83 70.19 6.82
CA ASP C 124 2.75 68.75 6.59
C ASP C 124 3.99 68.01 7.05
N LYS C 125 5.09 68.72 7.29
CA LYS C 125 6.34 68.08 7.70
C LYS C 125 6.41 67.82 9.20
N GLU C 126 5.44 68.29 9.97
CA GLU C 126 5.43 68.13 11.42
C GLU C 126 4.19 67.43 11.96
N ARG C 127 3.09 67.46 11.22
CA ARG C 127 1.80 66.99 11.73
C ARG C 127 1.73 65.47 11.69
N VAL C 128 1.38 64.86 12.82
CA VAL C 128 1.16 63.42 12.88
C VAL C 128 -0.32 63.05 12.81
N THR C 129 -1.23 64.01 12.97
CA THR C 129 -2.65 63.73 12.92
C THR C 129 -3.12 63.52 11.49
N GLY C 130 -4.21 62.78 11.33
CA GLY C 130 -4.77 62.48 10.04
C GLY C 130 -5.78 63.48 9.51
N GLY C 131 -5.95 64.62 10.17
CA GLY C 131 -6.99 65.55 9.77
C GLY C 131 -6.49 66.63 8.82
N MET C 132 -7.28 66.87 7.77
CA MET C 132 -6.96 67.89 6.77
C MET C 132 -8.15 68.67 6.24
N ASN C 133 -9.26 68.76 6.97
CA ASN C 133 -10.44 69.33 6.34
C ASN C 133 -11.06 70.50 7.10
N GLY C 134 -11.13 70.41 8.42
CA GLY C 134 -11.80 71.46 9.18
C GLY C 134 -13.31 71.42 9.17
N VAL C 135 -13.92 70.41 8.53
CA VAL C 135 -15.35 70.39 8.26
C VAL C 135 -16.07 69.29 9.01
N GLY C 136 -15.37 68.55 9.86
CA GLY C 136 -15.88 67.29 10.36
C GLY C 136 -16.94 67.31 11.43
N SER C 137 -16.73 68.09 12.50
CA SER C 137 -17.73 68.18 13.54
C SER C 137 -18.94 68.98 13.09
N SER C 138 -18.79 69.88 12.10
CA SER C 138 -19.93 70.48 11.44
C SER C 138 -20.72 69.43 10.66
N LEU C 139 -20.02 68.48 10.02
CA LEU C 139 -20.68 67.38 9.33
C LEU C 139 -21.39 66.45 10.31
N THR C 140 -20.84 66.31 11.52
CA THR C 140 -21.52 65.54 12.56
C THR C 140 -22.75 66.27 13.08
N ASN C 141 -22.63 67.58 13.31
CA ASN C 141 -23.68 68.37 13.92
C ASN C 141 -24.84 68.68 12.97
N ILE C 142 -24.58 68.75 11.66
CA ILE C 142 -25.62 69.11 10.70
C ILE C 142 -26.65 68.00 10.58
N PHE C 143 -26.20 66.74 10.59
CA PHE C 143 -27.09 65.59 10.48
C PHE C 143 -27.55 65.06 11.83
N SER C 144 -27.71 65.93 12.82
CA SER C 144 -28.19 65.55 14.14
C SER C 144 -29.35 66.44 14.54
N VAL C 145 -30.44 65.83 15.01
CA VAL C 145 -31.58 66.62 15.44
C VAL C 145 -31.43 67.14 16.88
N MET C 146 -30.84 66.36 17.78
CA MET C 146 -30.39 66.90 19.07
C MET C 146 -28.87 66.80 19.14
N PHE C 147 -28.24 67.80 19.75
CA PHE C 147 -26.82 67.70 20.08
C PHE C 147 -26.53 68.55 21.30
N VAL C 148 -25.76 68.00 22.23
CA VAL C 148 -25.10 68.76 23.28
C VAL C 148 -23.63 68.39 23.28
N GLY C 149 -22.77 69.38 23.51
CA GLY C 149 -21.35 69.13 23.55
C GLY C 149 -20.65 70.00 24.58
N GLU C 150 -19.86 69.39 25.45
CA GLU C 150 -19.18 70.11 26.52
C GLU C 150 -17.68 69.97 26.31
N THR C 151 -16.97 71.09 26.40
CA THR C 151 -15.51 71.08 26.44
C THR C 151 -15.05 71.90 27.63
N GLY C 152 -14.39 71.24 28.58
CA GLY C 152 -13.74 71.92 29.68
C GLY C 152 -12.27 72.08 29.35
N ASP C 153 -11.75 73.28 29.57
CA ASP C 153 -10.35 73.56 29.27
C ASP C 153 -9.48 73.68 30.51
N GLY C 154 -9.98 73.25 31.67
CA GLY C 154 -9.27 73.42 32.92
C GLY C 154 -9.65 74.67 33.69
N GLN C 155 -10.33 75.62 33.06
CA GLN C 155 -10.84 76.80 33.74
C GLN C 155 -12.33 77.02 33.51
N ASN C 156 -12.89 76.50 32.42
CA ASN C 156 -14.29 76.71 32.09
C ASN C 156 -14.84 75.52 31.32
N ASN C 157 -16.16 75.40 31.34
CA ASN C 157 -16.91 74.50 30.48
C ASN C 157 -17.59 75.32 29.39
N ILE C 158 -17.50 74.86 28.15
CA ILE C 158 -18.17 75.48 27.02
C ILE C 158 -19.15 74.44 26.48
N VAL C 159 -20.44 74.74 26.58
CA VAL C 159 -21.51 73.81 26.23
C VAL C 159 -22.25 74.36 25.03
N VAL C 160 -22.27 73.60 23.94
CA VAL C 160 -22.93 73.97 22.70
C VAL C 160 -24.10 73.02 22.50
N ARG C 161 -25.30 73.59 22.41
CA ARG C 161 -26.52 72.84 22.17
C ARG C 161 -27.05 73.21 20.78
N CYS C 162 -27.27 72.20 19.95
CA CYS C 162 -27.74 72.42 18.59
C CYS C 162 -28.96 71.56 18.30
N SER C 163 -29.87 72.12 17.50
CA SER C 163 -31.12 71.46 17.18
C SER C 163 -31.66 72.02 15.86
N ASN C 164 -32.57 71.23 15.28
CA ASN C 164 -33.37 71.57 14.09
C ASN C 164 -32.53 71.85 12.85
N GLY C 165 -31.37 71.18 12.75
CA GLY C 165 -30.53 71.24 11.56
C GLY C 165 -29.92 72.59 11.28
N MET C 166 -29.17 73.11 12.25
CA MET C 166 -28.60 74.48 12.26
C MET C 166 -29.66 75.56 12.08
N GLU C 167 -30.87 75.30 12.59
CA GLU C 167 -31.80 76.39 12.85
C GLU C 167 -31.64 76.91 14.27
N ASN C 168 -31.21 76.03 15.18
CA ASN C 168 -30.92 76.42 16.56
C ASN C 168 -29.51 75.99 16.91
N LYS C 169 -28.69 76.94 17.34
CA LYS C 169 -27.39 76.62 17.92
C LYS C 169 -27.09 77.67 18.99
N SER C 170 -26.62 77.21 20.14
CA SER C 170 -26.39 78.10 21.28
C SER C 170 -25.20 77.61 22.07
N TRP C 171 -24.20 78.46 22.23
CA TRP C 171 -23.03 78.14 23.04
C TRP C 171 -23.08 78.94 24.33
N GLU C 172 -22.69 78.30 25.42
CA GLU C 172 -22.71 78.93 26.74
C GLU C 172 -21.42 78.59 27.46
N THR C 173 -21.02 79.47 28.38
CA THR C 173 -19.82 79.30 29.18
C THR C 173 -20.21 79.17 30.64
N ILE C 174 -19.95 78.00 31.21
CA ILE C 174 -20.24 77.72 32.62
C ILE C 174 -18.89 77.67 33.35
N PRO C 175 -18.79 78.19 34.57
CA PRO C 175 -17.57 77.93 35.36
C PRO C 175 -17.46 76.47 35.75
N GLY C 176 -16.24 75.98 35.79
CA GLY C 176 -16.00 74.59 36.11
C GLY C 176 -14.52 74.29 36.10
N LYS C 177 -14.20 73.05 36.51
CA LYS C 177 -12.81 72.59 36.59
C LYS C 177 -12.56 71.39 35.68
N TRP C 178 -13.46 71.13 34.74
CA TRP C 178 -13.32 70.00 33.83
C TRP C 178 -12.25 70.28 32.78
N LYS C 179 -11.62 69.22 32.29
CA LYS C 179 -10.68 69.31 31.17
C LYS C 179 -10.90 68.10 30.29
N GLY C 180 -11.71 68.28 29.25
CA GLY C 180 -12.01 67.20 28.34
C GLY C 180 -13.13 67.61 27.39
N THR C 181 -13.56 66.62 26.60
CA THR C 181 -14.60 66.81 25.60
C THR C 181 -15.63 65.69 25.71
N ARG C 182 -16.90 66.05 25.64
CA ARG C 182 -17.99 65.07 25.63
C ARG C 182 -19.03 65.52 24.63
N VAL C 183 -19.38 64.64 23.70
CA VAL C 183 -20.36 64.92 22.67
C VAL C 183 -21.48 63.89 22.82
N THR C 184 -22.71 64.39 23.01
CA THR C 184 -23.89 63.54 23.13
C THR C 184 -24.92 64.04 22.12
N PHE C 185 -25.19 63.24 21.09
CA PHE C 185 -26.13 63.70 20.08
C PHE C 185 -27.09 62.58 19.69
N ILE C 186 -28.26 63.02 19.24
CA ILE C 186 -29.31 62.17 18.68
C ILE C 186 -29.45 62.55 17.21
N PRO C 187 -29.25 61.61 16.28
CA PRO C 187 -29.05 61.98 14.88
C PRO C 187 -30.36 62.17 14.11
N ASP C 188 -30.22 62.82 12.96
CA ASP C 188 -31.34 63.10 12.06
C ASP C 188 -31.65 61.85 11.24
N PHE C 189 -32.85 61.32 11.42
CA PHE C 189 -33.29 60.15 10.67
C PHE C 189 -34.10 60.51 9.43
N MET C 190 -34.45 61.78 9.25
CA MET C 190 -35.10 62.24 8.04
C MET C 190 -34.13 62.49 6.90
N SER C 191 -32.83 62.56 7.18
CA SER C 191 -31.81 62.70 6.15
C SER C 191 -31.24 61.34 5.75
N PHE C 192 -30.88 60.52 6.72
CA PHE C 192 -30.41 59.16 6.46
C PHE C 192 -31.58 58.25 6.12
N GLU C 193 -31.26 57.10 5.55
CA GLU C 193 -32.27 56.10 5.18
C GLU C 193 -32.47 55.08 6.29
N THR C 194 -32.82 55.58 7.47
CA THR C 194 -33.01 54.75 8.65
C THR C 194 -33.93 55.49 9.62
N ASN C 195 -34.35 54.78 10.66
CA ASN C 195 -35.18 55.37 11.70
C ASN C 195 -34.57 55.12 13.08
N GLU C 196 -33.85 54.02 13.21
CA GLU C 196 -33.25 53.63 14.48
C GLU C 196 -31.87 53.04 14.23
N LEU C 197 -31.20 52.67 15.32
CA LEU C 197 -29.86 52.11 15.25
C LEU C 197 -29.92 50.60 15.53
N SER C 198 -29.25 49.82 14.68
CA SER C 198 -29.19 48.38 14.82
C SER C 198 -27.81 47.94 15.31
N GLN C 199 -27.73 46.68 15.74
CA GLN C 199 -26.57 46.17 16.45
C GLN C 199 -25.40 45.81 15.54
N VAL C 200 -25.60 45.77 14.22
CA VAL C 200 -24.49 45.51 13.32
C VAL C 200 -23.54 46.71 13.27
N TYR C 201 -24.09 47.94 13.42
CA TYR C 201 -23.25 49.12 13.57
C TYR C 201 -22.50 49.13 14.89
N LEU C 202 -23.11 48.61 15.94
CA LEU C 202 -22.42 48.50 17.22
C LEU C 202 -21.36 47.41 17.19
N ASP C 203 -21.57 46.35 16.42
CA ASP C 203 -20.52 45.37 16.18
C ASP C 203 -19.36 45.97 15.41
N ILE C 204 -19.68 46.83 14.43
CA ILE C 204 -18.66 47.57 13.67
C ILE C 204 -17.86 48.47 14.60
N THR C 205 -18.56 49.18 15.49
CA THR C 205 -17.92 50.09 16.45
C THR C 205 -17.06 49.32 17.46
N LEU C 206 -17.54 48.16 17.91
CA LEU C 206 -16.78 47.35 18.86
C LEU C 206 -15.54 46.76 18.23
N ASP C 207 -15.64 46.30 16.98
CA ASP C 207 -14.46 45.76 16.30
C ASP C 207 -13.47 46.86 15.94
N ARG C 208 -13.97 48.07 15.61
CA ARG C 208 -13.09 49.20 15.35
C ARG C 208 -12.39 49.66 16.62
N LEU C 209 -13.08 49.62 17.76
CA LEU C 209 -12.43 49.96 19.02
C LEU C 209 -11.42 48.90 19.45
N GLN C 210 -11.70 47.62 19.16
CA GLN C 210 -10.74 46.55 19.36
C GLN C 210 -9.49 46.76 18.50
N THR C 211 -9.70 47.10 17.23
CA THR C 211 -8.61 47.34 16.28
C THR C 211 -7.76 48.53 16.68
N LEU C 212 -8.40 49.64 17.04
CA LEU C 212 -7.69 50.86 17.41
C LEU C 212 -7.02 50.72 18.78
N ALA C 213 -7.56 49.87 19.66
CA ALA C 213 -6.85 49.55 20.89
C ALA C 213 -5.63 48.68 20.62
N VAL C 214 -5.69 47.81 19.61
CA VAL C 214 -4.51 47.06 19.19
C VAL C 214 -3.47 48.01 18.58
N VAL C 215 -3.93 49.02 17.85
CA VAL C 215 -3.03 50.04 17.29
C VAL C 215 -2.40 50.88 18.41
N TYR C 216 -3.22 51.37 19.33
CA TYR C 216 -2.74 52.26 20.40
C TYR C 216 -3.08 51.69 21.77
N PRO C 217 -2.12 51.07 22.45
CA PRO C 217 -2.40 50.51 23.78
C PRO C 217 -2.33 51.52 24.92
N ASP C 218 -1.77 52.71 24.69
CA ASP C 218 -1.71 53.71 25.75
C ASP C 218 -3.08 54.32 26.01
N ILE C 219 -3.87 54.52 24.95
CA ILE C 219 -5.21 55.04 25.10
C ILE C 219 -6.16 53.90 25.44
N GLN C 220 -6.92 54.05 26.51
CA GLN C 220 -7.82 53.01 27.00
C GLN C 220 -9.25 53.38 26.61
N PHE C 221 -9.86 52.55 25.78
CA PHE C 221 -11.20 52.81 25.28
C PHE C 221 -12.21 51.94 26.03
N THR C 222 -13.37 52.52 26.31
CA THR C 222 -14.47 51.79 26.92
C THR C 222 -15.73 51.99 26.09
N PHE C 223 -16.30 50.89 25.61
CA PHE C 223 -17.53 50.89 24.83
C PHE C 223 -18.67 50.45 25.73
N ASN C 224 -19.58 51.39 26.03
CA ASN C 224 -20.73 51.21 26.93
C ASN C 224 -20.30 50.72 28.31
N GLY C 225 -19.19 51.23 28.80
CA GLY C 225 -18.68 50.82 30.09
C GLY C 225 -17.91 49.52 30.08
N LYS C 226 -17.55 49.00 28.92
CA LYS C 226 -16.82 47.74 28.79
C LYS C 226 -15.44 48.03 28.23
N LYS C 227 -14.40 47.71 29.00
CA LYS C 227 -13.03 47.96 28.61
C LYS C 227 -12.57 46.97 27.55
N VAL C 228 -11.69 47.43 26.67
CA VAL C 228 -11.06 46.59 25.65
C VAL C 228 -9.55 46.73 25.75
N GLN C 229 -8.85 45.60 25.78
CA GLN C 229 -7.39 45.57 25.73
C GLN C 229 -6.94 45.39 24.29
N GLY C 230 -5.73 45.87 24.00
CA GLY C 230 -5.21 45.76 22.65
C GLY C 230 -3.86 45.07 22.55
N ASN C 231 -3.84 43.91 21.91
CA ASN C 231 -2.61 43.17 21.64
C ASN C 231 -2.60 42.72 20.19
N PHE C 232 -1.44 42.83 19.57
CA PHE C 232 -1.29 42.42 18.18
C PHE C 232 -1.30 40.90 18.03
N LYS C 233 -0.90 40.16 19.07
CA LYS C 233 -0.88 38.71 18.96
C LYS C 233 -2.28 38.11 19.00
N LYS C 234 -3.15 38.60 19.90
CA LYS C 234 -4.53 38.12 19.92
C LYS C 234 -5.31 38.59 18.71
N TYR C 235 -4.98 39.79 18.19
CA TYR C 235 -5.61 40.27 16.98
C TYR C 235 -5.13 39.50 15.76
N ALA C 236 -3.89 39.01 15.79
CA ALA C 236 -3.39 38.16 14.71
C ALA C 236 -3.95 36.75 14.80
N ARG C 237 -4.22 36.27 16.00
CA ARG C 237 -4.68 34.90 16.19
C ARG C 237 -6.21 34.79 16.24
N GLN C 238 -6.92 35.91 16.27
CA GLN C 238 -8.34 35.92 15.90
C GLN C 238 -8.51 35.70 14.41
N TYR C 239 -7.48 36.05 13.62
CA TYR C 239 -7.52 36.05 12.17
C TYR C 239 -7.24 34.66 11.62
N ASP C 240 -6.03 34.17 11.88
CA ASP C 240 -5.60 32.82 11.55
C ASP C 240 -4.71 32.34 12.68
N GLU C 241 -4.72 31.03 12.94
CA GLU C 241 -3.92 30.49 14.04
C GLU C 241 -2.43 30.46 13.73
N HIS C 242 -2.04 30.56 12.45
CA HIS C 242 -0.66 30.59 12.05
C HIS C 242 -0.27 31.90 11.37
N ALA C 243 -0.84 33.01 11.82
CA ALA C 243 -0.51 34.32 11.27
C ALA C 243 0.83 34.79 11.83
N ILE C 244 1.82 34.94 10.96
CA ILE C 244 3.16 35.32 11.38
C ILE C 244 3.19 36.81 11.70
N VAL C 245 3.67 37.15 12.91
CA VAL C 245 3.75 38.53 13.38
C VAL C 245 5.13 39.09 13.10
N GLN C 246 5.18 40.40 12.88
CA GLN C 246 6.44 41.11 12.67
C GLN C 246 6.22 42.55 13.12
N GLU C 247 6.82 42.92 14.25
CA GLU C 247 6.56 44.22 14.87
C GLU C 247 7.82 45.07 14.86
N GLN C 248 7.61 46.39 14.76
CA GLN C 248 8.71 47.34 14.81
C GLN C 248 8.38 48.46 15.79
N GLU C 249 9.20 49.51 15.80
CA GLU C 249 8.92 50.67 16.64
C GLU C 249 7.80 51.54 16.09
N ASN C 250 7.45 51.38 14.81
CA ASN C 250 6.39 52.14 14.19
C ASN C 250 5.46 51.28 13.34
N CYS C 251 5.74 49.99 13.22
CA CYS C 251 4.98 49.10 12.34
C CYS C 251 4.65 47.80 13.04
N SER C 252 3.55 47.18 12.61
CA SER C 252 3.16 45.87 13.13
C SER C 252 2.36 45.16 12.06
N ILE C 253 2.91 44.09 11.46
CA ILE C 253 2.30 43.42 10.32
C ILE C 253 2.22 41.92 10.59
N ALA C 254 1.03 41.36 10.42
CA ALA C 254 0.81 39.92 10.50
C ALA C 254 0.35 39.39 9.15
N VAL C 255 0.79 38.19 8.80
CA VAL C 255 0.46 37.56 7.53
C VAL C 255 -0.30 36.26 7.83
N GLY C 256 -1.49 36.12 7.25
CA GLY C 256 -2.30 34.93 7.42
C GLY C 256 -2.74 34.36 6.08
N ARG C 257 -4.00 33.93 6.03
CA ARG C 257 -4.54 33.19 4.90
C ARG C 257 -5.85 33.80 4.40
N SER C 258 -6.09 33.64 3.12
CA SER C 258 -7.36 34.06 2.51
C SER C 258 -7.78 32.99 1.51
N PRO C 259 -8.60 32.03 1.94
CA PRO C 259 -8.92 30.89 1.06
C PRO C 259 -9.97 31.18 0.00
N ASP C 260 -10.84 32.16 0.20
CA ASP C 260 -11.91 32.42 -0.75
C ASP C 260 -11.81 33.82 -1.32
N GLY C 261 -10.62 34.21 -1.75
CA GLY C 261 -10.38 35.55 -2.24
C GLY C 261 -9.16 36.14 -1.59
N PHE C 262 -9.16 37.46 -1.36
CA PHE C 262 -8.08 38.14 -0.67
C PHE C 262 -8.68 38.99 0.45
N ARG C 263 -8.00 39.04 1.59
CA ARG C 263 -8.45 39.83 2.72
C ARG C 263 -7.35 40.74 3.20
N GLN C 264 -7.75 41.91 3.72
CA GLN C 264 -6.81 42.84 4.32
C GLN C 264 -7.53 43.73 5.31
N LEU C 265 -6.76 44.29 6.23
CA LEU C 265 -7.21 45.38 7.10
C LEU C 265 -5.96 46.17 7.49
N THR C 266 -5.72 47.27 6.79
CA THR C 266 -4.55 48.08 7.02
C THR C 266 -4.95 49.44 7.57
N TYR C 267 -4.05 50.04 8.35
CA TYR C 267 -4.30 51.30 9.04
C TYR C 267 -3.18 52.27 8.77
N VAL C 268 -3.53 53.46 8.29
CA VAL C 268 -2.61 54.59 8.26
C VAL C 268 -2.95 55.45 9.47
N ASN C 269 -2.02 55.54 10.43
CA ASN C 269 -2.12 56.26 11.69
C ASN C 269 -3.36 55.88 12.50
N ASN C 270 -4.43 56.68 12.36
CA ASN C 270 -5.67 56.47 13.09
C ASN C 270 -6.87 56.44 12.16
N ILE C 271 -6.65 56.14 10.89
CA ILE C 271 -7.73 56.03 9.90
C ILE C 271 -7.76 54.60 9.38
N HIS C 272 -8.95 54.01 9.40
CA HIS C 272 -9.20 52.69 8.79
C HIS C 272 -9.18 52.80 7.27
N THR C 273 -8.04 52.50 6.66
CA THR C 273 -7.92 52.54 5.20
C THR C 273 -8.37 51.19 4.66
N LYS C 274 -9.67 51.10 4.35
CA LYS C 274 -10.22 49.87 3.78
C LYS C 274 -9.82 49.68 2.31
N ASN C 275 -9.40 50.74 1.63
CA ASN C 275 -8.85 50.63 0.29
C ASN C 275 -7.33 50.67 0.28
N GLY C 276 -6.71 50.78 1.45
CA GLY C 276 -5.26 50.69 1.53
C GLY C 276 -4.57 51.98 1.13
N GLY C 277 -3.56 51.87 0.28
CA GLY C 277 -2.81 53.02 -0.16
C GLY C 277 -1.50 52.58 -0.80
N HIS C 278 -0.57 53.53 -0.91
CA HIS C 278 0.75 53.25 -1.45
C HIS C 278 1.62 52.47 -0.50
N HIS C 279 1.31 52.51 0.80
CA HIS C 279 2.11 51.86 1.83
C HIS C 279 2.07 50.34 1.70
N ILE C 280 0.88 49.77 1.47
CA ILE C 280 0.76 48.32 1.32
C ILE C 280 1.28 47.88 -0.04
N ASP C 281 1.23 48.78 -1.03
CA ASP C 281 1.80 48.49 -2.34
C ASP C 281 3.32 48.36 -2.26
N CYS C 282 3.97 49.33 -1.59
CA CYS C 282 5.42 49.30 -1.44
C CYS C 282 5.87 48.13 -0.55
N VAL C 283 5.15 47.89 0.54
CA VAL C 283 5.50 46.81 1.47
C VAL C 283 5.26 45.44 0.83
N MET C 284 4.19 45.28 0.05
CA MET C 284 3.91 43.99 -0.56
C MET C 284 4.80 43.74 -1.76
N ASP C 285 5.22 44.80 -2.47
CA ASP C 285 6.27 44.64 -3.47
C ASP C 285 7.59 44.23 -2.85
N ASP C 286 7.94 44.82 -1.69
CA ASP C 286 9.15 44.44 -0.98
C ASP C 286 9.09 43.02 -0.43
N ILE C 287 7.92 42.53 -0.03
CA ILE C 287 7.80 41.15 0.42
C ILE C 287 7.84 40.18 -0.76
N CYS C 288 7.08 40.48 -1.82
CA CYS C 288 6.98 39.59 -2.97
C CYS C 288 8.24 39.52 -3.81
N GLU C 289 9.04 40.60 -3.86
CA GLU C 289 10.30 40.58 -4.61
C GLU C 289 11.35 39.68 -3.98
N ASP C 290 11.20 39.33 -2.69
CA ASP C 290 11.97 38.28 -2.08
C ASP C 290 11.22 36.95 -2.03
N LEU C 291 9.89 36.98 -2.07
CA LEU C 291 9.11 35.75 -1.90
C LEU C 291 9.02 34.92 -3.18
N ILE C 292 8.60 35.54 -4.29
CA ILE C 292 8.40 34.85 -5.57
C ILE C 292 9.69 34.27 -6.16
N PRO C 293 10.86 34.95 -6.14
CA PRO C 293 12.10 34.20 -6.47
C PRO C 293 12.44 33.08 -5.49
N GLN C 294 12.05 33.21 -4.22
CA GLN C 294 12.33 32.14 -3.26
C GLN C 294 11.46 30.92 -3.51
N ILE C 295 10.18 31.12 -3.87
CA ILE C 295 9.37 29.96 -4.21
C ILE C 295 9.72 29.40 -5.59
N LYS C 296 10.26 30.26 -6.49
CA LYS C 296 10.78 29.78 -7.76
C LYS C 296 12.02 28.92 -7.56
N ARG C 297 12.87 29.28 -6.59
CA ARG C 297 13.99 28.42 -6.22
C ARG C 297 13.52 27.18 -5.47
N LYS C 298 12.41 27.29 -4.73
CA LYS C 298 11.89 26.22 -3.92
C LYS C 298 11.33 25.06 -4.75
N PHE C 299 10.31 25.32 -5.56
CA PHE C 299 9.61 24.20 -6.19
C PHE C 299 9.43 24.40 -7.70
N LYS C 300 10.31 25.20 -8.32
CA LYS C 300 10.43 25.48 -9.78
C LYS C 300 9.10 25.77 -10.48
N ILE C 301 8.20 26.44 -9.77
CA ILE C 301 6.93 26.88 -10.34
C ILE C 301 6.94 28.40 -10.37
N ASP C 302 6.85 28.98 -11.56
CA ASP C 302 6.79 30.43 -11.71
C ASP C 302 5.36 30.87 -11.48
N VAL C 303 5.01 31.10 -10.22
CA VAL C 303 3.69 31.54 -9.83
C VAL C 303 3.62 33.05 -10.07
N THR C 304 2.54 33.50 -10.71
CA THR C 304 2.37 34.91 -11.00
C THR C 304 2.09 35.69 -9.71
N LYS C 305 2.35 37.00 -9.76
CA LYS C 305 2.38 37.85 -8.57
C LYS C 305 0.99 38.00 -7.94
N ALA C 306 -0.06 38.09 -8.77
CA ALA C 306 -1.43 38.04 -8.27
C ALA C 306 -1.74 36.69 -7.63
N ARG C 307 -1.25 35.60 -8.24
CA ARG C 307 -1.47 34.27 -7.70
C ARG C 307 -0.66 34.03 -6.43
N VAL C 308 0.48 34.71 -6.28
CA VAL C 308 1.25 34.61 -5.05
C VAL C 308 0.55 35.38 -3.93
N LYS C 309 0.21 36.64 -4.19
CA LYS C 309 -0.33 37.50 -3.15
C LYS C 309 -1.82 37.30 -2.91
N GLU C 310 -2.49 36.45 -3.69
CA GLU C 310 -3.92 36.23 -3.53
C GLU C 310 -4.28 35.33 -2.36
N CYS C 311 -3.30 34.73 -1.67
CA CYS C 311 -3.64 33.77 -0.64
C CYS C 311 -3.12 34.22 0.73
N LEU C 312 -3.34 35.49 1.06
CA LEU C 312 -2.85 36.09 2.29
C LEU C 312 -3.93 36.95 2.92
N THR C 313 -3.98 36.99 4.25
CA THR C 313 -4.64 38.09 4.94
C THR C 313 -3.59 38.83 5.76
N ILE C 314 -3.64 40.16 5.68
CA ILE C 314 -2.57 41.02 6.19
C ILE C 314 -3.16 41.95 7.23
N VAL C 315 -2.55 41.97 8.41
CA VAL C 315 -2.93 42.87 9.49
C VAL C 315 -1.80 43.86 9.69
N MET C 316 -1.90 45.03 9.06
CA MET C 316 -0.84 46.04 9.11
C MET C 316 -1.33 47.27 9.86
N PHE C 317 -0.62 47.61 10.93
CA PHE C 317 -0.88 48.81 11.72
C PHE C 317 0.38 49.65 11.76
N VAL C 318 0.30 50.87 11.26
CA VAL C 318 1.43 51.79 11.16
C VAL C 318 1.16 52.96 12.10
N ARG C 319 2.15 53.33 12.90
CA ARG C 319 2.04 54.41 13.85
C ARG C 319 3.11 55.47 13.58
N ASP C 320 2.75 56.73 13.88
CA ASP C 320 3.63 57.90 13.88
C ASP C 320 4.22 58.18 12.49
N MET C 321 3.34 58.42 11.53
CA MET C 321 3.75 58.80 10.18
C MET C 321 3.49 60.28 9.93
N LYS C 322 4.17 60.82 8.93
CA LYS C 322 4.11 62.24 8.61
C LYS C 322 3.81 62.42 7.13
N ASN C 323 3.24 63.61 6.81
CA ASN C 323 2.91 64.06 5.45
C ASN C 323 1.95 63.09 4.74
N MET C 324 0.87 62.76 5.42
CA MET C 324 -0.14 61.87 4.84
C MET C 324 -1.00 62.62 3.83
N ARG C 325 -1.39 61.92 2.76
CA ARG C 325 -2.20 62.52 1.70
C ARG C 325 -3.24 61.50 1.27
N PHE C 326 -4.52 61.83 1.45
CA PHE C 326 -5.62 61.04 0.95
C PHE C 326 -6.38 61.86 -0.08
N ASP C 327 -6.93 61.16 -1.07
CA ASP C 327 -7.47 61.81 -2.27
C ASP C 327 -8.93 62.20 -2.15
N SER C 328 -9.59 61.92 -1.02
CA SER C 328 -11.00 62.19 -0.88
C SER C 328 -11.32 62.59 0.55
N GLN C 329 -12.50 63.19 0.72
CA GLN C 329 -13.12 63.34 2.03
C GLN C 329 -13.55 62.01 2.62
N THR C 330 -13.77 61.01 1.76
CA THR C 330 -13.97 59.63 2.23
C THR C 330 -12.71 59.09 2.92
N LYS C 331 -11.53 59.56 2.48
CA LYS C 331 -10.22 59.30 3.11
C LYS C 331 -9.85 57.82 3.12
N GLU C 332 -10.39 57.04 2.18
CA GLU C 332 -10.29 55.59 2.25
C GLU C 332 -8.98 55.06 1.67
N ARG C 333 -8.18 55.90 1.02
CA ARG C 333 -6.98 55.42 0.34
C ARG C 333 -5.96 56.56 0.28
N LEU C 334 -4.69 56.17 0.38
CA LEU C 334 -3.59 57.10 0.56
C LEU C 334 -2.98 57.44 -0.80
N THR C 335 -2.89 58.73 -1.11
CA THR C 335 -2.23 59.18 -2.33
C THR C 335 -0.92 59.91 -2.02
N SER C 336 -0.31 59.58 -0.89
CA SER C 336 0.99 60.14 -0.54
C SER C 336 2.07 59.60 -1.48
N PRO C 337 3.12 60.39 -1.76
CA PRO C 337 4.23 59.89 -2.56
C PRO C 337 5.00 58.78 -1.84
N PHE C 338 5.52 57.85 -2.64
CA PHE C 338 6.16 56.65 -2.10
C PHE C 338 7.53 56.94 -1.50
N GLY C 339 8.15 58.08 -1.82
CA GLY C 339 9.42 58.42 -1.22
C GLY C 339 9.33 58.73 0.27
N GLU C 340 8.29 59.48 0.66
CA GLU C 340 8.08 59.81 2.07
C GLU C 340 7.72 58.58 2.89
N ILE C 341 6.88 57.70 2.32
CA ILE C 341 6.48 56.47 3.01
C ILE C 341 7.66 55.51 3.09
N ARG C 342 8.49 55.44 2.05
CA ARG C 342 9.65 54.56 2.07
C ARG C 342 10.75 55.08 2.99
N SER C 343 10.87 56.40 3.13
CA SER C 343 11.81 56.96 4.09
C SER C 343 11.34 56.79 5.52
N HIS C 344 10.02 56.86 5.76
CA HIS C 344 9.51 56.68 7.11
C HIS C 344 9.53 55.22 7.55
N ILE C 345 9.18 54.30 6.65
CA ILE C 345 9.07 52.89 7.00
C ILE C 345 10.47 52.28 7.07
N GLN C 346 10.80 51.71 8.22
CA GLN C 346 12.03 50.94 8.40
C GLN C 346 11.70 49.48 8.74
N LEU C 347 10.55 49.01 8.29
CA LEU C 347 10.15 47.62 8.49
C LEU C 347 10.98 46.70 7.61
N ASP C 348 11.52 45.62 8.20
CA ASP C 348 12.27 44.63 7.45
C ASP C 348 11.28 43.67 6.80
N ALA C 349 10.96 43.92 5.52
CA ALA C 349 10.04 43.08 4.79
C ALA C 349 10.64 41.74 4.39
N LYS C 350 11.97 41.66 4.31
CA LYS C 350 12.62 40.39 4.00
C LYS C 350 12.51 39.41 5.17
N LYS C 351 12.39 39.93 6.40
CA LYS C 351 12.06 39.09 7.55
C LYS C 351 10.70 38.45 7.39
N ILE C 352 9.72 39.20 6.88
CA ILE C 352 8.39 38.68 6.61
C ILE C 352 8.44 37.66 5.48
N SER C 353 9.27 37.90 4.47
CA SER C 353 9.40 36.98 3.34
C SER C 353 10.02 35.64 3.76
N ARG C 354 11.08 35.68 4.59
CA ARG C 354 11.65 34.42 5.07
C ARG C 354 10.77 33.77 6.12
N ALA C 355 9.95 34.55 6.83
CA ALA C 355 9.11 34.00 7.88
C ALA C 355 7.82 33.38 7.34
N ILE C 356 7.38 33.77 6.14
CA ILE C 356 6.27 33.09 5.48
C ILE C 356 6.73 32.15 4.37
N LEU C 357 8.02 32.17 4.00
CA LEU C 357 8.52 31.19 3.05
C LEU C 357 8.58 29.78 3.66
N ASN C 358 9.15 29.67 4.86
CA ASN C 358 9.24 28.38 5.52
C ASN C 358 7.90 27.91 6.07
N ASN C 359 6.96 28.83 6.26
CA ASN C 359 5.63 28.49 6.77
C ASN C 359 4.84 27.82 5.65
N GLU C 360 4.71 26.51 5.73
CA GLU C 360 3.91 25.73 4.79
C GLU C 360 2.42 25.80 5.07
N ALA C 361 2.02 26.38 6.20
CA ALA C 361 0.60 26.58 6.47
C ALA C 361 -0.03 27.62 5.55
N ILE C 362 0.77 28.52 5.00
CA ILE C 362 0.32 29.53 4.05
C ILE C 362 0.79 29.19 2.63
N LEU C 363 2.08 28.90 2.46
CA LEU C 363 2.72 28.85 1.16
C LEU C 363 2.37 27.59 0.37
N MET C 364 2.36 26.44 1.03
CA MET C 364 2.05 25.16 0.40
C MET C 364 0.59 25.06 -0.08
N PRO C 365 -0.42 25.76 0.48
CA PRO C 365 -1.66 25.95 -0.32
C PRO C 365 -1.50 26.65 -1.65
N ILE C 366 -0.62 27.66 -1.76
CA ILE C 366 -0.39 28.32 -3.05
C ILE C 366 0.33 27.36 -3.99
N ILE C 367 1.30 26.62 -3.46
CA ILE C 367 2.07 25.69 -4.27
C ILE C 367 1.22 24.49 -4.67
N GLU C 368 0.30 24.05 -3.81
CA GLU C 368 -0.60 22.97 -4.20
C GLU C 368 -1.73 23.45 -5.11
N ALA C 369 -2.08 24.73 -5.09
CA ALA C 369 -2.97 25.24 -6.12
C ALA C 369 -2.25 25.33 -7.46
N ALA C 370 -0.95 25.63 -7.43
CA ALA C 370 -0.12 25.54 -8.63
C ALA C 370 -0.03 24.09 -9.11
N LEU C 371 0.06 23.15 -8.18
CA LEU C 371 -0.03 21.73 -8.53
C LEU C 371 -1.42 21.37 -9.06
N ALA C 372 -2.46 22.04 -8.57
CA ALA C 372 -3.81 21.87 -9.06
C ALA C 372 -4.03 22.48 -10.44
N ARG C 373 -3.13 23.37 -10.89
CA ARG C 373 -3.23 23.89 -12.24
C ARG C 373 -2.05 23.54 -13.15
N LYS C 374 -0.92 23.06 -12.61
CA LYS C 374 0.18 22.65 -13.45
C LYS C 374 0.57 21.19 -13.28
N LEU C 375 0.71 20.70 -12.04
CA LEU C 375 0.98 19.28 -11.85
C LEU C 375 -0.26 18.43 -12.10
N ALA C 376 -1.44 19.01 -11.89
CA ALA C 376 -2.67 18.37 -12.37
C ALA C 376 -2.72 18.34 -13.89
N ALA C 377 -2.13 19.34 -14.56
CA ALA C 377 -1.92 19.28 -16.00
C ALA C 377 -0.78 18.34 -16.37
N GLU C 378 0.17 18.09 -15.46
CA GLU C 378 1.19 17.07 -15.68
C GLU C 378 0.55 15.71 -15.46
N LYS C 379 -0.07 15.21 -16.52
CA LYS C 379 -0.92 14.03 -16.45
C LYS C 379 -0.16 12.80 -16.93
N ALA C 380 -0.18 11.74 -16.12
CA ALA C 380 0.36 10.45 -16.50
C ALA C 380 -0.62 9.30 -16.29
N ALA C 381 -1.56 9.43 -15.35
CA ALA C 381 -2.76 8.59 -15.18
C ALA C 381 -2.40 7.13 -14.89
N GLU C 382 -1.75 6.92 -13.76
CA GLU C 382 -1.48 5.57 -13.30
C GLU C 382 -2.01 5.35 -11.89
N THR C 383 -1.71 4.18 -11.32
CA THR C 383 -2.09 3.88 -9.95
C THR C 383 -0.98 3.13 -9.20
N LYS C 384 0.24 3.11 -9.75
CA LYS C 384 1.44 2.44 -9.20
C LYS C 384 1.24 0.93 -9.02
N ALA C 385 0.36 0.33 -9.82
CA ALA C 385 0.16 -1.12 -9.75
C ALA C 385 1.30 -1.85 -10.43
N ALA C 386 1.51 -1.60 -11.72
CA ALA C 386 2.63 -2.16 -12.46
C ALA C 386 3.34 -1.15 -13.34
N LYS C 387 2.77 0.04 -13.55
CA LYS C 387 3.28 1.19 -14.32
C LYS C 387 3.51 0.78 -15.77
N LYS C 388 4.43 1.48 -16.43
CA LYS C 388 4.93 1.26 -17.80
C LYS C 388 3.79 1.41 -18.80
N ALA C 389 3.84 0.67 -19.90
CA ALA C 389 2.90 0.87 -21.00
C ALA C 389 1.54 0.28 -20.69
N SER C 390 0.49 1.00 -21.10
CA SER C 390 -0.89 0.53 -20.96
C SER C 390 -1.24 -0.23 -22.23
N LYS C 391 -0.98 -1.54 -22.22
CA LYS C 391 -1.24 -2.39 -23.37
C LYS C 391 -2.74 -2.66 -23.49
N ALA C 392 -3.23 -2.64 -24.73
CA ALA C 392 -4.63 -3.01 -24.97
C ALA C 392 -4.82 -4.51 -24.85
N LYS C 393 -4.16 -5.29 -25.71
CA LYS C 393 -4.22 -6.74 -25.64
C LYS C 393 -2.81 -7.29 -25.56
N VAL C 394 -2.58 -8.15 -24.57
CA VAL C 394 -1.27 -8.76 -24.38
C VAL C 394 -1.03 -9.84 -25.44
N HIS C 395 0.23 -10.27 -25.54
CA HIS C 395 0.59 -11.27 -26.54
C HIS C 395 0.10 -12.66 -26.16
N LYS C 396 -0.14 -12.91 -24.87
CA LYS C 396 -0.65 -14.20 -24.44
C LYS C 396 -2.10 -14.36 -24.90
N HIS C 397 -2.32 -15.33 -25.78
CA HIS C 397 -3.53 -15.48 -26.57
C HIS C 397 -3.51 -16.85 -27.21
N ILE C 398 -4.63 -17.57 -27.12
CA ILE C 398 -4.83 -18.79 -27.88
C ILE C 398 -6.14 -18.62 -28.63
N LYS C 399 -6.07 -18.63 -29.96
CA LYS C 399 -7.22 -18.38 -30.81
C LYS C 399 -7.44 -19.58 -31.73
N ALA C 400 -8.66 -20.09 -31.74
CA ALA C 400 -9.03 -21.15 -32.67
C ALA C 400 -9.56 -20.55 -33.97
N ASN C 401 -9.83 -21.41 -34.94
CA ASN C 401 -10.29 -20.95 -36.25
C ASN C 401 -11.77 -20.60 -36.28
N LEU C 402 -12.54 -20.95 -35.25
CA LEU C 402 -13.95 -20.60 -35.18
C LEU C 402 -14.19 -19.37 -34.29
N CYS C 403 -13.25 -18.42 -34.32
CA CYS C 403 -13.35 -17.20 -33.51
C CYS C 403 -14.31 -16.23 -34.19
N GLY C 404 -15.60 -16.46 -33.94
CA GLY C 404 -16.62 -15.55 -34.46
C GLY C 404 -17.90 -16.17 -34.97
N LYS C 405 -17.84 -17.38 -35.50
CA LYS C 405 -19.00 -17.99 -36.12
C LYS C 405 -19.85 -18.74 -35.10
N ASP C 406 -21.08 -19.05 -35.50
CA ASP C 406 -22.03 -19.77 -34.65
C ASP C 406 -21.81 -21.27 -34.81
N ALA C 407 -21.28 -21.90 -33.77
CA ALA C 407 -21.00 -23.33 -33.78
C ALA C 407 -21.13 -23.86 -32.35
N ASP C 408 -20.56 -25.04 -32.09
CA ASP C 408 -20.56 -25.64 -30.78
C ASP C 408 -19.16 -25.65 -30.17
N THR C 409 -18.40 -24.58 -30.43
CA THR C 409 -17.04 -24.46 -29.91
C THR C 409 -17.06 -24.08 -28.44
N THR C 410 -15.90 -24.23 -27.79
CA THR C 410 -15.75 -23.90 -26.38
C THR C 410 -14.43 -23.20 -26.15
N LEU C 411 -14.36 -22.44 -25.07
CA LEU C 411 -13.14 -21.79 -24.61
C LEU C 411 -12.84 -22.30 -23.20
N PHE C 412 -11.63 -22.82 -23.01
CA PHE C 412 -11.22 -23.29 -21.69
C PHE C 412 -10.48 -22.16 -20.97
N LEU C 413 -11.07 -21.68 -19.87
CA LEU C 413 -10.42 -20.67 -19.04
C LEU C 413 -9.61 -21.34 -17.94
N THR C 414 -8.69 -22.20 -18.37
CA THR C 414 -7.94 -23.04 -17.45
C THR C 414 -6.82 -22.24 -16.80
N GLU C 415 -5.99 -22.91 -16.00
CA GLU C 415 -5.01 -22.22 -15.17
C GLU C 415 -3.60 -22.58 -15.62
N GLY C 416 -2.81 -21.55 -15.93
CA GLY C 416 -1.38 -21.69 -16.08
C GLY C 416 -0.96 -22.15 -17.47
N ASP C 417 0.36 -22.07 -17.70
CA ASP C 417 0.95 -22.52 -18.95
C ASP C 417 1.05 -24.05 -19.02
N SER C 418 0.96 -24.73 -17.87
CA SER C 418 0.98 -26.19 -17.86
C SER C 418 -0.26 -26.77 -18.52
N ALA C 419 -1.44 -26.29 -18.11
CA ALA C 419 -2.69 -26.79 -18.62
C ALA C 419 -2.91 -26.39 -20.06
N ILE C 420 -2.41 -25.23 -20.49
CA ILE C 420 -2.49 -24.92 -21.92
C ILE C 420 -1.41 -25.64 -22.71
N GLY C 421 -0.32 -26.07 -22.07
CA GLY C 421 0.62 -26.95 -22.76
C GLY C 421 0.02 -28.32 -23.01
N TYR C 422 -0.64 -28.89 -21.98
CA TYR C 422 -1.36 -30.15 -22.15
C TYR C 422 -2.55 -29.98 -23.10
N LEU C 423 -3.18 -28.80 -23.09
CA LEU C 423 -4.32 -28.52 -23.96
C LEU C 423 -3.89 -28.38 -25.41
N ILE C 424 -2.72 -27.77 -25.67
CA ILE C 424 -2.15 -27.75 -27.01
C ILE C 424 -1.78 -29.15 -27.46
N ASP C 425 -1.27 -29.97 -26.55
CA ASP C 425 -1.00 -31.37 -26.84
C ASP C 425 -2.23 -32.27 -26.87
N VAL C 426 -3.43 -31.75 -26.58
CA VAL C 426 -4.62 -32.60 -26.47
C VAL C 426 -5.75 -32.19 -27.42
N ARG C 427 -6.05 -30.88 -27.51
CA ARG C 427 -7.34 -30.41 -28.02
C ARG C 427 -7.50 -30.62 -29.52
N ASP C 428 -8.73 -30.48 -29.97
CA ASP C 428 -9.04 -30.34 -31.39
C ASP C 428 -8.87 -28.86 -31.75
N LYS C 429 -8.24 -28.61 -32.89
CA LYS C 429 -7.97 -27.23 -33.31
C LYS C 429 -9.25 -26.53 -33.75
N GLU C 430 -10.21 -27.28 -34.27
CA GLU C 430 -11.48 -26.70 -34.71
C GLU C 430 -12.47 -26.49 -33.56
N LEU C 431 -12.56 -27.45 -32.65
CA LEU C 431 -13.64 -27.46 -31.66
C LEU C 431 -13.25 -26.74 -30.37
N HIS C 432 -12.20 -27.20 -29.71
CA HIS C 432 -11.89 -26.81 -28.34
C HIS C 432 -10.83 -25.71 -28.35
N GLY C 433 -11.10 -24.62 -27.64
CA GLY C 433 -10.16 -23.53 -27.47
C GLY C 433 -9.47 -23.57 -26.12
N GLY C 434 -8.94 -22.43 -25.71
CA GLY C 434 -8.29 -22.34 -24.42
C GLY C 434 -7.77 -20.94 -24.17
N TYR C 435 -7.53 -20.65 -22.88
CA TYR C 435 -6.89 -19.43 -22.39
C TYR C 435 -6.47 -19.63 -20.93
N PRO C 436 -5.22 -19.32 -20.55
CA PRO C 436 -4.84 -19.36 -19.13
C PRO C 436 -5.16 -18.07 -18.39
N LEU C 437 -4.75 -17.97 -17.13
CA LEU C 437 -4.87 -16.75 -16.35
C LEU C 437 -3.52 -16.35 -15.81
N ARG C 438 -3.25 -15.04 -15.78
CA ARG C 438 -1.93 -14.53 -15.43
C ARG C 438 -1.59 -14.68 -13.96
N GLY C 439 -2.57 -14.57 -13.07
CA GLY C 439 -2.28 -14.74 -11.65
C GLY C 439 -3.44 -14.50 -10.73
N LYS C 440 -3.15 -13.96 -9.55
CA LYS C 440 -4.15 -13.78 -8.50
C LYS C 440 -5.06 -12.60 -8.83
N VAL C 441 -6.37 -12.84 -8.80
CA VAL C 441 -7.37 -11.80 -8.95
C VAL C 441 -8.04 -11.57 -7.61
N LEU C 442 -8.42 -10.32 -7.36
CA LEU C 442 -8.94 -9.89 -6.07
C LEU C 442 -10.45 -10.14 -6.00
N ASN C 443 -11.12 -9.54 -5.02
CA ASN C 443 -12.57 -9.61 -4.92
C ASN C 443 -13.24 -8.88 -6.08
N SER C 444 -14.29 -9.51 -6.62
CA SER C 444 -14.84 -9.07 -7.90
C SER C 444 -15.71 -7.83 -7.80
N TRP C 445 -16.52 -7.69 -6.74
CA TRP C 445 -17.54 -6.65 -6.68
C TRP C 445 -17.12 -5.45 -5.84
N GLY C 446 -15.84 -5.35 -5.48
CA GLY C 446 -15.33 -4.15 -4.85
C GLY C 446 -14.78 -3.12 -5.80
N MET C 447 -14.99 -3.31 -7.11
CA MET C 447 -14.29 -2.57 -8.14
C MET C 447 -15.30 -2.16 -9.21
N SER C 448 -15.12 -0.95 -9.76
CA SER C 448 -16.11 -0.37 -10.66
C SER C 448 -16.04 -1.03 -12.04
N TYR C 449 -17.06 -0.81 -12.87
CA TYR C 449 -17.12 -1.47 -14.18
C TYR C 449 -16.05 -0.92 -15.13
N ALA C 450 -15.72 0.36 -14.99
CA ALA C 450 -14.55 0.92 -15.65
C ALA C 450 -13.25 0.36 -15.08
N ASP C 451 -13.28 -0.15 -13.84
CA ASP C 451 -12.10 -0.76 -13.25
C ASP C 451 -12.00 -2.26 -13.54
N MET C 452 -13.12 -2.94 -13.83
CA MET C 452 -13.03 -4.19 -14.58
C MET C 452 -12.49 -3.95 -15.99
N LEU C 453 -12.80 -2.79 -16.58
CA LEU C 453 -12.12 -2.43 -17.82
C LEU C 453 -10.66 -2.06 -17.62
N LYS C 454 -10.27 -1.61 -16.43
CA LYS C 454 -8.86 -1.36 -16.15
C LYS C 454 -8.08 -2.65 -15.89
N ASN C 455 -8.76 -3.71 -15.50
CA ASN C 455 -8.10 -4.99 -15.21
C ASN C 455 -7.73 -5.68 -16.51
N LYS C 456 -6.58 -6.36 -16.49
CA LYS C 456 -5.97 -6.83 -17.74
C LYS C 456 -6.60 -8.13 -18.24
N GLU C 457 -6.67 -9.15 -17.39
CA GLU C 457 -7.18 -10.46 -17.81
C GLU C 457 -8.68 -10.44 -18.08
N LEU C 458 -9.41 -9.58 -17.37
CA LEU C 458 -10.83 -9.41 -17.65
C LEU C 458 -11.05 -8.72 -18.99
N PHE C 459 -10.19 -7.77 -19.36
CA PHE C 459 -10.23 -7.19 -20.70
C PHE C 459 -9.80 -8.20 -21.76
N ASP C 460 -8.88 -9.10 -21.42
CA ASP C 460 -8.46 -10.16 -22.33
C ASP C 460 -9.60 -11.12 -22.63
N ILE C 461 -10.34 -11.54 -21.59
CA ILE C 461 -11.49 -12.41 -21.82
C ILE C 461 -12.71 -11.66 -22.31
N CYS C 462 -12.72 -10.33 -22.20
CA CYS C 462 -13.73 -9.54 -22.89
C CYS C 462 -13.45 -9.46 -24.38
N ALA C 463 -12.18 -9.42 -24.77
CA ALA C 463 -11.80 -9.35 -26.18
C ALA C 463 -11.79 -10.71 -26.87
N ILE C 464 -11.42 -11.78 -26.17
CA ILE C 464 -11.35 -13.10 -26.78
C ILE C 464 -12.76 -13.65 -27.04
N THR C 465 -13.62 -13.60 -26.02
CA THR C 465 -15.00 -13.98 -26.20
C THR C 465 -15.79 -12.94 -26.99
N GLY C 466 -15.29 -11.71 -27.09
CA GLY C 466 -15.99 -10.66 -27.80
C GLY C 466 -17.07 -9.97 -27.02
N LEU C 467 -17.27 -10.34 -25.74
CA LEU C 467 -18.29 -9.73 -24.90
C LEU C 467 -17.61 -8.75 -23.95
N VAL C 468 -17.42 -7.53 -24.45
CA VAL C 468 -16.87 -6.47 -23.61
C VAL C 468 -17.99 -5.94 -22.70
N LEU C 469 -17.59 -5.28 -21.61
CA LEU C 469 -18.53 -4.79 -20.62
C LEU C 469 -19.37 -3.64 -21.17
N GLY C 470 -20.63 -3.59 -20.72
CA GLY C 470 -21.57 -2.59 -21.16
C GLY C 470 -22.40 -2.95 -22.36
N GLU C 471 -22.31 -4.19 -22.86
CA GLU C 471 -23.01 -4.62 -24.06
C GLU C 471 -23.85 -5.85 -23.77
N LYS C 472 -24.84 -6.06 -24.64
CA LYS C 472 -25.70 -7.25 -24.56
C LYS C 472 -24.90 -8.49 -24.95
N ALA C 473 -25.29 -9.64 -24.39
CA ALA C 473 -24.59 -10.90 -24.60
C ALA C 473 -24.90 -11.42 -26.00
N GLU C 474 -24.19 -10.86 -26.97
CA GLU C 474 -24.28 -11.26 -28.37
C GLU C 474 -22.85 -11.26 -28.91
N ASN C 475 -22.72 -11.45 -30.24
CA ASN C 475 -21.51 -11.56 -31.07
C ASN C 475 -20.35 -12.30 -30.41
N LEU C 476 -20.64 -13.43 -29.78
CA LEU C 476 -19.65 -14.17 -29.02
C LEU C 476 -18.81 -15.03 -29.96
N ASN C 477 -17.48 -14.87 -29.88
CA ASN C 477 -16.61 -15.69 -30.71
C ASN C 477 -16.53 -17.12 -30.20
N TYR C 478 -16.80 -17.32 -28.91
CA TYR C 478 -16.94 -18.65 -28.34
C TYR C 478 -18.35 -18.82 -27.82
N HIS C 479 -19.05 -19.85 -28.32
CA HIS C 479 -20.40 -20.13 -27.85
C HIS C 479 -20.40 -20.65 -26.42
N ASN C 480 -19.34 -21.33 -26.00
CA ASN C 480 -19.21 -21.87 -24.67
C ASN C 480 -17.98 -21.30 -23.99
N ILE C 481 -18.09 -21.12 -22.68
CA ILE C 481 -16.95 -20.77 -21.82
C ILE C 481 -16.85 -21.85 -20.75
N ALA C 482 -15.74 -22.57 -20.77
CA ALA C 482 -15.43 -23.56 -19.74
C ALA C 482 -14.27 -23.07 -18.91
N ILE C 483 -14.29 -23.39 -17.61
CA ILE C 483 -13.19 -23.06 -16.71
C ILE C 483 -12.72 -24.36 -16.07
N MET C 484 -11.40 -24.58 -16.05
CA MET C 484 -10.81 -25.89 -15.76
C MET C 484 -9.71 -25.71 -14.70
N THR C 485 -9.98 -26.12 -13.47
CA THR C 485 -9.14 -25.80 -12.33
C THR C 485 -8.57 -27.04 -11.66
N ASP C 486 -7.75 -26.80 -10.63
CA ASP C 486 -7.15 -27.87 -9.81
C ASP C 486 -8.05 -28.21 -8.63
N ALA C 487 -8.28 -29.49 -8.39
CA ALA C 487 -9.19 -29.93 -7.34
C ALA C 487 -8.45 -30.26 -6.04
N ASP C 488 -7.59 -29.34 -5.62
CA ASP C 488 -7.18 -29.38 -4.21
C ASP C 488 -7.53 -28.11 -3.45
N HIS C 489 -6.87 -27.02 -3.81
CA HIS C 489 -7.17 -25.69 -3.28
C HIS C 489 -6.84 -24.58 -4.26
N ASP C 490 -6.36 -24.90 -5.46
CA ASP C 490 -5.76 -23.88 -6.32
C ASP C 490 -6.82 -23.12 -7.11
N GLY C 491 -7.97 -23.74 -7.34
CA GLY C 491 -9.06 -23.06 -8.02
C GLY C 491 -10.41 -23.45 -7.47
N LEU C 492 -10.44 -24.21 -6.38
CA LEU C 492 -11.73 -24.64 -5.82
C LEU C 492 -12.44 -23.51 -5.09
N GLY C 493 -11.72 -22.48 -4.67
CA GLY C 493 -12.35 -21.33 -4.04
C GLY C 493 -11.67 -20.02 -4.37
N SER C 494 -10.73 -20.04 -5.32
CA SER C 494 -9.94 -18.87 -5.65
C SER C 494 -10.29 -18.30 -7.01
N ILE C 495 -10.19 -19.10 -8.08
CA ILE C 495 -10.54 -18.65 -9.41
C ILE C 495 -12.05 -18.49 -9.56
N TYR C 496 -12.80 -19.41 -8.96
CA TYR C 496 -14.23 -19.51 -9.23
C TYR C 496 -15.14 -18.42 -8.68
N PRO C 497 -15.04 -17.93 -7.42
CA PRO C 497 -15.92 -16.82 -7.03
C PRO C 497 -15.63 -15.51 -7.78
N SER C 498 -14.37 -15.21 -8.07
CA SER C 498 -14.03 -14.02 -8.85
C SER C 498 -14.48 -14.15 -10.31
N LEU C 499 -14.29 -15.33 -10.91
CA LEU C 499 -14.69 -15.56 -12.29
C LEU C 499 -16.20 -15.59 -12.45
N LEU C 500 -16.93 -16.18 -11.49
CA LEU C 500 -18.38 -16.16 -11.53
C LEU C 500 -18.93 -14.77 -11.23
N GLY C 501 -18.23 -13.98 -10.41
CA GLY C 501 -18.63 -12.60 -10.19
C GLY C 501 -18.44 -11.73 -11.43
N PHE C 502 -17.36 -11.97 -12.19
CA PHE C 502 -17.19 -11.24 -13.43
C PHE C 502 -18.16 -11.70 -14.51
N PHE C 503 -18.48 -13.00 -14.55
CA PHE C 503 -19.47 -13.51 -15.49
C PHE C 503 -20.90 -13.23 -15.05
N SER C 504 -21.10 -12.76 -13.81
CA SER C 504 -22.38 -12.26 -13.34
C SER C 504 -22.73 -10.89 -13.90
N ASN C 505 -21.80 -10.23 -14.58
CA ASN C 505 -22.10 -8.96 -15.23
C ASN C 505 -23.06 -9.13 -16.41
N TRP C 506 -23.01 -10.29 -17.07
CA TRP C 506 -23.97 -10.63 -18.13
C TRP C 506 -24.84 -11.78 -17.63
N PRO C 507 -26.07 -11.50 -17.17
CA PRO C 507 -26.95 -12.59 -16.71
C PRO C 507 -27.49 -13.45 -17.84
N GLU C 508 -27.44 -12.98 -19.09
CA GLU C 508 -27.89 -13.77 -20.23
C GLU C 508 -26.92 -14.90 -20.57
N LEU C 509 -25.66 -14.80 -20.14
CA LEU C 509 -24.75 -15.94 -20.21
C LEU C 509 -25.21 -17.04 -19.26
N PHE C 510 -25.69 -16.66 -18.07
CA PHE C 510 -26.17 -17.64 -17.11
C PHE C 510 -27.55 -18.17 -17.46
N GLU C 511 -28.37 -17.38 -18.16
CA GLU C 511 -29.68 -17.83 -18.59
C GLU C 511 -29.57 -18.93 -19.65
N GLN C 512 -28.61 -18.78 -20.57
CA GLN C 512 -28.29 -19.84 -21.51
C GLN C 512 -27.32 -20.85 -20.93
N GLY C 513 -26.78 -20.60 -19.74
CA GLY C 513 -25.88 -21.50 -19.06
C GLY C 513 -24.54 -21.70 -19.75
N ARG C 514 -23.92 -20.62 -20.22
CA ARG C 514 -22.78 -20.70 -21.11
C ARG C 514 -21.43 -20.78 -20.38
N ILE C 515 -21.46 -20.97 -19.06
CA ILE C 515 -20.24 -21.20 -18.27
C ILE C 515 -20.34 -22.59 -17.68
N ARG C 516 -19.34 -23.43 -17.95
CA ARG C 516 -19.29 -24.77 -17.37
C ARG C 516 -17.97 -25.03 -16.65
N PHE C 517 -17.98 -26.14 -15.92
CA PHE C 517 -16.89 -26.65 -15.10
C PHE C 517 -16.58 -28.09 -15.49
N VAL C 518 -15.30 -28.37 -15.70
CA VAL C 518 -14.82 -29.72 -15.99
C VAL C 518 -14.13 -30.22 -14.73
N LYS C 519 -14.66 -31.32 -14.17
CA LYS C 519 -14.21 -31.81 -12.87
C LYS C 519 -13.00 -32.72 -13.06
N THR C 520 -11.83 -32.22 -12.68
CA THR C 520 -10.69 -33.08 -12.50
C THR C 520 -10.91 -33.94 -11.26
N PRO C 521 -10.45 -35.21 -11.27
CA PRO C 521 -10.73 -36.10 -10.13
C PRO C 521 -9.97 -35.77 -8.86
N VAL C 522 -10.15 -36.59 -7.82
CA VAL C 522 -9.44 -36.45 -6.56
C VAL C 522 -8.54 -37.65 -6.28
N ILE C 523 -9.09 -38.86 -6.42
CA ILE C 523 -8.39 -40.11 -6.19
C ILE C 523 -8.47 -40.94 -7.47
N ILE C 524 -7.34 -41.51 -7.89
CA ILE C 524 -7.31 -42.45 -9.01
C ILE C 524 -6.47 -43.66 -8.59
N ALA C 525 -7.02 -44.85 -8.76
CA ALA C 525 -6.24 -46.08 -8.64
C ALA C 525 -5.96 -46.63 -10.04
N HIS C 526 -4.78 -47.23 -10.20
CA HIS C 526 -4.35 -47.79 -11.47
C HIS C 526 -4.54 -49.31 -11.40
N VAL C 527 -5.68 -49.79 -11.89
CA VAL C 527 -6.06 -51.19 -11.79
C VAL C 527 -6.11 -51.78 -13.20
N GLY C 528 -5.35 -52.86 -13.42
CA GLY C 528 -5.32 -53.49 -14.73
C GLY C 528 -4.56 -52.63 -15.73
N LYS C 529 -5.15 -52.47 -16.92
CA LYS C 529 -4.61 -51.55 -17.92
C LYS C 529 -5.32 -50.21 -17.93
N LYS C 530 -6.56 -50.14 -17.45
CA LYS C 530 -7.37 -48.93 -17.47
C LYS C 530 -7.63 -48.48 -16.04
N GLN C 531 -7.03 -47.36 -15.66
CA GLN C 531 -7.16 -46.80 -14.32
C GLN C 531 -8.57 -46.24 -14.09
N GLU C 532 -8.97 -46.21 -12.83
CA GLU C 532 -10.32 -45.79 -12.45
C GLU C 532 -10.37 -44.28 -12.22
N TRP C 533 -11.58 -43.77 -12.00
CA TRP C 533 -11.88 -42.35 -12.07
C TRP C 533 -12.81 -41.89 -10.94
N PHE C 534 -12.41 -42.08 -9.68
CA PHE C 534 -13.13 -41.44 -8.56
C PHE C 534 -13.07 -39.92 -8.73
N TYR C 535 -14.19 -39.31 -9.09
CA TYR C 535 -14.25 -37.86 -9.29
C TYR C 535 -14.14 -37.08 -8.00
N THR C 536 -14.71 -37.58 -6.91
CA THR C 536 -14.73 -36.85 -5.65
C THR C 536 -14.37 -37.82 -4.53
N VAL C 537 -14.38 -37.30 -3.30
CA VAL C 537 -14.10 -38.13 -2.13
C VAL C 537 -15.35 -38.93 -1.74
N ALA C 538 -16.54 -38.43 -2.10
CA ALA C 538 -17.77 -39.14 -1.77
C ALA C 538 -17.95 -40.41 -2.59
N GLU C 539 -17.57 -40.37 -3.88
CA GLU C 539 -17.59 -41.58 -4.69
C GLU C 539 -16.48 -42.54 -4.28
N TYR C 540 -15.36 -42.00 -3.77
CA TYR C 540 -14.30 -42.82 -3.19
C TYR C 540 -14.77 -43.52 -1.92
N GLU C 541 -15.63 -42.87 -1.14
CA GLU C 541 -16.24 -43.53 0.02
C GLU C 541 -17.24 -44.58 -0.42
N SER C 542 -18.13 -44.24 -1.35
CA SER C 542 -19.26 -45.08 -1.70
C SER C 542 -18.87 -46.30 -2.52
N ALA C 543 -17.72 -46.27 -3.20
CA ALA C 543 -17.31 -47.37 -4.05
C ALA C 543 -15.94 -47.88 -3.65
N LYS C 544 -15.68 -47.92 -2.35
CA LYS C 544 -14.52 -48.62 -1.81
C LYS C 544 -14.86 -50.02 -1.33
N ASP C 545 -16.14 -50.38 -1.32
CA ASP C 545 -16.53 -51.73 -0.93
C ASP C 545 -16.21 -52.74 -2.03
N ALA C 546 -16.35 -52.32 -3.29
CA ALA C 546 -16.03 -53.19 -4.43
C ALA C 546 -15.11 -52.41 -5.38
N LEU C 547 -13.81 -52.41 -5.06
CA LEU C 547 -12.77 -51.86 -5.92
C LEU C 547 -11.44 -52.55 -5.61
N PRO C 548 -10.89 -53.31 -6.57
CA PRO C 548 -9.67 -54.07 -6.29
C PRO C 548 -8.40 -53.27 -6.58
N LYS C 549 -7.29 -53.80 -6.03
CA LYS C 549 -5.91 -53.33 -6.26
C LYS C 549 -5.73 -51.87 -5.84
N HIS C 550 -5.91 -51.62 -4.54
CA HIS C 550 -6.00 -50.26 -4.01
C HIS C 550 -4.62 -49.61 -3.90
N SER C 551 -4.07 -49.25 -5.05
CA SER C 551 -2.87 -48.44 -5.13
C SER C 551 -3.28 -47.01 -5.43
N ILE C 552 -3.23 -46.15 -4.42
CA ILE C 552 -3.87 -44.85 -4.44
C ILE C 552 -2.95 -43.84 -5.12
N ARG C 553 -3.54 -42.92 -5.88
CA ARG C 553 -2.82 -41.78 -6.45
C ARG C 553 -3.70 -40.55 -6.31
N TYR C 554 -3.13 -39.45 -5.85
CA TYR C 554 -3.89 -38.23 -5.60
C TYR C 554 -3.80 -37.29 -6.79
N ILE C 555 -4.92 -36.61 -7.05
CA ILE C 555 -5.10 -35.75 -8.22
C ILE C 555 -5.25 -34.34 -7.67
N LYS C 556 -4.51 -34.06 -6.62
CA LYS C 556 -4.51 -32.72 -6.00
C LYS C 556 -3.67 -31.78 -6.87
N GLY C 557 -4.28 -31.33 -7.98
CA GLY C 557 -3.60 -30.52 -8.96
C GLY C 557 -3.84 -30.96 -10.39
N LEU C 558 -3.74 -30.02 -11.35
CA LEU C 558 -3.88 -30.37 -12.76
C LEU C 558 -2.68 -31.15 -13.28
N GLY C 559 -1.51 -30.92 -12.67
CA GLY C 559 -0.31 -31.61 -13.10
C GLY C 559 -0.29 -33.08 -12.73
N SER C 560 -1.11 -33.50 -11.76
CA SER C 560 -1.14 -34.87 -11.28
C SER C 560 -1.75 -35.86 -12.26
N LEU C 561 -2.30 -35.39 -13.38
CA LEU C 561 -2.68 -36.26 -14.47
C LEU C 561 -1.70 -36.10 -15.63
N GLU C 562 -1.57 -37.16 -16.42
CA GLU C 562 -0.68 -37.16 -17.56
C GLU C 562 -1.44 -36.67 -18.80
N LYS C 563 -0.84 -36.85 -19.98
CA LYS C 563 -1.47 -36.40 -21.22
C LYS C 563 -2.65 -37.26 -21.61
N SER C 564 -2.64 -38.54 -21.25
CA SER C 564 -3.71 -39.45 -21.64
C SER C 564 -4.99 -39.17 -20.85
N GLU C 565 -4.87 -38.95 -19.53
CA GLU C 565 -6.02 -38.60 -18.71
C GLU C 565 -6.56 -37.23 -19.08
N TYR C 566 -5.68 -36.29 -19.43
CA TYR C 566 -6.08 -34.99 -19.93
C TYR C 566 -6.80 -35.11 -21.27
N ARG C 567 -6.38 -36.08 -22.09
CA ARG C 567 -7.01 -36.34 -23.39
C ARG C 567 -8.42 -36.90 -23.21
N GLU C 568 -8.59 -37.91 -22.35
CA GLU C 568 -9.94 -38.44 -22.17
C GLU C 568 -10.80 -37.59 -21.23
N MET C 569 -10.24 -36.56 -20.59
CA MET C 569 -11.05 -35.64 -19.81
C MET C 569 -11.35 -34.33 -20.54
N ILE C 570 -10.68 -34.06 -21.66
CA ILE C 570 -11.17 -33.05 -22.59
C ILE C 570 -12.13 -33.64 -23.61
N GLN C 571 -11.73 -34.76 -24.26
CA GLN C 571 -12.56 -35.34 -25.30
C GLN C 571 -13.79 -36.06 -24.75
N ASN C 572 -13.79 -36.42 -23.47
CA ASN C 572 -14.99 -36.91 -22.79
C ASN C 572 -15.11 -36.22 -21.44
N PRO C 573 -15.62 -34.97 -21.42
CA PRO C 573 -15.77 -34.26 -20.14
C PRO C 573 -17.11 -34.53 -19.49
N VAL C 574 -17.40 -33.83 -18.39
CA VAL C 574 -18.69 -33.98 -17.72
C VAL C 574 -19.50 -32.70 -17.82
N TYR C 575 -18.80 -31.56 -17.90
CA TYR C 575 -19.35 -30.21 -18.09
C TYR C 575 -20.36 -29.84 -16.99
N ASP C 576 -19.83 -29.73 -15.77
CA ASP C 576 -20.66 -29.37 -14.63
C ASP C 576 -21.08 -27.90 -14.70
N VAL C 577 -22.35 -27.65 -14.38
CA VAL C 577 -22.94 -26.32 -14.50
C VAL C 577 -22.44 -25.40 -13.40
N VAL C 578 -22.70 -24.10 -13.56
CA VAL C 578 -22.36 -23.11 -12.56
C VAL C 578 -23.61 -22.76 -11.76
N LYS C 579 -23.42 -22.05 -10.65
CA LYS C 579 -24.49 -21.82 -9.69
C LYS C 579 -25.42 -20.71 -10.16
N LEU C 580 -26.73 -20.92 -9.94
CA LEU C 580 -27.76 -19.95 -10.32
C LEU C 580 -29.00 -20.17 -9.48
N PRO C 581 -29.07 -19.53 -8.29
CA PRO C 581 -30.30 -19.60 -7.50
C PRO C 581 -31.32 -18.55 -7.93
N GLU C 582 -32.42 -18.41 -7.17
CA GLU C 582 -33.47 -17.47 -7.53
C GLU C 582 -33.08 -16.01 -7.28
N ASN C 583 -32.00 -15.75 -6.54
CA ASN C 583 -31.45 -14.42 -6.36
C ASN C 583 -29.95 -14.45 -6.60
N TRP C 584 -29.46 -13.51 -7.42
CA TRP C 584 -28.05 -13.47 -7.81
C TRP C 584 -27.32 -12.30 -7.16
N LYS C 585 -27.81 -11.85 -6.00
CA LYS C 585 -27.14 -10.80 -5.26
C LYS C 585 -26.92 -11.22 -3.81
N GLU C 586 -27.77 -12.13 -3.31
CA GLU C 586 -27.68 -12.56 -1.92
C GLU C 586 -26.53 -13.55 -1.68
N LEU C 587 -26.20 -14.37 -2.69
CA LEU C 587 -25.18 -15.40 -2.49
C LEU C 587 -23.76 -14.91 -2.76
N PHE C 588 -23.60 -13.85 -3.55
CA PHE C 588 -22.26 -13.33 -3.84
C PHE C 588 -21.78 -12.31 -2.83
N GLU C 589 -22.62 -11.92 -1.87
CA GLU C 589 -22.22 -11.00 -0.81
C GLU C 589 -21.75 -11.74 0.44
N MET C 590 -21.68 -13.08 0.39
CA MET C 590 -21.27 -13.88 1.53
C MET C 590 -19.77 -13.73 1.80
N LEU C 591 -18.96 -13.65 0.74
CA LEU C 591 -17.51 -13.69 0.89
C LEU C 591 -16.95 -12.39 1.46
N MET C 592 -17.66 -11.28 1.32
CA MET C 592 -17.20 -10.01 1.87
C MET C 592 -17.62 -9.87 3.34
N SER D 10 51.76 -20.01 5.91
CA SER D 10 51.21 -20.61 4.71
C SER D 10 49.86 -21.27 4.99
N ILE D 11 48.88 -20.46 5.36
CA ILE D 11 47.53 -20.93 5.60
C ILE D 11 46.50 -20.25 4.72
N ILE D 12 46.90 -19.24 3.93
CA ILE D 12 45.98 -18.60 3.01
C ILE D 12 45.65 -19.53 1.84
N ASP D 13 46.53 -20.50 1.54
CA ASP D 13 46.17 -21.58 0.63
C ASP D 13 45.10 -22.49 1.21
N ASN D 14 44.95 -22.51 2.54
CA ASN D 14 43.79 -23.14 3.18
C ASN D 14 42.49 -22.46 2.76
N GLU D 15 42.53 -21.16 2.45
CA GLU D 15 41.44 -20.57 1.69
C GLU D 15 41.43 -21.08 0.27
N ALA D 16 42.59 -21.04 -0.40
CA ALA D 16 42.67 -21.24 -1.85
C ALA D 16 42.43 -22.70 -2.25
N LEU D 17 42.95 -23.64 -1.46
CA LEU D 17 42.61 -25.05 -1.69
C LEU D 17 41.15 -25.31 -1.36
N ALA D 18 40.55 -24.53 -0.44
CA ALA D 18 39.11 -24.53 -0.25
C ALA D 18 38.41 -24.04 -1.52
N TYR D 19 39.01 -23.07 -2.21
CA TYR D 19 38.60 -22.69 -3.55
C TYR D 19 38.77 -23.87 -4.52
N ALA D 20 39.76 -24.73 -4.28
CA ALA D 20 39.93 -25.98 -5.01
C ALA D 20 39.03 -27.10 -4.51
N MET D 21 38.30 -26.96 -3.39
CA MET D 21 37.08 -27.75 -3.32
C MET D 21 35.83 -26.95 -3.62
N TYR D 22 35.97 -25.75 -4.19
CA TYR D 22 34.87 -25.08 -4.87
C TYR D 22 35.04 -25.01 -6.37
N THR D 23 36.22 -25.36 -6.90
CA THR D 23 36.47 -25.33 -8.34
C THR D 23 36.93 -26.69 -8.88
N VAL D 24 36.76 -27.77 -8.12
CA VAL D 24 37.05 -29.11 -8.63
C VAL D 24 35.82 -29.98 -8.43
N GLU D 25 35.37 -30.12 -7.17
CA GLU D 25 34.24 -30.99 -6.88
C GLU D 25 32.90 -30.27 -6.92
N ASN D 26 32.89 -28.95 -7.01
CA ASN D 26 31.67 -28.18 -7.24
C ASN D 26 31.59 -27.67 -8.68
N ARG D 27 32.35 -28.30 -9.58
CA ARG D 27 32.31 -27.94 -10.98
C ARG D 27 31.01 -28.42 -11.64
N ALA D 28 30.65 -27.76 -12.72
CA ALA D 28 29.50 -28.16 -13.51
C ALA D 28 29.86 -29.14 -14.62
N ILE D 29 31.11 -29.57 -14.68
CA ILE D 29 31.54 -30.49 -15.74
C ILE D 29 31.03 -31.89 -15.43
N PRO D 30 30.37 -32.56 -16.37
CA PRO D 30 29.87 -33.92 -16.14
C PRO D 30 30.98 -34.95 -16.35
N ASN D 31 30.58 -36.22 -16.32
CA ASN D 31 31.48 -37.34 -16.51
C ASN D 31 31.12 -38.11 -17.78
N MET D 32 32.14 -38.73 -18.39
CA MET D 32 31.91 -39.52 -19.60
C MET D 32 31.09 -40.78 -19.33
N ILE D 33 31.17 -41.33 -18.13
CA ILE D 33 30.64 -42.67 -17.90
C ILE D 33 29.14 -42.63 -17.68
N ASP D 34 28.70 -42.00 -16.58
CA ASP D 34 27.27 -41.96 -16.29
C ASP D 34 26.54 -40.88 -17.08
N GLY D 35 27.27 -39.91 -17.61
CA GLY D 35 26.65 -38.75 -18.24
C GLY D 35 25.88 -37.87 -17.28
N PHE D 36 26.35 -37.77 -16.04
CA PHE D 36 25.60 -37.10 -14.99
C PHE D 36 26.35 -35.88 -14.47
N LYS D 37 25.57 -34.88 -14.09
CA LYS D 37 26.04 -33.75 -13.29
C LYS D 37 26.18 -34.20 -11.83
N PRO D 38 26.92 -33.44 -10.99
CA PRO D 38 26.96 -33.77 -9.56
C PRO D 38 25.62 -33.74 -8.83
N VAL D 39 24.73 -32.78 -9.15
CA VAL D 39 23.43 -32.70 -8.49
C VAL D 39 22.46 -33.76 -9.01
N GLN D 40 22.71 -34.27 -10.23
CA GLN D 40 21.83 -35.27 -10.81
C GLN D 40 21.94 -36.61 -10.10
N ARG D 41 23.13 -36.96 -9.63
CA ARG D 41 23.32 -38.15 -8.81
C ARG D 41 22.58 -38.02 -7.47
N PHE D 42 22.51 -36.81 -6.91
CA PHE D 42 21.77 -36.59 -5.66
C PHE D 42 20.26 -36.75 -5.86
N VAL D 43 19.71 -36.17 -6.94
CA VAL D 43 18.25 -36.28 -7.11
C VAL D 43 17.86 -37.70 -7.54
N ILE D 44 18.72 -38.37 -8.32
CA ILE D 44 18.51 -39.78 -8.68
C ILE D 44 18.56 -40.67 -7.44
N ALA D 45 19.54 -40.45 -6.56
CA ALA D 45 19.64 -41.23 -5.33
C ALA D 45 18.50 -40.94 -4.38
N ARG D 46 18.00 -39.71 -4.33
CA ARG D 46 16.81 -39.43 -3.53
C ARG D 46 15.55 -40.07 -4.09
N ALA D 47 15.40 -40.10 -5.41
CA ALA D 47 14.22 -40.71 -6.01
C ALA D 47 14.23 -42.23 -5.83
N LEU D 48 15.41 -42.84 -5.95
CA LEU D 48 15.51 -44.32 -5.82
C LEU D 48 15.46 -44.70 -4.34
N ASP D 49 15.89 -43.79 -3.45
CA ASP D 49 15.81 -44.06 -1.99
C ASP D 49 14.32 -44.11 -1.59
N LEU D 50 13.45 -43.49 -2.39
CA LEU D 50 12.00 -43.51 -2.12
C LEU D 50 11.33 -44.59 -2.98
N ALA D 51 11.97 -44.96 -4.10
CA ALA D 51 11.36 -45.95 -5.02
C ALA D 51 11.04 -47.24 -4.26
N ARG D 52 12.06 -47.91 -3.74
CA ARG D 52 11.84 -49.16 -2.95
C ARG D 52 10.74 -50.00 -3.61
N GLY D 53 9.71 -50.38 -2.85
CA GLY D 53 8.61 -51.19 -3.41
C GLY D 53 7.70 -50.37 -4.29
N ASN D 54 7.31 -49.16 -3.85
CA ASN D 54 6.36 -48.33 -4.61
C ASN D 54 7.12 -47.48 -5.64
N LYS D 55 7.95 -48.12 -6.47
CA LYS D 55 8.74 -47.38 -7.50
C LYS D 55 7.77 -46.73 -8.50
N ASP D 56 6.47 -46.80 -8.24
CA ASP D 56 5.50 -46.14 -9.11
C ASP D 56 4.74 -45.03 -8.41
N LYS D 57 4.87 -44.87 -7.10
CA LYS D 57 4.18 -43.78 -6.42
C LYS D 57 4.98 -42.49 -6.62
N PHE D 58 4.31 -41.53 -7.27
CA PHE D 58 4.89 -40.25 -7.66
C PHE D 58 5.16 -39.47 -6.39
N HIS D 59 6.42 -39.49 -5.95
CA HIS D 59 6.79 -38.87 -4.71
C HIS D 59 6.86 -37.35 -4.88
N LYS D 60 6.50 -36.64 -3.82
CA LYS D 60 6.34 -35.20 -3.88
C LYS D 60 7.69 -34.51 -4.06
N LEU D 61 7.73 -33.50 -4.95
CA LEU D 61 8.95 -32.77 -5.24
C LEU D 61 9.51 -32.01 -4.04
N ALA D 62 8.69 -31.72 -3.05
CA ALA D 62 9.23 -31.24 -1.78
C ALA D 62 9.95 -32.37 -1.05
N SER D 63 9.41 -33.59 -1.11
CA SER D 63 10.03 -34.71 -0.41
C SER D 63 11.33 -35.15 -1.09
N ILE D 64 11.40 -35.04 -2.41
CA ILE D 64 12.70 -35.16 -3.08
C ILE D 64 13.58 -33.97 -2.72
N ALA D 65 13.00 -32.77 -2.80
CA ALA D 65 13.76 -31.53 -2.71
C ALA D 65 14.21 -31.24 -1.29
N GLY D 66 13.37 -31.52 -0.30
CA GLY D 66 13.82 -31.47 1.07
C GLY D 66 14.49 -32.74 1.53
N GLY D 67 14.53 -33.76 0.68
CA GLY D 67 15.18 -35.01 1.04
C GLY D 67 16.64 -35.13 0.68
N VAL D 68 17.20 -34.19 -0.07
CA VAL D 68 18.58 -34.32 -0.54
C VAL D 68 19.57 -33.71 0.45
N ALA D 69 19.09 -33.41 1.67
CA ALA D 69 19.97 -32.87 2.70
C ALA D 69 20.96 -33.91 3.21
N ASP D 70 20.48 -35.14 3.44
CA ASP D 70 21.35 -36.20 3.95
C ASP D 70 22.04 -36.99 2.84
N LEU D 71 21.76 -36.68 1.58
CA LEU D 71 22.45 -37.35 0.48
C LEU D 71 23.85 -36.78 0.24
N GLY D 72 24.14 -35.57 0.73
CA GLY D 72 25.48 -35.03 0.65
C GLY D 72 25.61 -33.81 -0.24
N TYR D 73 24.48 -33.19 -0.58
CA TYR D 73 24.46 -32.03 -1.45
C TYR D 73 24.59 -30.78 -0.58
N HIS D 74 25.75 -30.16 -0.59
CA HIS D 74 26.05 -29.02 0.28
C HIS D 74 25.71 -27.68 -0.37
N HIS D 75 24.49 -27.57 -0.88
CA HIS D 75 23.98 -26.34 -1.48
C HIS D 75 22.50 -26.25 -1.16
N GLY D 76 21.79 -25.37 -1.86
CA GLY D 76 20.39 -25.14 -1.57
C GLY D 76 19.46 -26.19 -2.14
N GLU D 77 18.34 -26.39 -1.44
CA GLU D 77 17.27 -27.27 -1.91
C GLU D 77 16.50 -26.67 -3.06
N ASN D 78 16.62 -25.36 -3.30
CA ASN D 78 15.97 -24.72 -4.44
C ASN D 78 16.59 -25.17 -5.76
N SER D 79 17.89 -25.47 -5.74
CA SER D 79 18.61 -25.91 -6.93
C SER D 79 18.12 -27.27 -7.41
N ALA D 80 18.03 -28.25 -6.50
CA ALA D 80 17.46 -29.54 -6.87
C ALA D 80 15.95 -29.45 -7.10
N GLN D 81 15.29 -28.53 -6.37
CA GLN D 81 13.85 -28.29 -6.49
C GLN D 81 13.46 -27.82 -7.88
N ASP D 82 14.30 -27.03 -8.53
CA ASP D 82 14.03 -26.66 -9.91
C ASP D 82 14.77 -27.53 -10.92
N ALA D 83 15.84 -28.22 -10.50
CA ALA D 83 16.54 -29.15 -11.37
C ALA D 83 15.69 -30.33 -11.74
N GLY D 84 15.02 -30.94 -10.75
CA GLY D 84 14.09 -32.02 -11.01
C GLY D 84 12.89 -31.62 -11.83
N ALA D 85 12.49 -30.34 -11.74
CA ALA D 85 11.52 -29.81 -12.70
C ALA D 85 12.10 -29.74 -14.10
N LEU D 86 13.35 -29.34 -14.26
CA LEU D 86 13.84 -29.11 -15.62
C LEU D 86 14.37 -30.36 -16.31
N MET D 87 14.64 -31.46 -15.60
CA MET D 87 15.14 -32.66 -16.27
C MET D 87 14.13 -33.81 -16.32
N ALA D 88 12.87 -33.56 -15.96
CA ALA D 88 11.81 -34.55 -16.08
C ALA D 88 10.93 -34.30 -17.30
N ASN D 89 11.48 -33.71 -18.35
CA ASN D 89 10.74 -33.36 -19.56
C ASN D 89 11.05 -34.31 -20.72
N THR D 90 9.98 -34.88 -21.30
CA THR D 90 10.09 -35.69 -22.50
C THR D 90 10.11 -34.86 -23.77
N TRP D 91 9.95 -33.55 -23.68
CA TRP D 91 10.00 -32.68 -24.85
C TRP D 91 11.25 -31.82 -24.90
N ASN D 92 11.84 -31.49 -23.75
CA ASN D 92 13.16 -30.87 -23.74
C ASN D 92 14.25 -31.87 -24.12
N ASN D 93 14.02 -33.15 -23.85
CA ASN D 93 15.03 -34.18 -24.04
C ASN D 93 14.41 -35.37 -24.74
N ASN D 94 15.25 -36.15 -25.42
CA ASN D 94 14.77 -37.28 -26.20
C ASN D 94 14.44 -38.47 -25.31
N PHE D 95 15.45 -39.00 -24.64
CA PHE D 95 15.29 -40.25 -23.90
C PHE D 95 14.62 -39.98 -22.56
N PRO D 96 13.50 -40.64 -22.25
CA PRO D 96 12.88 -40.47 -20.93
C PRO D 96 13.66 -41.18 -19.82
N LEU D 97 14.34 -40.41 -18.98
CA LEU D 97 15.12 -40.94 -17.88
C LEU D 97 14.30 -41.02 -16.59
N LEU D 98 13.65 -39.93 -16.20
CA LEU D 98 12.86 -39.85 -14.98
C LEU D 98 11.54 -39.21 -15.32
N ASP D 99 10.46 -39.97 -15.11
CA ASP D 99 9.11 -39.55 -15.43
C ASP D 99 8.53 -38.71 -14.30
N GLY D 100 7.25 -38.40 -14.41
CA GLY D 100 6.56 -37.72 -13.33
C GLY D 100 5.23 -37.20 -13.79
N GLN D 101 4.46 -36.71 -12.82
CA GLN D 101 3.19 -36.04 -13.08
C GLN D 101 3.32 -34.62 -12.56
N GLY D 102 3.14 -33.65 -13.47
CA GLY D 102 3.35 -32.26 -13.13
C GLY D 102 3.73 -31.49 -14.37
N ASN D 103 4.20 -30.27 -14.16
CA ASN D 103 4.75 -29.47 -15.24
C ASN D 103 6.27 -29.48 -15.16
N PHE D 104 6.89 -29.76 -16.31
CA PHE D 104 8.34 -29.86 -16.39
C PHE D 104 8.91 -28.98 -17.50
N GLY D 105 8.16 -27.98 -17.94
CA GLY D 105 8.55 -27.13 -19.05
C GLY D 105 7.83 -27.49 -20.33
N SER D 106 7.85 -26.54 -21.26
CA SER D 106 7.16 -26.69 -22.53
C SER D 106 7.85 -25.84 -23.58
N ARG D 107 7.53 -26.11 -24.85
CA ARG D 107 8.06 -25.30 -25.94
C ARG D 107 7.32 -23.97 -26.07
N THR D 108 6.14 -23.85 -25.46
CA THR D 108 5.47 -22.56 -25.35
C THR D 108 6.17 -21.73 -24.30
N VAL D 109 6.12 -22.18 -23.05
CA VAL D 109 6.86 -21.57 -21.94
C VAL D 109 7.72 -22.65 -21.31
N GLN D 110 9.02 -22.39 -21.16
CA GLN D 110 9.93 -23.36 -20.56
C GLN D 110 10.04 -23.13 -19.05
N LYS D 111 8.90 -23.31 -18.39
CA LYS D 111 8.84 -23.21 -16.94
C LYS D 111 7.85 -24.24 -16.40
N ALA D 112 7.96 -24.50 -15.11
CA ALA D 112 6.95 -25.29 -14.42
C ALA D 112 5.85 -24.38 -13.88
N ALA D 113 4.67 -24.97 -13.63
CA ALA D 113 3.55 -24.19 -13.13
C ALA D 113 3.74 -23.81 -11.67
N ALA D 114 4.26 -24.74 -10.86
CA ALA D 114 4.72 -24.49 -9.50
C ALA D 114 5.87 -25.45 -9.25
N SER D 115 6.21 -25.67 -7.99
CA SER D 115 6.96 -26.85 -7.62
C SER D 115 6.27 -27.64 -6.53
N ARG D 116 5.05 -27.23 -6.15
CA ARG D 116 4.34 -27.80 -5.01
C ARG D 116 3.09 -28.59 -5.36
N TYR D 117 2.75 -28.70 -6.65
CA TYR D 117 1.69 -29.61 -7.07
C TYR D 117 2.24 -30.66 -8.02
N ILE D 118 3.54 -30.88 -7.97
CA ILE D 118 4.28 -31.61 -8.99
C ILE D 118 5.03 -32.73 -8.29
N PHE D 119 4.89 -33.95 -8.81
CA PHE D 119 5.50 -35.12 -8.21
C PHE D 119 6.28 -35.89 -9.28
N ALA D 120 7.41 -36.48 -8.87
CA ALA D 120 8.34 -37.07 -9.81
C ALA D 120 8.40 -38.57 -9.62
N ARG D 121 9.01 -39.25 -10.58
CA ARG D 121 9.10 -40.71 -10.53
C ARG D 121 10.28 -41.23 -11.31
N VAL D 122 10.88 -42.29 -10.78
CA VAL D 122 11.84 -43.09 -11.53
C VAL D 122 11.12 -43.79 -12.68
N SER D 123 11.83 -44.02 -13.78
CA SER D 123 11.23 -44.71 -14.90
C SER D 123 11.69 -46.16 -14.94
N LYS D 124 10.84 -47.02 -15.46
CA LYS D 124 11.24 -48.40 -15.71
C LYS D 124 12.23 -48.49 -16.86
N ASN D 125 12.25 -47.50 -17.76
CA ASN D 125 13.22 -47.45 -18.83
C ASN D 125 14.63 -47.15 -18.31
N PHE D 126 14.71 -46.39 -17.20
CA PHE D 126 15.98 -46.20 -16.51
C PHE D 126 16.55 -47.52 -16.04
N TYR D 127 15.71 -48.36 -15.45
CA TYR D 127 16.17 -49.67 -15.03
C TYR D 127 16.27 -50.64 -16.20
N ASN D 128 15.69 -50.31 -17.34
CA ASN D 128 16.02 -50.98 -18.57
C ASN D 128 17.38 -50.55 -19.10
N VAL D 129 17.90 -49.41 -18.65
CA VAL D 129 19.13 -48.87 -19.20
C VAL D 129 20.22 -48.60 -18.15
N TYR D 130 19.94 -48.65 -16.85
CA TYR D 130 21.00 -48.39 -15.87
C TYR D 130 21.25 -49.56 -14.92
N LYS D 131 21.45 -50.75 -15.48
CA LYS D 131 21.96 -51.88 -14.72
C LYS D 131 23.39 -51.62 -14.25
N ASP D 132 23.82 -52.43 -13.26
CA ASP D 132 25.05 -52.24 -12.46
C ASP D 132 25.09 -50.85 -11.82
N THR D 133 23.91 -50.39 -11.37
CA THR D 133 23.84 -49.15 -10.60
C THR D 133 24.37 -49.36 -9.19
N GLU D 134 23.98 -50.48 -8.56
CA GLU D 134 24.36 -50.79 -7.18
C GLU D 134 25.82 -51.22 -7.04
N TYR D 135 26.45 -51.66 -8.13
CA TYR D 135 27.86 -52.08 -8.11
C TYR D 135 28.83 -50.90 -8.12
N ALA D 136 28.34 -49.67 -8.28
CA ALA D 136 29.13 -48.48 -8.54
C ALA D 136 29.96 -48.09 -7.32
N PRO D 137 31.25 -47.80 -7.49
CA PRO D 137 32.10 -47.43 -6.35
C PRO D 137 31.81 -46.01 -5.86
N VAL D 138 31.90 -45.84 -4.54
CA VAL D 138 31.54 -44.59 -3.90
C VAL D 138 32.64 -43.55 -4.13
N HIS D 139 32.30 -42.28 -3.93
CA HIS D 139 33.20 -41.17 -4.14
C HIS D 139 34.26 -41.14 -3.03
N GLN D 140 35.38 -40.46 -3.31
CA GLN D 140 36.47 -40.28 -2.35
C GLN D 140 36.01 -39.54 -1.10
N ASP D 141 35.16 -38.52 -1.27
CA ASP D 141 34.56 -37.84 -0.13
C ASP D 141 33.59 -38.76 0.60
N LYS D 142 33.66 -38.73 1.93
CA LYS D 142 32.88 -39.65 2.76
C LYS D 142 31.39 -39.28 2.76
N GLU D 143 31.07 -38.00 2.65
CA GLU D 143 29.68 -37.54 2.74
C GLU D 143 28.87 -37.83 1.48
N HIS D 144 29.49 -38.26 0.39
CA HIS D 144 28.79 -38.48 -0.88
C HIS D 144 28.11 -39.85 -0.84
N ILE D 145 26.84 -39.84 -0.48
CA ILE D 145 26.00 -41.05 -0.43
C ILE D 145 25.67 -41.60 -1.83
N PRO D 146 25.47 -40.79 -2.89
CA PRO D 146 25.58 -41.36 -4.24
C PRO D 146 27.01 -41.80 -4.52
N PRO D 147 27.20 -42.78 -5.39
CA PRO D 147 28.54 -43.21 -5.77
C PRO D 147 29.21 -42.21 -6.71
N ALA D 148 30.42 -42.58 -7.16
CA ALA D 148 31.23 -41.68 -7.97
C ALA D 148 30.63 -41.49 -9.37
N PHE D 149 30.23 -42.59 -10.00
CA PHE D 149 29.50 -42.51 -11.27
C PHE D 149 28.61 -43.75 -11.38
N TYR D 150 27.39 -43.55 -11.87
CA TYR D 150 26.49 -44.66 -12.17
C TYR D 150 26.89 -45.29 -13.51
N LEU D 151 26.16 -46.32 -13.91
CA LEU D 151 26.64 -47.15 -15.01
C LEU D 151 25.53 -47.39 -16.04
N PRO D 152 25.61 -46.81 -17.24
CA PRO D 152 24.59 -47.07 -18.26
C PRO D 152 24.97 -48.16 -19.26
N ILE D 153 24.03 -48.50 -20.13
CA ILE D 153 24.30 -49.36 -21.27
C ILE D 153 24.61 -48.54 -22.52
N ILE D 154 23.87 -47.44 -22.72
CA ILE D 154 24.20 -46.42 -23.70
C ILE D 154 24.35 -45.10 -22.93
N PRO D 155 25.35 -44.26 -23.24
CA PRO D 155 25.70 -43.18 -22.32
C PRO D 155 24.75 -41.99 -22.39
N THR D 156 24.72 -41.24 -21.29
CA THR D 156 23.89 -40.05 -21.17
C THR D 156 24.64 -38.79 -21.60
N VAL D 157 25.88 -38.92 -22.07
CA VAL D 157 26.55 -37.80 -22.69
C VAL D 157 26.01 -37.58 -24.10
N LEU D 158 25.86 -38.67 -24.86
CA LEU D 158 25.32 -38.58 -26.22
C LEU D 158 23.82 -38.31 -26.19
N LEU D 159 23.08 -39.01 -25.33
CA LEU D 159 21.64 -38.81 -25.24
C LEU D 159 21.32 -37.56 -24.43
N ASN D 160 20.36 -36.80 -24.95
CA ASN D 160 19.62 -35.70 -24.31
C ASN D 160 20.44 -34.41 -24.08
N GLY D 161 21.77 -34.47 -24.23
CA GLY D 161 22.64 -33.32 -24.09
C GLY D 161 22.81 -32.72 -22.71
N VAL D 162 23.99 -32.13 -22.46
CA VAL D 162 24.27 -31.40 -21.21
C VAL D 162 24.95 -30.09 -21.57
N SER D 163 24.56 -29.01 -20.89
CA SER D 163 25.12 -27.69 -21.18
C SER D 163 25.40 -26.96 -19.87
N GLY D 164 26.58 -26.35 -19.78
CA GLY D 164 26.95 -25.57 -18.61
C GLY D 164 28.27 -24.87 -18.81
N ILE D 165 28.58 -23.96 -17.91
CA ILE D 165 29.82 -23.19 -17.94
C ILE D 165 30.45 -23.25 -16.55
N ALA D 166 31.66 -23.79 -16.48
CA ALA D 166 32.44 -23.76 -15.25
C ALA D 166 33.54 -22.71 -15.36
N THR D 167 34.44 -22.67 -14.39
CA THR D 167 35.54 -21.72 -14.38
C THR D 167 36.60 -22.17 -15.38
N GLY D 168 36.56 -21.63 -16.59
CA GLY D 168 37.53 -21.93 -17.62
C GLY D 168 37.11 -22.96 -18.64
N TYR D 169 36.05 -23.73 -18.38
CA TYR D 169 35.60 -24.76 -19.31
C TYR D 169 34.08 -24.74 -19.39
N ALA D 170 33.56 -25.04 -20.58
CA ALA D 170 32.12 -24.94 -20.84
C ALA D 170 31.68 -26.08 -21.74
N THR D 171 30.74 -26.88 -21.27
CA THR D 171 30.25 -28.06 -21.98
C THR D 171 28.95 -27.72 -22.71
N TYR D 172 28.86 -28.15 -23.96
CA TYR D 172 27.67 -27.95 -24.80
C TYR D 172 27.34 -29.23 -25.57
N ILE D 173 27.29 -30.35 -24.87
CA ILE D 173 27.12 -31.66 -25.50
C ILE D 173 25.68 -31.81 -25.96
N LEU D 174 25.50 -32.28 -27.18
CA LEU D 174 24.28 -32.20 -27.98
C LEU D 174 23.49 -33.51 -27.88
N PRO D 175 22.15 -33.43 -27.82
CA PRO D 175 21.32 -34.64 -27.86
C PRO D 175 21.43 -35.40 -29.18
N HIS D 176 21.31 -36.72 -29.07
CA HIS D 176 21.44 -37.62 -30.21
C HIS D 176 20.28 -38.62 -30.19
N SER D 177 20.05 -39.28 -31.34
CA SER D 177 18.94 -40.19 -31.47
C SER D 177 19.23 -41.51 -30.78
N VAL D 178 18.15 -42.17 -30.32
CA VAL D 178 18.27 -43.35 -29.46
C VAL D 178 18.80 -44.57 -30.22
N SER D 179 18.30 -44.83 -31.42
CA SER D 179 18.74 -45.99 -32.19
C SER D 179 20.16 -45.85 -32.71
N SER D 180 20.59 -44.62 -32.99
CA SER D 180 21.97 -44.41 -33.43
C SER D 180 22.97 -44.48 -32.29
N VAL D 181 22.60 -44.05 -31.08
CA VAL D 181 23.47 -44.26 -29.92
C VAL D 181 23.55 -45.74 -29.57
N LYS D 182 22.42 -46.46 -29.71
CA LYS D 182 22.38 -47.90 -29.51
C LYS D 182 23.26 -48.63 -30.52
N LYS D 183 23.17 -48.24 -31.80
CA LYS D 183 24.01 -48.82 -32.84
C LYS D 183 25.46 -48.41 -32.68
N ALA D 184 25.72 -47.21 -32.14
CA ALA D 184 27.07 -46.73 -31.93
C ALA D 184 27.79 -47.53 -30.85
N VAL D 185 27.11 -47.76 -29.73
CA VAL D 185 27.69 -48.55 -28.65
C VAL D 185 27.79 -50.02 -29.05
N LEU D 186 26.76 -50.55 -29.73
CA LEU D 186 26.77 -51.93 -30.19
C LEU D 186 27.78 -52.19 -31.31
N GLN D 187 28.18 -51.15 -32.04
CA GLN D 187 29.10 -51.29 -33.17
C GLN D 187 30.53 -50.91 -32.81
N ALA D 188 30.74 -50.02 -31.84
CA ALA D 188 32.05 -49.78 -31.28
C ALA D 188 32.43 -50.79 -30.21
N LEU D 189 31.46 -51.56 -29.70
CA LEU D 189 31.78 -52.72 -28.87
C LEU D 189 32.50 -53.79 -29.69
N GLN D 190 32.14 -53.94 -30.97
CA GLN D 190 32.79 -54.89 -31.86
C GLN D 190 34.15 -54.43 -32.36
N GLY D 191 34.55 -53.19 -32.08
CA GLY D 191 35.87 -52.73 -32.46
C GLY D 191 36.02 -52.33 -33.91
N LYS D 192 34.92 -52.02 -34.59
CA LYS D 192 34.95 -51.61 -35.99
C LYS D 192 35.20 -50.10 -36.08
N LYS D 193 34.99 -49.54 -37.27
CA LYS D 193 34.95 -48.10 -37.43
C LYS D 193 33.72 -47.56 -36.72
N VAL D 194 33.93 -46.66 -35.77
CA VAL D 194 32.88 -46.26 -34.82
C VAL D 194 31.89 -45.34 -35.52
N THR D 195 30.62 -45.73 -35.51
CA THR D 195 29.56 -44.89 -36.03
C THR D 195 29.31 -43.73 -35.07
N LYS D 196 29.49 -42.51 -35.57
CA LYS D 196 29.05 -41.36 -34.81
C LYS D 196 27.52 -41.34 -34.80
N PRO D 197 26.89 -41.15 -33.64
CA PRO D 197 25.43 -41.14 -33.60
C PRO D 197 24.82 -39.95 -34.31
N LYS D 198 23.65 -40.19 -34.90
CA LYS D 198 22.89 -39.13 -35.54
C LYS D 198 22.10 -38.35 -34.49
N VAL D 199 21.69 -37.15 -34.87
CA VAL D 199 21.03 -36.23 -33.96
C VAL D 199 19.56 -36.13 -34.36
N GLU D 200 18.69 -36.44 -33.40
CA GLU D 200 17.25 -36.21 -33.55
C GLU D 200 16.79 -35.40 -32.35
N PHE D 201 16.48 -34.13 -32.56
CA PHE D 201 15.86 -33.33 -31.52
C PHE D 201 14.43 -33.84 -31.30
N PRO D 202 13.94 -33.84 -30.06
CA PRO D 202 12.61 -34.40 -29.80
C PRO D 202 11.51 -33.45 -30.28
N GLU D 203 10.57 -34.03 -31.04
CA GLU D 203 9.46 -33.34 -31.72
C GLU D 203 9.97 -32.22 -32.63
N PHE D 204 10.83 -32.60 -33.57
CA PHE D 204 11.41 -31.69 -34.54
C PHE D 204 11.18 -32.24 -35.95
N ARG D 205 10.28 -31.58 -36.70
CA ARG D 205 9.96 -31.96 -38.07
C ARG D 205 10.57 -31.02 -39.10
N GLY D 206 11.60 -30.27 -38.72
CA GLY D 206 12.26 -29.39 -39.66
C GLY D 206 13.35 -30.11 -40.43
N GLU D 207 14.57 -29.61 -40.35
CA GLU D 207 15.70 -30.27 -40.98
C GLU D 207 16.97 -29.93 -40.21
N VAL D 208 17.67 -30.97 -39.75
CA VAL D 208 18.94 -30.82 -39.05
C VAL D 208 20.03 -31.36 -39.97
N VAL D 209 20.91 -30.47 -40.42
CA VAL D 209 21.96 -30.83 -41.37
C VAL D 209 23.22 -30.07 -40.98
N GLU D 210 24.35 -30.50 -41.53
CA GLU D 210 25.61 -29.80 -41.27
C GLU D 210 25.75 -28.61 -42.21
N ILE D 211 26.61 -27.67 -41.82
CA ILE D 211 27.11 -26.64 -42.72
C ILE D 211 28.62 -26.79 -42.95
N ASP D 212 29.42 -26.67 -41.89
CA ASP D 212 30.86 -26.86 -42.01
C ASP D 212 31.38 -27.40 -40.66
N GLY D 213 31.37 -28.73 -40.54
CA GLY D 213 31.81 -29.37 -39.31
C GLY D 213 30.79 -29.22 -38.21
N GLN D 214 29.93 -28.22 -38.35
CA GLN D 214 28.96 -27.85 -37.32
C GLN D 214 27.54 -28.08 -37.83
N TYR D 215 26.67 -28.45 -36.89
CA TYR D 215 25.27 -28.68 -37.20
C TYR D 215 24.54 -27.36 -37.40
N GLU D 216 23.58 -27.36 -38.32
CA GLU D 216 22.57 -26.33 -38.30
C GLU D 216 21.24 -26.98 -37.99
N ILE D 217 20.37 -26.22 -37.36
CA ILE D 217 18.98 -26.62 -37.20
C ILE D 217 18.11 -25.63 -37.97
N ARG D 218 17.23 -26.17 -38.79
CA ARG D 218 16.24 -25.37 -39.47
C ARG D 218 14.88 -26.02 -39.27
N GLY D 219 13.87 -25.17 -39.17
CA GLY D 219 12.52 -25.64 -39.01
C GLY D 219 11.83 -25.83 -40.35
N THR D 220 10.63 -25.28 -40.47
CA THR D 220 9.85 -25.40 -41.69
C THR D 220 9.13 -24.09 -41.94
N TYR D 221 9.39 -23.48 -43.10
CA TYR D 221 8.60 -22.35 -43.57
C TYR D 221 7.93 -22.75 -44.87
N LYS D 222 6.67 -22.33 -45.04
CA LYS D 222 5.86 -22.78 -46.16
C LYS D 222 5.15 -21.59 -46.79
N PHE D 223 5.51 -21.29 -48.05
CA PHE D 223 4.75 -20.36 -48.85
C PHE D 223 3.33 -20.86 -49.07
N THR D 224 2.35 -20.08 -48.62
CA THR D 224 0.95 -20.45 -48.75
C THR D 224 0.19 -19.57 -49.73
N SER D 225 0.65 -18.36 -49.99
CA SER D 225 0.07 -17.49 -51.01
C SER D 225 1.20 -16.62 -51.55
N ARG D 226 0.82 -15.55 -52.26
CA ARG D 226 1.80 -14.54 -52.68
C ARG D 226 2.36 -13.79 -51.46
N THR D 227 1.49 -13.43 -50.53
CA THR D 227 1.87 -12.64 -49.37
C THR D 227 1.43 -13.31 -48.08
N GLN D 228 1.64 -14.61 -47.96
CA GLN D 228 1.34 -15.30 -46.72
C GLN D 228 2.38 -16.36 -46.45
N MET D 229 2.54 -16.70 -45.18
CA MET D 229 3.56 -17.61 -44.69
C MET D 229 2.97 -18.51 -43.62
N HIS D 230 3.35 -19.78 -43.64
CA HIS D 230 3.11 -20.66 -42.49
C HIS D 230 4.46 -21.24 -42.08
N ILE D 231 5.04 -20.67 -41.02
CA ILE D 231 6.19 -21.28 -40.37
C ILE D 231 5.63 -22.45 -39.57
N THR D 232 5.69 -23.64 -40.17
CA THR D 232 5.25 -24.85 -39.50
C THR D 232 6.23 -25.24 -38.40
N GLU D 233 7.50 -24.94 -38.60
CA GLU D 233 8.49 -25.16 -37.55
C GLU D 233 9.57 -24.09 -37.59
N ILE D 234 10.02 -23.73 -36.40
CA ILE D 234 11.18 -22.86 -36.19
C ILE D 234 12.29 -23.78 -35.69
N PRO D 235 13.56 -23.34 -35.68
CA PRO D 235 14.60 -24.14 -35.02
C PRO D 235 14.40 -24.27 -33.52
N TYR D 236 15.20 -25.16 -32.93
CA TYR D 236 14.89 -25.78 -31.64
C TYR D 236 15.01 -24.83 -30.46
N LYS D 237 15.91 -23.85 -30.52
CA LYS D 237 16.11 -22.97 -29.37
C LYS D 237 15.30 -21.68 -29.47
N TYR D 238 14.14 -21.75 -30.11
CA TYR D 238 13.20 -20.64 -30.17
C TYR D 238 11.87 -21.09 -29.58
N ASP D 239 11.41 -20.39 -28.56
CA ASP D 239 10.05 -20.55 -28.03
C ASP D 239 9.15 -19.52 -28.71
N ARG D 240 7.95 -19.28 -28.15
CA ARG D 240 7.01 -18.37 -28.79
C ARG D 240 7.41 -16.90 -28.57
N GLU D 241 7.41 -16.45 -27.31
CA GLU D 241 7.37 -15.01 -27.06
C GLU D 241 8.73 -14.34 -27.11
N THR D 242 9.82 -15.05 -26.78
CA THR D 242 11.14 -14.47 -26.97
C THR D 242 11.50 -14.35 -28.44
N TYR D 243 11.06 -15.30 -29.27
CA TYR D 243 11.22 -15.17 -30.71
C TYR D 243 10.33 -14.08 -31.28
N VAL D 244 9.15 -13.86 -30.67
CA VAL D 244 8.29 -12.78 -31.12
C VAL D 244 8.90 -11.42 -30.77
N SER D 245 9.33 -11.24 -29.51
CA SER D 245 9.81 -9.94 -29.05
C SER D 245 11.24 -9.65 -29.49
N LYS D 246 12.02 -10.67 -29.83
CA LYS D 246 13.41 -10.45 -30.23
C LYS D 246 13.57 -10.23 -31.72
N ILE D 247 12.73 -10.88 -32.53
CA ILE D 247 12.88 -10.85 -33.99
C ILE D 247 11.60 -10.33 -34.63
N LEU D 248 10.48 -10.99 -34.32
CA LEU D 248 9.21 -10.72 -34.98
C LEU D 248 8.60 -9.37 -34.59
N ASP D 249 8.83 -8.90 -33.37
CA ASP D 249 8.41 -7.55 -33.02
C ASP D 249 9.34 -6.45 -33.54
N PRO D 250 10.69 -6.63 -33.60
CA PRO D 250 11.48 -5.69 -34.42
C PRO D 250 11.14 -5.73 -35.91
N LEU D 251 10.63 -6.85 -36.42
CA LEU D 251 10.07 -6.88 -37.76
C LEU D 251 8.68 -6.26 -37.83
N GLU D 252 7.95 -6.26 -36.71
CA GLU D 252 6.61 -5.68 -36.66
C GLU D 252 6.68 -4.16 -36.65
N ASN D 253 7.63 -3.60 -35.90
CA ASN D 253 7.72 -2.15 -35.71
C ASN D 253 8.17 -1.39 -36.95
N LYS D 254 8.71 -2.07 -37.96
CA LYS D 254 8.95 -1.47 -39.26
C LYS D 254 7.70 -1.52 -40.14
N GLY D 255 6.63 -2.16 -39.68
CA GLY D 255 5.47 -2.39 -40.50
C GLY D 255 5.64 -3.47 -41.54
N PHE D 256 6.63 -4.35 -41.38
CA PHE D 256 6.99 -5.30 -42.43
C PHE D 256 6.01 -6.47 -42.50
N ILE D 257 5.76 -7.13 -41.37
CA ILE D 257 4.95 -8.33 -41.31
C ILE D 257 3.94 -8.23 -40.17
N THR D 258 3.17 -9.31 -40.01
CA THR D 258 2.28 -9.47 -38.87
C THR D 258 2.09 -10.97 -38.63
N TRP D 259 1.62 -11.30 -37.42
CA TRP D 259 1.57 -12.69 -36.95
C TRP D 259 0.16 -13.07 -36.53
N ASP D 260 -0.11 -14.38 -36.60
CA ASP D 260 -1.33 -14.98 -36.09
C ASP D 260 -0.95 -16.13 -35.17
N ASP D 261 -1.63 -16.24 -34.02
CA ASP D 261 -1.36 -17.31 -33.07
C ASP D 261 -2.16 -18.54 -33.46
N ALA D 262 -1.52 -19.46 -34.18
CA ALA D 262 -2.18 -20.67 -34.68
C ALA D 262 -1.27 -21.88 -34.46
N CYS D 263 -0.74 -22.01 -33.25
CA CYS D 263 0.22 -23.07 -32.93
C CYS D 263 -0.43 -24.45 -32.97
N GLY D 264 0.27 -25.39 -33.59
CA GLY D 264 -0.32 -26.66 -33.94
C GLY D 264 -0.28 -27.69 -32.82
N GLU D 265 -0.50 -28.94 -33.22
CA GLU D 265 -0.54 -30.05 -32.27
C GLU D 265 0.84 -30.38 -31.74
N HIS D 266 1.78 -30.68 -32.65
CA HIS D 266 3.18 -30.86 -32.32
C HIS D 266 4.01 -29.85 -33.09
N GLY D 267 4.95 -29.22 -32.40
CA GLY D 267 5.69 -28.14 -33.00
C GLY D 267 4.95 -26.82 -32.89
N PHE D 268 5.20 -25.95 -33.87
CA PHE D 268 4.57 -24.64 -33.91
C PHE D 268 3.62 -24.55 -35.10
N GLY D 269 2.93 -23.42 -35.20
CA GLY D 269 2.04 -23.18 -36.33
C GLY D 269 1.98 -21.75 -36.81
N PHE D 270 3.10 -21.02 -36.72
CA PHE D 270 3.07 -19.55 -36.78
C PHE D 270 2.79 -19.05 -38.20
N LYS D 271 1.64 -18.42 -38.39
CA LYS D 271 1.26 -17.90 -39.70
C LYS D 271 1.58 -16.41 -39.75
N VAL D 272 2.39 -16.02 -40.74
CA VAL D 272 2.94 -14.68 -40.84
C VAL D 272 2.50 -14.07 -42.17
N LYS D 273 1.84 -12.93 -42.13
CA LYS D 273 1.38 -12.25 -43.33
C LYS D 273 2.25 -11.03 -43.57
N PHE D 274 2.79 -10.91 -44.79
CA PHE D 274 3.62 -9.78 -45.18
C PHE D 274 2.75 -8.54 -45.38
N ARG D 275 3.38 -7.37 -45.30
CA ARG D 275 2.75 -6.11 -45.68
C ARG D 275 3.44 -5.56 -46.92
N LYS D 276 2.84 -4.52 -47.49
CA LYS D 276 3.25 -4.02 -48.80
C LYS D 276 4.49 -3.12 -48.74
N GLU D 277 4.91 -2.70 -47.55
CA GLU D 277 6.13 -1.90 -47.39
C GLU D 277 7.35 -2.77 -47.11
N TYR D 278 7.52 -3.80 -47.93
CA TYR D 278 8.54 -4.83 -47.75
C TYR D 278 9.23 -5.06 -49.10
N SER D 279 10.17 -5.99 -49.12
CA SER D 279 10.82 -6.38 -50.37
C SER D 279 9.84 -7.11 -51.28
N LEU D 280 9.32 -8.26 -50.82
CA LEU D 280 8.45 -9.19 -51.56
C LEU D 280 9.06 -9.58 -52.91
N SER D 281 10.35 -9.90 -52.86
CA SER D 281 11.11 -10.22 -54.06
C SER D 281 10.69 -11.57 -54.64
N ASP D 282 10.92 -11.73 -55.93
CA ASP D 282 10.56 -12.92 -56.69
C ASP D 282 11.76 -13.87 -56.80
N ASN D 283 11.67 -14.82 -57.73
CA ASN D 283 12.67 -15.73 -58.32
C ASN D 283 13.25 -16.78 -57.36
N GLU D 284 12.75 -16.88 -56.13
CA GLU D 284 12.92 -18.04 -55.23
C GLU D 284 14.37 -18.26 -54.79
N GLU D 285 15.21 -17.24 -54.86
CA GLU D 285 16.52 -17.28 -54.24
C GLU D 285 16.84 -16.07 -53.37
N GLU D 286 16.24 -14.91 -53.64
CA GLU D 286 16.41 -13.76 -52.77
C GLU D 286 15.26 -13.58 -51.80
N ARG D 287 14.06 -14.09 -52.13
CA ARG D 287 12.99 -14.10 -51.14
C ARG D 287 13.30 -15.08 -50.02
N HIS D 288 13.89 -16.23 -50.34
CA HIS D 288 14.27 -17.21 -49.32
C HIS D 288 15.48 -16.73 -48.53
N ALA D 289 16.37 -15.97 -49.19
CA ALA D 289 17.46 -15.29 -48.51
C ALA D 289 16.94 -14.27 -47.50
N LYS D 290 15.94 -13.49 -47.90
CA LYS D 290 15.29 -12.54 -47.00
C LYS D 290 14.49 -13.25 -45.92
N ILE D 291 14.02 -14.47 -46.20
CA ILE D 291 13.30 -15.24 -45.18
C ILE D 291 14.25 -15.73 -44.10
N MET D 292 15.32 -16.44 -44.46
CA MET D 292 16.12 -16.98 -43.35
C MET D 292 17.16 -15.98 -42.86
N LYS D 293 17.22 -14.78 -43.45
CA LYS D 293 17.93 -13.69 -42.79
C LYS D 293 16.97 -12.83 -41.96
N ASP D 294 15.69 -12.81 -42.30
CA ASP D 294 14.71 -12.00 -41.58
C ASP D 294 13.91 -12.82 -40.55
N PHE D 295 13.24 -13.89 -41.01
CA PHE D 295 12.52 -14.75 -40.07
C PHE D 295 13.47 -15.62 -39.25
N GLY D 296 14.70 -15.83 -39.72
CA GLY D 296 15.69 -16.60 -38.99
C GLY D 296 15.41 -18.08 -39.03
N LEU D 297 15.23 -18.64 -40.24
CA LEU D 297 14.90 -20.05 -40.35
C LEU D 297 16.11 -20.96 -40.15
N ILE D 298 17.33 -20.42 -40.20
CA ILE D 298 18.55 -21.20 -40.09
C ILE D 298 19.25 -20.80 -38.80
N GLU D 299 19.66 -21.77 -37.97
CA GLU D 299 20.45 -21.43 -36.80
C GLU D 299 21.66 -22.37 -36.73
N ARG D 300 22.84 -21.77 -36.49
CA ARG D 300 24.13 -22.43 -36.42
C ARG D 300 24.56 -22.58 -34.96
N ARG D 301 25.71 -23.22 -34.74
CA ARG D 301 26.20 -23.48 -33.38
C ARG D 301 27.71 -23.69 -33.41
N SER D 302 28.24 -24.24 -32.32
CA SER D 302 29.63 -24.64 -32.23
C SER D 302 29.74 -25.83 -31.29
N GLN D 303 30.81 -26.61 -31.42
CA GLN D 303 31.00 -27.82 -30.64
C GLN D 303 32.32 -27.78 -29.88
N ASN D 304 32.28 -28.22 -28.62
CA ASN D 304 33.47 -28.34 -27.78
C ASN D 304 33.16 -29.41 -26.73
N ILE D 305 33.72 -30.61 -26.92
CA ILE D 305 33.40 -31.75 -26.07
C ILE D 305 34.44 -31.79 -24.95
N THR D 306 34.19 -31.04 -23.88
CA THR D 306 35.05 -31.07 -22.70
C THR D 306 34.29 -31.71 -21.54
N VAL D 307 34.92 -32.70 -20.91
CA VAL D 307 34.21 -33.54 -19.95
C VAL D 307 35.24 -34.18 -19.02
N ILE D 308 34.92 -34.20 -17.73
CA ILE D 308 35.77 -34.81 -16.71
C ILE D 308 35.74 -36.34 -16.89
N ASN D 309 36.92 -36.97 -16.83
CA ASN D 309 37.01 -38.42 -16.97
C ASN D 309 36.68 -39.16 -15.68
N GLU D 310 37.07 -40.43 -15.58
CA GLU D 310 36.75 -41.28 -14.42
C GLU D 310 37.38 -40.78 -13.11
N LYS D 311 38.49 -40.05 -13.16
CA LYS D 311 39.02 -39.38 -11.98
C LYS D 311 38.66 -37.90 -12.04
N GLY D 312 39.24 -37.10 -11.14
CA GLY D 312 38.91 -35.69 -11.04
C GLY D 312 39.47 -34.80 -12.13
N LYS D 313 40.29 -35.33 -13.03
CA LYS D 313 40.86 -34.58 -14.13
C LYS D 313 39.83 -34.36 -15.22
N LEU D 314 40.18 -33.53 -16.20
CA LEU D 314 39.29 -33.11 -17.26
C LEU D 314 39.95 -33.38 -18.61
N GLN D 315 39.16 -33.86 -19.59
CA GLN D 315 39.68 -34.19 -20.91
C GLN D 315 38.79 -33.60 -22.00
N VAL D 316 39.41 -33.25 -23.12
CA VAL D 316 38.71 -32.62 -24.25
C VAL D 316 38.83 -33.52 -25.46
N TYR D 317 37.69 -33.77 -26.11
CA TYR D 317 37.59 -34.51 -27.35
C TYR D 317 37.11 -33.57 -28.45
N ASP D 318 37.47 -33.89 -29.69
CA ASP D 318 36.91 -33.17 -30.83
C ASP D 318 35.70 -33.86 -31.42
N ASN D 319 35.40 -35.09 -30.97
CA ASN D 319 34.28 -35.86 -31.50
C ASN D 319 33.83 -36.85 -30.44
N VAL D 320 32.61 -37.40 -30.64
CA VAL D 320 32.05 -38.37 -29.73
C VAL D 320 32.44 -39.80 -30.08
N VAL D 321 33.29 -40.00 -31.09
CA VAL D 321 33.77 -41.33 -31.44
C VAL D 321 34.68 -41.89 -30.35
N ASP D 322 35.64 -41.08 -29.91
CA ASP D 322 36.49 -41.48 -28.79
C ASP D 322 35.74 -41.48 -27.46
N LEU D 323 34.67 -40.69 -27.36
CA LEU D 323 33.81 -40.71 -26.17
C LEU D 323 33.08 -42.05 -26.06
N ILE D 324 32.50 -42.52 -27.17
CA ILE D 324 31.84 -43.82 -27.22
C ILE D 324 32.84 -44.95 -27.01
N LYS D 325 34.04 -44.81 -27.58
CA LYS D 325 35.11 -45.79 -27.41
C LYS D 325 35.59 -45.89 -25.96
N ASP D 326 35.78 -44.75 -25.29
CA ASP D 326 36.19 -44.74 -23.90
C ASP D 326 35.08 -45.23 -22.97
N PHE D 327 33.83 -44.89 -23.30
CA PHE D 327 32.67 -45.41 -22.56
C PHE D 327 32.59 -46.92 -22.64
N VAL D 328 32.75 -47.49 -23.84
CA VAL D 328 32.65 -48.93 -23.97
C VAL D 328 33.91 -49.64 -23.46
N GLU D 329 35.07 -48.96 -23.43
CA GLU D 329 36.26 -49.58 -22.88
C GLU D 329 36.31 -49.51 -21.36
N VAL D 330 35.55 -48.61 -20.73
CA VAL D 330 35.34 -48.70 -19.29
C VAL D 330 34.25 -49.72 -18.98
N ARG D 331 33.21 -49.76 -19.82
CA ARG D 331 32.10 -50.70 -19.69
C ARG D 331 32.53 -52.15 -19.81
N LYS D 332 33.57 -52.44 -20.61
CA LYS D 332 34.07 -53.80 -20.76
C LYS D 332 34.63 -54.35 -19.44
N THR D 333 35.45 -53.55 -18.76
CA THR D 333 35.99 -53.96 -17.46
C THR D 333 34.92 -53.98 -16.38
N TYR D 334 33.96 -53.06 -16.43
CA TYR D 334 32.95 -53.05 -15.37
C TYR D 334 31.81 -54.05 -15.62
N VAL D 335 31.77 -54.70 -16.77
CA VAL D 335 30.96 -55.90 -16.91
C VAL D 335 31.79 -57.15 -16.56
N GLN D 336 33.10 -57.10 -16.81
CA GLN D 336 34.02 -58.20 -16.47
C GLN D 336 34.08 -58.43 -14.95
N LYS D 337 34.05 -57.33 -14.18
CA LYS D 337 33.98 -57.43 -12.73
C LYS D 337 32.70 -58.11 -12.27
N ARG D 338 31.57 -57.79 -12.93
CA ARG D 338 30.30 -58.45 -12.65
C ARG D 338 30.32 -59.92 -13.04
N ILE D 339 31.03 -60.27 -14.12
CA ILE D 339 31.18 -61.65 -14.56
C ILE D 339 31.93 -62.48 -13.51
N ASP D 340 33.03 -61.93 -13.00
CA ASP D 340 33.81 -62.61 -11.97
C ASP D 340 33.04 -62.73 -10.65
N ASN D 341 32.29 -61.68 -10.28
CA ASN D 341 31.47 -61.71 -9.07
C ASN D 341 30.35 -62.75 -9.16
N LYS D 342 29.69 -62.85 -10.31
CA LYS D 342 28.65 -63.85 -10.50
C LYS D 342 29.22 -65.27 -10.54
N ILE D 343 30.44 -65.44 -11.08
CA ILE D 343 31.09 -66.75 -11.09
C ILE D 343 31.41 -67.21 -9.67
N LYS D 344 31.98 -66.31 -8.86
CA LYS D 344 32.32 -66.63 -7.48
C LYS D 344 31.08 -66.79 -6.59
N GLU D 345 29.96 -66.15 -6.94
CA GLU D 345 28.71 -66.44 -6.26
C GLU D 345 28.19 -67.81 -6.62
N THR D 346 28.17 -68.13 -7.91
CA THR D 346 27.49 -69.33 -8.39
C THR D 346 28.22 -70.63 -8.04
N GLU D 347 29.55 -70.61 -7.87
CA GLU D 347 30.24 -71.85 -7.50
C GLU D 347 29.92 -72.29 -6.07
N SER D 348 29.97 -71.36 -5.12
CA SER D 348 29.55 -71.67 -3.76
C SER D 348 28.06 -71.95 -3.66
N ALA D 349 27.24 -71.27 -4.48
CA ALA D 349 25.82 -71.57 -4.48
C ALA D 349 25.52 -72.95 -5.09
N PHE D 350 26.36 -73.39 -6.05
CA PHE D 350 26.24 -74.73 -6.59
C PHE D 350 26.59 -75.80 -5.57
N ARG D 351 27.68 -75.59 -4.82
CA ARG D 351 28.05 -76.58 -3.82
C ARG D 351 27.04 -76.61 -2.67
N LEU D 352 26.46 -75.46 -2.32
CA LEU D 352 25.46 -75.39 -1.26
C LEU D 352 24.16 -76.07 -1.67
N ALA D 353 23.66 -75.77 -2.89
CA ALA D 353 22.43 -76.39 -3.37
C ALA D 353 22.59 -77.90 -3.56
N PHE D 354 23.79 -78.34 -3.96
CA PHE D 354 24.09 -79.77 -4.00
C PHE D 354 24.04 -80.41 -2.61
N ALA D 355 24.57 -79.71 -1.59
CA ALA D 355 24.50 -80.23 -0.22
C ALA D 355 23.06 -80.33 0.29
N LYS D 356 22.23 -79.34 -0.04
CA LYS D 356 20.85 -79.37 0.45
C LYS D 356 20.03 -80.42 -0.30
N ALA D 357 20.31 -80.64 -1.58
CA ALA D 357 19.62 -81.71 -2.31
C ALA D 357 20.07 -83.09 -1.82
N HIS D 358 21.34 -83.23 -1.47
CA HIS D 358 21.81 -84.49 -0.90
C HIS D 358 21.22 -84.72 0.49
N PHE D 359 21.05 -83.65 1.26
CA PHE D 359 20.48 -83.84 2.58
C PHE D 359 18.96 -84.03 2.54
N ILE D 360 18.28 -83.52 1.51
CA ILE D 360 16.86 -83.82 1.44
C ILE D 360 16.69 -85.26 0.96
N LYS D 361 17.66 -85.80 0.21
CA LYS D 361 17.66 -87.23 -0.08
C LYS D 361 17.88 -88.06 1.19
N LYS D 362 18.79 -87.62 2.06
CA LYS D 362 18.93 -88.33 3.34
C LYS D 362 17.83 -88.02 4.33
N VAL D 363 16.99 -87.03 4.08
CA VAL D 363 15.83 -86.80 4.95
C VAL D 363 14.67 -87.68 4.51
N ILE D 364 14.34 -87.66 3.20
CA ILE D 364 13.25 -88.49 2.70
C ILE D 364 13.61 -89.97 2.70
N SER D 365 14.91 -90.31 2.76
CA SER D 365 15.28 -91.65 3.18
C SER D 365 15.18 -91.79 4.69
N GLY D 366 15.66 -90.77 5.41
CA GLY D 366 15.81 -90.87 6.84
C GLY D 366 16.86 -91.87 7.25
N GLU D 367 17.91 -92.04 6.44
CA GLU D 367 18.96 -93.00 6.80
C GLU D 367 19.82 -92.49 7.94
N ILE D 368 19.85 -91.17 8.14
CA ILE D 368 20.35 -90.61 9.38
C ILE D 368 19.44 -91.04 10.51
N VAL D 369 20.03 -91.45 11.62
CA VAL D 369 19.27 -91.65 12.85
C VAL D 369 18.81 -90.28 13.34
N VAL D 370 17.50 -90.16 13.58
CA VAL D 370 16.91 -88.83 13.66
C VAL D 370 16.18 -88.61 14.98
N GLN D 371 15.66 -89.68 15.57
CA GLN D 371 14.92 -89.57 16.81
C GLN D 371 15.76 -90.10 17.96
N GLY D 372 15.71 -89.40 19.09
CA GLY D 372 16.63 -89.66 20.16
C GLY D 372 17.98 -89.00 20.00
N LYS D 373 18.13 -88.09 19.03
CA LYS D 373 19.34 -87.30 18.87
C LYS D 373 19.25 -85.98 19.62
N THR D 374 18.85 -86.11 20.89
CA THR D 374 18.67 -84.99 21.78
C THR D 374 20.03 -84.44 22.18
N ARG D 375 20.05 -83.15 22.52
CA ARG D 375 21.24 -82.30 22.48
C ARG D 375 21.96 -82.43 21.14
N LYS D 376 21.18 -82.18 20.07
CA LYS D 376 21.60 -81.92 18.67
C LYS D 376 22.57 -82.96 18.11
N GLU D 377 22.34 -84.25 18.43
CA GLU D 377 23.29 -85.30 18.06
C GLU D 377 23.25 -85.59 16.57
N LEU D 378 22.16 -85.21 15.90
CA LEU D 378 22.14 -85.18 14.44
C LEU D 378 23.18 -84.24 13.86
N THR D 379 23.22 -82.98 14.30
CA THR D 379 24.22 -82.09 13.73
C THR D 379 25.60 -82.29 14.34
N GLU D 380 25.72 -83.06 15.42
CA GLU D 380 27.03 -83.56 15.78
C GLU D 380 27.44 -84.75 14.93
N GLU D 381 26.49 -85.44 14.29
CA GLU D 381 26.82 -86.40 13.24
C GLU D 381 27.06 -85.77 11.88
N LEU D 382 26.49 -84.59 11.62
CA LEU D 382 26.68 -83.91 10.35
C LEU D 382 27.76 -82.85 10.38
N SER D 383 28.42 -82.64 11.52
CA SER D 383 29.57 -81.77 11.59
C SER D 383 30.85 -82.45 11.13
N LYS D 384 30.84 -83.76 10.94
CA LYS D 384 32.00 -84.49 10.46
C LYS D 384 31.90 -84.91 9.00
N ILE D 385 30.76 -84.68 8.35
CA ILE D 385 30.65 -84.81 6.90
C ILE D 385 31.48 -83.69 6.26
N ASP D 386 32.10 -84.01 5.11
CA ASP D 386 33.16 -83.17 4.57
C ASP D 386 32.62 -81.86 4.00
N MET D 387 31.35 -81.81 3.63
CA MET D 387 30.85 -80.59 3.01
C MET D 387 29.71 -80.02 3.87
N TYR D 388 28.96 -80.90 4.54
CA TYR D 388 27.84 -80.49 5.42
C TYR D 388 28.30 -79.64 6.60
N SER D 389 29.57 -79.76 6.99
CA SER D 389 30.11 -79.05 8.13
C SER D 389 30.09 -77.55 7.92
N SER D 390 30.58 -77.09 6.75
CA SER D 390 30.79 -75.68 6.44
C SER D 390 29.51 -74.85 6.46
N TYR D 391 28.36 -75.48 6.25
CA TYR D 391 27.06 -74.84 6.39
C TYR D 391 26.12 -75.63 7.31
N VAL D 392 26.61 -76.07 8.50
CA VAL D 392 25.76 -76.80 9.46
C VAL D 392 24.56 -75.98 9.89
N ASP D 393 24.74 -74.67 10.11
CA ASP D 393 23.68 -73.76 10.50
C ASP D 393 22.64 -73.55 9.41
N LYS D 394 22.90 -73.96 8.16
CA LYS D 394 21.87 -73.98 7.15
C LYS D 394 21.41 -75.38 6.79
N LEU D 395 22.08 -76.43 7.26
CA LEU D 395 21.57 -77.78 7.06
C LEU D 395 20.58 -78.17 8.14
N VAL D 396 20.39 -77.34 9.16
CA VAL D 396 19.59 -77.68 10.33
C VAL D 396 18.22 -77.00 10.29
N GLY D 397 17.99 -76.08 9.38
CA GLY D 397 16.67 -75.48 9.29
C GLY D 397 15.68 -76.35 8.55
N MET D 398 15.31 -77.49 9.13
CA MET D 398 14.55 -78.50 8.42
C MET D 398 13.27 -78.83 9.17
N ASN D 399 12.14 -78.46 8.60
CA ASN D 399 10.84 -78.83 9.15
C ASN D 399 10.54 -80.31 8.94
N ILE D 400 9.31 -80.76 9.22
CA ILE D 400 8.95 -82.10 8.76
C ILE D 400 8.31 -82.05 7.38
N PHE D 401 7.89 -80.87 6.90
CA PHE D 401 7.13 -80.66 5.66
C PHE D 401 7.79 -81.17 4.38
N HIS D 402 9.07 -81.50 4.41
CA HIS D 402 9.79 -81.93 3.23
C HIS D 402 10.09 -83.43 3.21
N MET D 403 9.49 -84.19 4.13
CA MET D 403 9.71 -85.63 4.21
C MET D 403 9.08 -86.39 3.05
N THR D 404 7.98 -85.89 2.49
CA THR D 404 7.47 -86.42 1.24
C THR D 404 8.44 -86.10 0.11
N SER D 405 8.56 -87.03 -0.83
CA SER D 405 9.66 -87.02 -1.80
C SER D 405 9.47 -86.05 -2.96
N ASP D 406 8.28 -85.46 -3.11
CA ASP D 406 8.00 -84.59 -4.26
C ASP D 406 8.84 -83.32 -4.23
N GLU D 407 8.95 -82.70 -3.06
CA GLU D 407 9.82 -81.54 -2.90
C GLU D 407 11.29 -81.90 -2.95
N ALA D 408 11.66 -83.13 -2.56
CA ALA D 408 13.02 -83.60 -2.74
C ALA D 408 13.40 -83.68 -4.22
N LYS D 409 12.48 -84.22 -5.03
CA LYS D 409 12.72 -84.28 -6.46
C LYS D 409 12.65 -82.92 -7.12
N LYS D 410 11.83 -82.01 -6.59
CA LYS D 410 11.80 -80.63 -7.08
C LYS D 410 13.09 -79.89 -6.76
N LEU D 411 13.67 -80.12 -5.58
CA LEU D 411 14.94 -79.49 -5.26
C LEU D 411 16.09 -80.12 -6.03
N ALA D 412 15.95 -81.40 -6.40
CA ALA D 412 16.91 -82.00 -7.33
C ALA D 412 16.77 -81.41 -8.74
N GLU D 413 15.55 -81.12 -9.18
CA GLU D 413 15.33 -80.45 -10.46
C GLU D 413 15.89 -79.03 -10.45
N GLU D 414 15.76 -78.35 -9.31
CA GLU D 414 16.38 -77.04 -9.09
C GLU D 414 17.89 -77.14 -9.14
N ALA D 415 18.44 -78.24 -8.58
CA ALA D 415 19.88 -78.45 -8.63
C ALA D 415 20.37 -78.64 -10.06
N LYS D 416 19.68 -79.47 -10.83
CA LYS D 416 20.04 -79.64 -12.26
C LYS D 416 19.90 -78.30 -12.98
N ALA D 417 18.82 -77.56 -12.67
CA ALA D 417 18.62 -76.23 -13.29
C ALA D 417 19.75 -75.29 -12.88
N LYS D 418 20.21 -75.38 -11.63
CA LYS D 418 21.31 -74.52 -11.15
C LYS D 418 22.59 -74.86 -11.92
N LYS D 419 22.83 -76.14 -12.17
CA LYS D 419 24.06 -76.58 -12.90
C LYS D 419 24.14 -75.83 -14.23
N GLU D 420 23.15 -76.00 -15.10
CA GLU D 420 23.16 -75.35 -16.43
C GLU D 420 23.23 -73.83 -16.25
N GLU D 421 22.50 -73.30 -15.25
CA GLU D 421 22.56 -71.85 -14.96
C GLU D 421 24.01 -71.49 -14.62
N ASN D 422 24.61 -72.23 -13.68
CA ASN D 422 26.01 -72.00 -13.32
C ASN D 422 26.94 -72.17 -14.50
N GLU D 423 26.63 -73.09 -15.42
CA GLU D 423 27.38 -73.15 -16.66
C GLU D 423 27.10 -71.96 -17.58
N TYR D 424 25.87 -71.45 -17.59
CA TYR D 424 25.56 -70.30 -18.45
C TYR D 424 26.23 -69.02 -17.97
N TRP D 425 26.14 -68.70 -16.67
CA TRP D 425 26.91 -67.58 -16.15
C TRP D 425 28.37 -67.91 -15.89
N LYS D 426 28.81 -69.16 -16.06
CA LYS D 426 30.22 -69.47 -15.93
C LYS D 426 30.95 -69.26 -17.24
N THR D 427 30.43 -69.81 -18.32
CA THR D 427 31.08 -69.71 -19.63
C THR D 427 30.92 -68.36 -20.29
N THR D 428 30.05 -67.50 -19.79
CA THR D 428 29.77 -66.22 -20.43
C THR D 428 30.85 -65.19 -20.10
N ASP D 429 30.77 -64.05 -20.77
CA ASP D 429 31.77 -63.00 -20.67
C ASP D 429 31.06 -61.66 -20.85
N VAL D 430 31.85 -60.64 -21.19
CA VAL D 430 31.36 -59.27 -21.27
C VAL D 430 30.41 -59.09 -22.45
N VAL D 431 30.80 -59.61 -23.62
CA VAL D 431 30.29 -59.14 -24.90
C VAL D 431 28.83 -59.56 -25.11
N THR D 432 28.53 -60.83 -24.85
CA THR D 432 27.17 -61.32 -25.11
C THR D 432 26.16 -60.82 -24.08
N GLU D 433 26.56 -60.65 -22.82
CA GLU D 433 25.63 -60.11 -21.83
C GLU D 433 25.41 -58.61 -22.04
N TYR D 434 26.48 -57.89 -22.40
CA TYR D 434 26.34 -56.47 -22.71
C TYR D 434 25.53 -56.24 -23.97
N THR D 435 25.67 -57.09 -24.98
CA THR D 435 24.85 -56.94 -26.17
C THR D 435 23.44 -57.49 -26.00
N LYS D 436 23.21 -58.39 -25.02
CA LYS D 436 21.83 -58.75 -24.68
C LYS D 436 21.15 -57.62 -23.94
N ASP D 437 21.91 -56.90 -23.10
CA ASP D 437 21.40 -55.67 -22.49
C ASP D 437 21.13 -54.59 -23.54
N LEU D 438 22.02 -54.47 -24.53
CA LEU D 438 21.84 -53.54 -25.64
C LEU D 438 20.66 -53.92 -26.52
N GLU D 439 20.33 -55.22 -26.59
CA GLU D 439 19.12 -55.64 -27.28
C GLU D 439 17.89 -55.33 -26.46
N GLU D 440 17.92 -55.60 -25.16
CA GLU D 440 16.75 -55.52 -24.32
C GLU D 440 16.65 -54.21 -23.53
N ILE D 441 17.33 -53.15 -24.00
CA ILE D 441 16.97 -51.83 -23.50
C ILE D 441 15.58 -51.43 -23.97
N LYS D 442 15.20 -51.85 -25.17
CA LYS D 442 13.87 -51.55 -25.70
C LYS D 442 12.86 -52.55 -25.17
#